data_3CAN
# 
_entry.id   3CAN 
# 
_audit_conform.dict_name       mmcif_pdbx.dic 
_audit_conform.dict_version    5.398 
_audit_conform.dict_location   http://mmcif.pdb.org/dictionaries/ascii/mmcif_pdbx.dic 
# 
loop_
_database_2.database_id 
_database_2.database_code 
_database_2.pdbx_database_accession 
_database_2.pdbx_DOI 
PDB   3CAN         pdb_00003can 10.2210/pdb3can/pdb 
RCSB  RCSB046548   ?            ?                   
WWPDB D_1000046548 ?            ?                   
# 
loop_
_pdbx_audit_revision_history.ordinal 
_pdbx_audit_revision_history.data_content_type 
_pdbx_audit_revision_history.major_revision 
_pdbx_audit_revision_history.minor_revision 
_pdbx_audit_revision_history.revision_date 
1 'Structure model' 1 0 2008-03-04 
2 'Structure model' 1 1 2011-07-13 
3 'Structure model' 1 2 2024-11-06 
# 
_pdbx_audit_revision_details.ordinal             1 
_pdbx_audit_revision_details.revision_ordinal    1 
_pdbx_audit_revision_details.data_content_type   'Structure model' 
_pdbx_audit_revision_details.provider            repository 
_pdbx_audit_revision_details.type                'Initial release' 
_pdbx_audit_revision_details.description         ? 
_pdbx_audit_revision_details.details             ? 
# 
loop_
_pdbx_audit_revision_group.ordinal 
_pdbx_audit_revision_group.revision_ordinal 
_pdbx_audit_revision_group.data_content_type 
_pdbx_audit_revision_group.group 
1 2 'Structure model' Advisory                    
2 2 'Structure model' 'Version format compliance' 
3 3 'Structure model' 'Data collection'           
4 3 'Structure model' 'Database references'       
5 3 'Structure model' 'Derived calculations'      
6 3 'Structure model' 'Structure summary'         
# 
loop_
_pdbx_audit_revision_category.ordinal 
_pdbx_audit_revision_category.revision_ordinal 
_pdbx_audit_revision_category.data_content_type 
_pdbx_audit_revision_category.category 
1 3 'Structure model' chem_comp_atom            
2 3 'Structure model' chem_comp_bond            
3 3 'Structure model' database_2                
4 3 'Structure model' pdbx_entry_details        
5 3 'Structure model' pdbx_modification_feature 
6 3 'Structure model' struct_conn               
7 3 'Structure model' struct_ref_seq_dif        
# 
loop_
_pdbx_audit_revision_item.ordinal 
_pdbx_audit_revision_item.revision_ordinal 
_pdbx_audit_revision_item.data_content_type 
_pdbx_audit_revision_item.item 
1 3 'Structure model' '_database_2.pdbx_DOI'                
2 3 'Structure model' '_database_2.pdbx_database_accession' 
3 3 'Structure model' '_struct_conn.pdbx_leaving_atom_flag' 
4 3 'Structure model' '_struct_ref_seq_dif.details'         
# 
_pdbx_database_status.entry_id                        3CAN 
_pdbx_database_status.deposit_site                    RCSB 
_pdbx_database_status.process_site                    RCSB 
_pdbx_database_status.recvd_initial_deposition_date   2008-02-20 
_pdbx_database_status.status_code                     REL 
_pdbx_database_status.status_code_sf                  REL 
_pdbx_database_status.status_code_mr                  ? 
_pdbx_database_status.SG_entry                        Y 
_pdbx_database_status.pdb_format_compatible           Y 
_pdbx_database_status.status_code_cs                  ? 
_pdbx_database_status.status_code_nmr_data            ? 
_pdbx_database_status.methods_development_category    ? 
# 
_pdbx_database_related.db_name        TargetDB 
_pdbx_database_related.db_id          APC20359.1 
_pdbx_database_related.details        . 
_pdbx_database_related.content_type   unspecified 
# 
loop_
_audit_author.name 
_audit_author.pdbx_ordinal 
'Nocek, B.'                                     1 
'Hendricks, R.'                                 2 
'Hatzos, C.'                                    3 
'Jedrzejczak, R.'                               4 
'Joachimiak, A.'                                5 
'Midwest Center for Structural Genomics (MCSG)' 6 
# 
_citation.id                        primary 
_citation.title                     
'Crystal structure of a domain of pyruvate-formate lyase-activating enzyme from Bacteroides vulgatus ATCC 8482.' 
_citation.journal_abbrev            'To be Published' 
_citation.journal_volume            ? 
_citation.page_first                ? 
_citation.page_last                 ? 
_citation.year                      ? 
_citation.journal_id_ASTM           ? 
_citation.country                   ? 
_citation.journal_id_ISSN           ? 
_citation.journal_id_CSD            0353 
_citation.book_publisher            ? 
_citation.pdbx_database_id_PubMed   ? 
_citation.pdbx_database_id_DOI      ? 
# 
loop_
_citation_author.citation_id 
_citation_author.name 
_citation_author.ordinal 
_citation_author.identifier_ORCID 
primary 'Nocek, B.'       1 ? 
primary 'Hendricks, R.'   2 ? 
primary 'Hatzos, C.'      3 ? 
primary 'Jedrzejczak, R.' 4 ? 
primary 'Joachimiak, A.'  5 ? 
# 
loop_
_entity.id 
_entity.type 
_entity.src_method 
_entity.pdbx_description 
_entity.formula_weight 
_entity.pdbx_number_of_molecules 
_entity.pdbx_ec 
_entity.pdbx_mutation 
_entity.pdbx_fragment 
_entity.details 
1 polymer man 'Pyruvate-formate lyase-activating enzyme' 20436.084 1   ? ? 'Domain: Residues 124-302' ? 
2 water   nat water                                      18.015    174 ? ? ?                          ? 
# 
_entity_poly.entity_id                      1 
_entity_poly.type                           'polypeptide(L)' 
_entity_poly.nstd_linkage                   no 
_entity_poly.nstd_monomer                   yes 
_entity_poly.pdbx_seq_one_letter_code       
;SNAGGGVTFCGGEPLLHPEFLIDILKRCGQQGIHRAVDTTLLARKETVDEV(MSE)RNCELLLIDLKS(MSE)DSTVHQT
FCDVPNELILKNIRRVAEADFPYYIRIPLIEGVNADEKNIKLSAEFLASLPRHPEIINLLPYHDIGKGKHAKLGSIYNPK
GYK(MSE)QTPSEEVQQQCIQILTDYGLKATIGG
;
_entity_poly.pdbx_seq_one_letter_code_can   
;SNAGGGVTFCGGEPLLHPEFLIDILKRCGQQGIHRAVDTTLLARKETVDEVMRNCELLLIDLKSMDSTVHQTFCDVPNEL
ILKNIRRVAEADFPYYIRIPLIEGVNADEKNIKLSAEFLASLPRHPEIINLLPYHDIGKGKHAKLGSIYNPKGYKMQTPS
EEVQQQCIQILTDYGLKATIGG
;
_entity_poly.pdbx_strand_id                 A 
_entity_poly.pdbx_target_identifier         APC20359.1 
# 
_pdbx_entity_nonpoly.entity_id   2 
_pdbx_entity_nonpoly.name        water 
_pdbx_entity_nonpoly.comp_id     HOH 
# 
loop_
_entity_poly_seq.entity_id 
_entity_poly_seq.num 
_entity_poly_seq.mon_id 
_entity_poly_seq.hetero 
1 1   SER n 
1 2   ASN n 
1 3   ALA n 
1 4   GLY n 
1 5   GLY n 
1 6   GLY n 
1 7   VAL n 
1 8   THR n 
1 9   PHE n 
1 10  CYS n 
1 11  GLY n 
1 12  GLY n 
1 13  GLU n 
1 14  PRO n 
1 15  LEU n 
1 16  LEU n 
1 17  HIS n 
1 18  PRO n 
1 19  GLU n 
1 20  PHE n 
1 21  LEU n 
1 22  ILE n 
1 23  ASP n 
1 24  ILE n 
1 25  LEU n 
1 26  LYS n 
1 27  ARG n 
1 28  CYS n 
1 29  GLY n 
1 30  GLN n 
1 31  GLN n 
1 32  GLY n 
1 33  ILE n 
1 34  HIS n 
1 35  ARG n 
1 36  ALA n 
1 37  VAL n 
1 38  ASP n 
1 39  THR n 
1 40  THR n 
1 41  LEU n 
1 42  LEU n 
1 43  ALA n 
1 44  ARG n 
1 45  LYS n 
1 46  GLU n 
1 47  THR n 
1 48  VAL n 
1 49  ASP n 
1 50  GLU n 
1 51  VAL n 
1 52  MSE n 
1 53  ARG n 
1 54  ASN n 
1 55  CYS n 
1 56  GLU n 
1 57  LEU n 
1 58  LEU n 
1 59  LEU n 
1 60  ILE n 
1 61  ASP n 
1 62  LEU n 
1 63  LYS n 
1 64  SER n 
1 65  MSE n 
1 66  ASP n 
1 67  SER n 
1 68  THR n 
1 69  VAL n 
1 70  HIS n 
1 71  GLN n 
1 72  THR n 
1 73  PHE n 
1 74  CYS n 
1 75  ASP n 
1 76  VAL n 
1 77  PRO n 
1 78  ASN n 
1 79  GLU n 
1 80  LEU n 
1 81  ILE n 
1 82  LEU n 
1 83  LYS n 
1 84  ASN n 
1 85  ILE n 
1 86  ARG n 
1 87  ARG n 
1 88  VAL n 
1 89  ALA n 
1 90  GLU n 
1 91  ALA n 
1 92  ASP n 
1 93  PHE n 
1 94  PRO n 
1 95  TYR n 
1 96  TYR n 
1 97  ILE n 
1 98  ARG n 
1 99  ILE n 
1 100 PRO n 
1 101 LEU n 
1 102 ILE n 
1 103 GLU n 
1 104 GLY n 
1 105 VAL n 
1 106 ASN n 
1 107 ALA n 
1 108 ASP n 
1 109 GLU n 
1 110 LYS n 
1 111 ASN n 
1 112 ILE n 
1 113 LYS n 
1 114 LEU n 
1 115 SER n 
1 116 ALA n 
1 117 GLU n 
1 118 PHE n 
1 119 LEU n 
1 120 ALA n 
1 121 SER n 
1 122 LEU n 
1 123 PRO n 
1 124 ARG n 
1 125 HIS n 
1 126 PRO n 
1 127 GLU n 
1 128 ILE n 
1 129 ILE n 
1 130 ASN n 
1 131 LEU n 
1 132 LEU n 
1 133 PRO n 
1 134 TYR n 
1 135 HIS n 
1 136 ASP n 
1 137 ILE n 
1 138 GLY n 
1 139 LYS n 
1 140 GLY n 
1 141 LYS n 
1 142 HIS n 
1 143 ALA n 
1 144 LYS n 
1 145 LEU n 
1 146 GLY n 
1 147 SER n 
1 148 ILE n 
1 149 TYR n 
1 150 ASN n 
1 151 PRO n 
1 152 LYS n 
1 153 GLY n 
1 154 TYR n 
1 155 LYS n 
1 156 MSE n 
1 157 GLN n 
1 158 THR n 
1 159 PRO n 
1 160 SER n 
1 161 GLU n 
1 162 GLU n 
1 163 VAL n 
1 164 GLN n 
1 165 GLN n 
1 166 GLN n 
1 167 CYS n 
1 168 ILE n 
1 169 GLN n 
1 170 ILE n 
1 171 LEU n 
1 172 THR n 
1 173 ASP n 
1 174 TYR n 
1 175 GLY n 
1 176 LEU n 
1 177 LYS n 
1 178 ALA n 
1 179 THR n 
1 180 ILE n 
1 181 GLY n 
1 182 GLY n 
# 
_entity_src_gen.entity_id                          1 
_entity_src_gen.pdbx_src_id                        1 
_entity_src_gen.pdbx_alt_source_flag               sample 
_entity_src_gen.pdbx_seq_type                      ? 
_entity_src_gen.pdbx_beg_seq_num                   ? 
_entity_src_gen.pdbx_end_seq_num                   ? 
_entity_src_gen.gene_src_common_name               ? 
_entity_src_gen.gene_src_genus                     Bacteroides 
_entity_src_gen.pdbx_gene_src_gene                 BVU_1420 
_entity_src_gen.gene_src_species                   'Bacteroides vulgatus' 
_entity_src_gen.gene_src_strain                    'DSM 1447 / NCTC 11154' 
_entity_src_gen.gene_src_tissue                    ? 
_entity_src_gen.gene_src_tissue_fraction           ? 
_entity_src_gen.gene_src_details                   ? 
_entity_src_gen.pdbx_gene_src_fragment             ? 
_entity_src_gen.pdbx_gene_src_scientific_name      'Bacteroides vulgatus ATCC 8482' 
_entity_src_gen.pdbx_gene_src_ncbi_taxonomy_id     435590 
_entity_src_gen.pdbx_gene_src_variant              ? 
_entity_src_gen.pdbx_gene_src_cell_line            ? 
_entity_src_gen.pdbx_gene_src_atcc                 ? 
_entity_src_gen.pdbx_gene_src_organ                ? 
_entity_src_gen.pdbx_gene_src_organelle            ? 
_entity_src_gen.pdbx_gene_src_cell                 ? 
_entity_src_gen.pdbx_gene_src_cellular_location    ? 
_entity_src_gen.host_org_common_name               ? 
_entity_src_gen.pdbx_host_org_scientific_name      'Escherichia coli BL21(DE3)' 
_entity_src_gen.pdbx_host_org_ncbi_taxonomy_id     469008 
_entity_src_gen.host_org_genus                     Escherichia 
_entity_src_gen.pdbx_host_org_gene                 ? 
_entity_src_gen.pdbx_host_org_organ                ? 
_entity_src_gen.host_org_species                   'Escherichia coli' 
_entity_src_gen.pdbx_host_org_tissue               ? 
_entity_src_gen.pdbx_host_org_tissue_fraction      ? 
_entity_src_gen.pdbx_host_org_strain               'BL21(DE3)' 
_entity_src_gen.pdbx_host_org_variant              ? 
_entity_src_gen.pdbx_host_org_cell_line            ? 
_entity_src_gen.pdbx_host_org_atcc                 ? 
_entity_src_gen.pdbx_host_org_culture_collection   ? 
_entity_src_gen.pdbx_host_org_cell                 ? 
_entity_src_gen.pdbx_host_org_organelle            ? 
_entity_src_gen.pdbx_host_org_cellular_location    ? 
_entity_src_gen.pdbx_host_org_vector_type          Plasmid 
_entity_src_gen.pdbx_host_org_vector               ? 
_entity_src_gen.host_org_details                   ? 
_entity_src_gen.expression_system_id               ? 
_entity_src_gen.plasmid_name                       pMCSG7 
_entity_src_gen.plasmid_details                    ? 
_entity_src_gen.pdbx_description                   ? 
# 
loop_
_chem_comp.id 
_chem_comp.type 
_chem_comp.mon_nstd_flag 
_chem_comp.name 
_chem_comp.pdbx_synonyms 
_chem_comp.formula 
_chem_comp.formula_weight 
ALA 'L-peptide linking' y ALANINE          ? 'C3 H7 N O2'     89.093  
ARG 'L-peptide linking' y ARGININE         ? 'C6 H15 N4 O2 1' 175.209 
ASN 'L-peptide linking' y ASPARAGINE       ? 'C4 H8 N2 O3'    132.118 
ASP 'L-peptide linking' y 'ASPARTIC ACID'  ? 'C4 H7 N O4'     133.103 
CYS 'L-peptide linking' y CYSTEINE         ? 'C3 H7 N O2 S'   121.158 
GLN 'L-peptide linking' y GLUTAMINE        ? 'C5 H10 N2 O3'   146.144 
GLU 'L-peptide linking' y 'GLUTAMIC ACID'  ? 'C5 H9 N O4'     147.129 
GLY 'peptide linking'   y GLYCINE          ? 'C2 H5 N O2'     75.067  
HIS 'L-peptide linking' y HISTIDINE        ? 'C6 H10 N3 O2 1' 156.162 
HOH non-polymer         . WATER            ? 'H2 O'           18.015  
ILE 'L-peptide linking' y ISOLEUCINE       ? 'C6 H13 N O2'    131.173 
LEU 'L-peptide linking' y LEUCINE          ? 'C6 H13 N O2'    131.173 
LYS 'L-peptide linking' y LYSINE           ? 'C6 H15 N2 O2 1' 147.195 
MSE 'L-peptide linking' n SELENOMETHIONINE ? 'C5 H11 N O2 Se' 196.106 
PHE 'L-peptide linking' y PHENYLALANINE    ? 'C9 H11 N O2'    165.189 
PRO 'L-peptide linking' y PROLINE          ? 'C5 H9 N O2'     115.130 
SER 'L-peptide linking' y SERINE           ? 'C3 H7 N O3'     105.093 
THR 'L-peptide linking' y THREONINE        ? 'C4 H9 N O3'     119.119 
TYR 'L-peptide linking' y TYROSINE         ? 'C9 H11 N O3'    181.189 
VAL 'L-peptide linking' y VALINE           ? 'C5 H11 N O2'    117.146 
# 
loop_
_pdbx_poly_seq_scheme.asym_id 
_pdbx_poly_seq_scheme.entity_id 
_pdbx_poly_seq_scheme.seq_id 
_pdbx_poly_seq_scheme.mon_id 
_pdbx_poly_seq_scheme.ndb_seq_num 
_pdbx_poly_seq_scheme.pdb_seq_num 
_pdbx_poly_seq_scheme.auth_seq_num 
_pdbx_poly_seq_scheme.pdb_mon_id 
_pdbx_poly_seq_scheme.auth_mon_id 
_pdbx_poly_seq_scheme.pdb_strand_id 
_pdbx_poly_seq_scheme.pdb_ins_code 
_pdbx_poly_seq_scheme.hetero 
A 1 1   SER 1   4   ?   ?   ?   A . n 
A 1 2   ASN 2   5   ?   ?   ?   A . n 
A 1 3   ALA 3   6   ?   ?   ?   A . n 
A 1 4   GLY 4   7   7   GLY GLY A . n 
A 1 5   GLY 5   8   8   GLY GLY A . n 
A 1 6   GLY 6   9   9   GLY GLY A . n 
A 1 7   VAL 7   10  10  VAL VAL A . n 
A 1 8   THR 8   11  11  THR THR A . n 
A 1 9   PHE 9   12  12  PHE PHE A . n 
A 1 10  CYS 10  13  13  CYS CYS A . n 
A 1 11  GLY 11  14  14  GLY GLY A . n 
A 1 12  GLY 12  15  15  GLY GLY A . n 
A 1 13  GLU 13  16  16  GLU GLU A . n 
A 1 14  PRO 14  17  17  PRO PRO A . n 
A 1 15  LEU 15  18  18  LEU LEU A . n 
A 1 16  LEU 16  19  19  LEU LEU A . n 
A 1 17  HIS 17  20  20  HIS HIS A . n 
A 1 18  PRO 18  21  21  PRO PRO A . n 
A 1 19  GLU 19  22  22  GLU GLU A . n 
A 1 20  PHE 20  23  23  PHE PHE A . n 
A 1 21  LEU 21  24  24  LEU LEU A . n 
A 1 22  ILE 22  25  25  ILE ILE A . n 
A 1 23  ASP 23  26  26  ASP ASP A . n 
A 1 24  ILE 24  27  27  ILE ILE A . n 
A 1 25  LEU 25  28  28  LEU LEU A . n 
A 1 26  LYS 26  29  29  LYS LYS A . n 
A 1 27  ARG 27  30  30  ARG ARG A . n 
A 1 28  CYS 28  31  31  CYS CYS A . n 
A 1 29  GLY 29  32  32  GLY GLY A . n 
A 1 30  GLN 30  33  33  GLN GLN A . n 
A 1 31  GLN 31  34  34  GLN GLN A . n 
A 1 32  GLY 32  35  35  GLY GLY A . n 
A 1 33  ILE 33  36  36  ILE ILE A . n 
A 1 34  HIS 34  37  37  HIS HIS A . n 
A 1 35  ARG 35  38  38  ARG ARG A . n 
A 1 36  ALA 36  39  39  ALA ALA A . n 
A 1 37  VAL 37  40  40  VAL VAL A . n 
A 1 38  ASP 38  41  41  ASP ASP A . n 
A 1 39  THR 39  42  42  THR THR A . n 
A 1 40  THR 40  43  43  THR THR A . n 
A 1 41  LEU 41  44  44  LEU LEU A . n 
A 1 42  LEU 42  45  45  LEU LEU A . n 
A 1 43  ALA 43  46  46  ALA ALA A . n 
A 1 44  ARG 44  47  47  ARG ARG A . n 
A 1 45  LYS 45  48  48  LYS LYS A . n 
A 1 46  GLU 46  49  49  GLU GLU A . n 
A 1 47  THR 47  50  50  THR THR A . n 
A 1 48  VAL 48  51  51  VAL VAL A . n 
A 1 49  ASP 49  52  52  ASP ASP A . n 
A 1 50  GLU 50  53  53  GLU GLU A . n 
A 1 51  VAL 51  54  54  VAL VAL A . n 
A 1 52  MSE 52  55  55  MSE MSE A . n 
A 1 53  ARG 53  56  56  ARG ARG A . n 
A 1 54  ASN 54  57  57  ASN ASN A . n 
A 1 55  CYS 55  58  58  CYS CYS A . n 
A 1 56  GLU 56  59  59  GLU GLU A . n 
A 1 57  LEU 57  60  60  LEU LEU A . n 
A 1 58  LEU 58  61  61  LEU LEU A . n 
A 1 59  LEU 59  62  62  LEU LEU A . n 
A 1 60  ILE 60  63  63  ILE ILE A . n 
A 1 61  ASP 61  64  64  ASP ASP A . n 
A 1 62  LEU 62  65  65  LEU LEU A . n 
A 1 63  LYS 63  66  66  LYS LYS A . n 
A 1 64  SER 64  67  67  SER SER A . n 
A 1 65  MSE 65  68  68  MSE MSE A . n 
A 1 66  ASP 66  69  69  ASP ASP A . n 
A 1 67  SER 67  70  70  SER SER A . n 
A 1 68  THR 68  71  71  THR THR A . n 
A 1 69  VAL 69  72  72  VAL VAL A . n 
A 1 70  HIS 70  73  73  HIS HIS A . n 
A 1 71  GLN 71  74  74  GLN GLN A . n 
A 1 72  THR 72  75  75  THR THR A . n 
A 1 73  PHE 73  76  76  PHE PHE A . n 
A 1 74  CYS 74  77  77  CYS CYS A . n 
A 1 75  ASP 75  78  78  ASP ASP A . n 
A 1 76  VAL 76  79  79  VAL VAL A . n 
A 1 77  PRO 77  80  80  PRO PRO A . n 
A 1 78  ASN 78  81  81  ASN ASN A . n 
A 1 79  GLU 79  82  82  GLU GLU A . n 
A 1 80  LEU 80  83  83  LEU LEU A . n 
A 1 81  ILE 81  84  84  ILE ILE A . n 
A 1 82  LEU 82  85  85  LEU LEU A . n 
A 1 83  LYS 83  86  86  LYS LYS A . n 
A 1 84  ASN 84  87  87  ASN ASN A . n 
A 1 85  ILE 85  88  88  ILE ILE A . n 
A 1 86  ARG 86  89  89  ARG ARG A . n 
A 1 87  ARG 87  90  90  ARG ARG A . n 
A 1 88  VAL 88  91  91  VAL VAL A . n 
A 1 89  ALA 89  92  92  ALA ALA A . n 
A 1 90  GLU 90  93  93  GLU GLU A . n 
A 1 91  ALA 91  94  94  ALA ALA A . n 
A 1 92  ASP 92  95  95  ASP ASP A . n 
A 1 93  PHE 93  96  96  PHE PHE A . n 
A 1 94  PRO 94  97  97  PRO PRO A . n 
A 1 95  TYR 95  98  98  TYR TYR A . n 
A 1 96  TYR 96  99  99  TYR TYR A . n 
A 1 97  ILE 97  100 100 ILE ILE A . n 
A 1 98  ARG 98  101 101 ARG ARG A . n 
A 1 99  ILE 99  102 102 ILE ILE A . n 
A 1 100 PRO 100 103 103 PRO PRO A . n 
A 1 101 LEU 101 104 104 LEU LEU A . n 
A 1 102 ILE 102 105 105 ILE ILE A . n 
A 1 103 GLU 103 106 106 GLU GLU A . n 
A 1 104 GLY 104 107 107 GLY GLY A . n 
A 1 105 VAL 105 108 108 VAL VAL A . n 
A 1 106 ASN 106 109 109 ASN ASN A . n 
A 1 107 ALA 107 110 110 ALA ALA A . n 
A 1 108 ASP 108 111 111 ASP ASP A . n 
A 1 109 GLU 109 112 112 GLU GLU A . n 
A 1 110 LYS 110 113 113 LYS LYS A . n 
A 1 111 ASN 111 114 114 ASN ASN A . n 
A 1 112 ILE 112 115 115 ILE ILE A . n 
A 1 113 LYS 113 116 116 LYS LYS A . n 
A 1 114 LEU 114 117 117 LEU LEU A . n 
A 1 115 SER 115 118 118 SER SER A . n 
A 1 116 ALA 116 119 119 ALA ALA A . n 
A 1 117 GLU 117 120 120 GLU GLU A . n 
A 1 118 PHE 118 121 121 PHE PHE A . n 
A 1 119 LEU 119 122 122 LEU LEU A . n 
A 1 120 ALA 120 123 123 ALA ALA A . n 
A 1 121 SER 121 124 124 SER SER A . n 
A 1 122 LEU 122 125 125 LEU LEU A . n 
A 1 123 PRO 123 126 126 PRO PRO A . n 
A 1 124 ARG 124 127 127 ARG ARG A . n 
A 1 125 HIS 125 128 128 HIS HIS A . n 
A 1 126 PRO 126 129 129 PRO PRO A . n 
A 1 127 GLU 127 130 130 GLU GLU A . n 
A 1 128 ILE 128 131 131 ILE ILE A . n 
A 1 129 ILE 129 132 132 ILE ILE A . n 
A 1 130 ASN 130 133 133 ASN ASN A . n 
A 1 131 LEU 131 134 134 LEU LEU A . n 
A 1 132 LEU 132 135 135 LEU LEU A . n 
A 1 133 PRO 133 136 136 PRO PRO A . n 
A 1 134 TYR 134 137 137 TYR TYR A . n 
A 1 135 HIS 135 138 138 HIS HIS A . n 
A 1 136 ASP 136 139 139 ASP ASP A . n 
A 1 137 ILE 137 140 ?   ?   ?   A . n 
A 1 138 GLY 138 141 ?   ?   ?   A . n 
A 1 139 LYS 139 142 ?   ?   ?   A . n 
A 1 140 GLY 140 143 ?   ?   ?   A . n 
A 1 141 LYS 141 144 ?   ?   ?   A . n 
A 1 142 HIS 142 145 ?   ?   ?   A . n 
A 1 143 ALA 143 146 ?   ?   ?   A . n 
A 1 144 LYS 144 147 ?   ?   ?   A . n 
A 1 145 LEU 145 148 ?   ?   ?   A . n 
A 1 146 GLY 146 149 ?   ?   ?   A . n 
A 1 147 SER 147 150 ?   ?   ?   A . n 
A 1 148 ILE 148 151 ?   ?   ?   A . n 
A 1 149 TYR 149 152 ?   ?   ?   A . n 
A 1 150 ASN 150 153 ?   ?   ?   A . n 
A 1 151 PRO 151 154 ?   ?   ?   A . n 
A 1 152 LYS 152 155 ?   ?   ?   A . n 
A 1 153 GLY 153 156 ?   ?   ?   A . n 
A 1 154 TYR 154 157 ?   ?   ?   A . n 
A 1 155 LYS 155 158 158 LYS LYS A . n 
A 1 156 MSE 156 159 159 MSE MSE A . n 
A 1 157 GLN 157 160 160 GLN GLN A . n 
A 1 158 THR 158 161 161 THR THR A . n 
A 1 159 PRO 159 162 162 PRO PRO A . n 
A 1 160 SER 160 163 163 SER SER A . n 
A 1 161 GLU 161 164 164 GLU GLU A . n 
A 1 162 GLU 162 165 165 GLU GLU A . n 
A 1 163 VAL 163 166 166 VAL VAL A . n 
A 1 164 GLN 164 167 167 GLN GLN A . n 
A 1 165 GLN 165 168 168 GLN GLN A . n 
A 1 166 GLN 166 169 169 GLN GLN A . n 
A 1 167 CYS 167 170 170 CYS CYS A . n 
A 1 168 ILE 168 171 171 ILE ILE A . n 
A 1 169 GLN 169 172 172 GLN GLN A . n 
A 1 170 ILE 170 173 173 ILE ILE A . n 
A 1 171 LEU 171 174 174 LEU LEU A . n 
A 1 172 THR 172 175 175 THR THR A . n 
A 1 173 ASP 173 176 176 ASP ASP A . n 
A 1 174 TYR 174 177 177 TYR TYR A . n 
A 1 175 GLY 175 178 178 GLY GLY A . n 
A 1 176 LEU 176 179 179 LEU LEU A . n 
A 1 177 LYS 177 180 180 LYS LYS A . n 
A 1 178 ALA 178 181 181 ALA ALA A . n 
A 1 179 THR 179 182 182 THR THR A . n 
A 1 180 ILE 180 183 183 ILE ILE A . n 
A 1 181 GLY 181 184 184 GLY GLY A . n 
A 1 182 GLY 182 185 185 GLY GLY A . n 
# 
loop_
_pdbx_nonpoly_scheme.asym_id 
_pdbx_nonpoly_scheme.entity_id 
_pdbx_nonpoly_scheme.mon_id 
_pdbx_nonpoly_scheme.ndb_seq_num 
_pdbx_nonpoly_scheme.pdb_seq_num 
_pdbx_nonpoly_scheme.auth_seq_num 
_pdbx_nonpoly_scheme.pdb_mon_id 
_pdbx_nonpoly_scheme.auth_mon_id 
_pdbx_nonpoly_scheme.pdb_strand_id 
_pdbx_nonpoly_scheme.pdb_ins_code 
B 2 HOH 1   186 1   HOH HOH A . 
B 2 HOH 2   187 2   HOH HOH A . 
B 2 HOH 3   188 3   HOH HOH A . 
B 2 HOH 4   189 4   HOH HOH A . 
B 2 HOH 5   190 5   HOH HOH A . 
B 2 HOH 6   191 6   HOH HOH A . 
B 2 HOH 7   192 7   HOH HOH A . 
B 2 HOH 8   193 8   HOH HOH A . 
B 2 HOH 9   194 9   HOH HOH A . 
B 2 HOH 10  195 10  HOH HOH A . 
B 2 HOH 11  196 11  HOH HOH A . 
B 2 HOH 12  197 12  HOH HOH A . 
B 2 HOH 13  198 13  HOH HOH A . 
B 2 HOH 14  199 14  HOH HOH A . 
B 2 HOH 15  200 15  HOH HOH A . 
B 2 HOH 16  201 16  HOH HOH A . 
B 2 HOH 17  202 17  HOH HOH A . 
B 2 HOH 18  203 18  HOH HOH A . 
B 2 HOH 19  204 19  HOH HOH A . 
B 2 HOH 20  205 20  HOH HOH A . 
B 2 HOH 21  206 21  HOH HOH A . 
B 2 HOH 22  207 22  HOH HOH A . 
B 2 HOH 23  208 23  HOH HOH A . 
B 2 HOH 24  209 24  HOH HOH A . 
B 2 HOH 25  210 25  HOH HOH A . 
B 2 HOH 26  211 26  HOH HOH A . 
B 2 HOH 27  212 27  HOH HOH A . 
B 2 HOH 28  213 28  HOH HOH A . 
B 2 HOH 29  214 29  HOH HOH A . 
B 2 HOH 30  215 30  HOH HOH A . 
B 2 HOH 31  216 31  HOH HOH A . 
B 2 HOH 32  217 32  HOH HOH A . 
B 2 HOH 33  218 33  HOH HOH A . 
B 2 HOH 34  219 34  HOH HOH A . 
B 2 HOH 35  220 35  HOH HOH A . 
B 2 HOH 36  221 36  HOH HOH A . 
B 2 HOH 37  222 37  HOH HOH A . 
B 2 HOH 38  223 38  HOH HOH A . 
B 2 HOH 39  224 40  HOH HOH A . 
B 2 HOH 40  225 41  HOH HOH A . 
B 2 HOH 41  226 42  HOH HOH A . 
B 2 HOH 42  227 43  HOH HOH A . 
B 2 HOH 43  228 44  HOH HOH A . 
B 2 HOH 44  229 45  HOH HOH A . 
B 2 HOH 45  230 46  HOH HOH A . 
B 2 HOH 46  231 48  HOH HOH A . 
B 2 HOH 47  232 49  HOH HOH A . 
B 2 HOH 48  233 52  HOH HOH A . 
B 2 HOH 49  234 53  HOH HOH A . 
B 2 HOH 50  235 54  HOH HOH A . 
B 2 HOH 51  236 55  HOH HOH A . 
B 2 HOH 52  237 56  HOH HOH A . 
B 2 HOH 53  238 57  HOH HOH A . 
B 2 HOH 54  239 59  HOH HOH A . 
B 2 HOH 55  240 60  HOH HOH A . 
B 2 HOH 56  241 61  HOH HOH A . 
B 2 HOH 57  242 63  HOH HOH A . 
B 2 HOH 58  243 65  HOH HOH A . 
B 2 HOH 59  244 66  HOH HOH A . 
B 2 HOH 60  245 67  HOH HOH A . 
B 2 HOH 61  246 68  HOH HOH A . 
B 2 HOH 62  247 70  HOH HOH A . 
B 2 HOH 63  248 71  HOH HOH A . 
B 2 HOH 64  249 73  HOH HOH A . 
B 2 HOH 65  250 75  HOH HOH A . 
B 2 HOH 66  251 76  HOH HOH A . 
B 2 HOH 67  252 79  HOH HOH A . 
B 2 HOH 68  253 80  HOH HOH A . 
B 2 HOH 69  254 81  HOH HOH A . 
B 2 HOH 70  255 82  HOH HOH A . 
B 2 HOH 71  256 83  HOH HOH A . 
B 2 HOH 72  257 85  HOH HOH A . 
B 2 HOH 73  258 90  HOH HOH A . 
B 2 HOH 74  259 92  HOH HOH A . 
B 2 HOH 75  260 97  HOH HOH A . 
B 2 HOH 76  261 98  HOH HOH A . 
B 2 HOH 77  262 99  HOH HOH A . 
B 2 HOH 78  263 125 HOH HOH A . 
B 2 HOH 79  264 127 HOH HOH A . 
B 2 HOH 80  265 128 HOH HOH A . 
B 2 HOH 81  266 129 HOH HOH A . 
B 2 HOH 82  267 130 HOH HOH A . 
B 2 HOH 83  268 131 HOH HOH A . 
B 2 HOH 84  269 132 HOH HOH A . 
B 2 HOH 85  270 133 HOH HOH A . 
B 2 HOH 86  271 134 HOH HOH A . 
B 2 HOH 87  272 135 HOH HOH A . 
B 2 HOH 88  273 136 HOH HOH A . 
B 2 HOH 89  274 137 HOH HOH A . 
B 2 HOH 90  275 138 HOH HOH A . 
B 2 HOH 91  276 139 HOH HOH A . 
B 2 HOH 92  277 140 HOH HOH A . 
B 2 HOH 93  278 143 HOH HOH A . 
B 2 HOH 94  279 144 HOH HOH A . 
B 2 HOH 95  280 145 HOH HOH A . 
B 2 HOH 96  281 146 HOH HOH A . 
B 2 HOH 97  282 147 HOH HOH A . 
B 2 HOH 98  283 148 HOH HOH A . 
B 2 HOH 99  284 149 HOH HOH A . 
B 2 HOH 100 285 150 HOH HOH A . 
B 2 HOH 101 286 151 HOH HOH A . 
B 2 HOH 102 287 152 HOH HOH A . 
B 2 HOH 103 288 153 HOH HOH A . 
B 2 HOH 104 289 154 HOH HOH A . 
B 2 HOH 105 290 155 HOH HOH A . 
B 2 HOH 106 291 156 HOH HOH A . 
B 2 HOH 107 292 157 HOH HOH A . 
B 2 HOH 108 293 158 HOH HOH A . 
B 2 HOH 109 294 159 HOH HOH A . 
B 2 HOH 110 295 160 HOH HOH A . 
B 2 HOH 111 296 161 HOH HOH A . 
B 2 HOH 112 297 162 HOH HOH A . 
B 2 HOH 113 298 163 HOH HOH A . 
B 2 HOH 114 299 165 HOH HOH A . 
B 2 HOH 115 300 166 HOH HOH A . 
B 2 HOH 116 301 167 HOH HOH A . 
B 2 HOH 117 302 168 HOH HOH A . 
B 2 HOH 118 303 169 HOH HOH A . 
B 2 HOH 119 304 170 HOH HOH A . 
B 2 HOH 120 305 171 HOH HOH A . 
B 2 HOH 121 306 172 HOH HOH A . 
B 2 HOH 122 307 173 HOH HOH A . 
B 2 HOH 123 308 174 HOH HOH A . 
B 2 HOH 124 309 175 HOH HOH A . 
B 2 HOH 125 310 176 HOH HOH A . 
B 2 HOH 126 311 177 HOH HOH A . 
B 2 HOH 127 312 179 HOH HOH A . 
B 2 HOH 128 313 180 HOH HOH A . 
B 2 HOH 129 314 181 HOH HOH A . 
B 2 HOH 130 315 182 HOH HOH A . 
B 2 HOH 131 316 184 HOH HOH A . 
B 2 HOH 132 317 185 HOH HOH A . 
B 2 HOH 133 318 186 HOH HOH A . 
B 2 HOH 134 319 187 HOH HOH A . 
B 2 HOH 135 320 188 HOH HOH A . 
B 2 HOH 136 321 189 HOH HOH A . 
B 2 HOH 137 322 190 HOH HOH A . 
B 2 HOH 138 323 191 HOH HOH A . 
B 2 HOH 139 324 192 HOH HOH A . 
B 2 HOH 140 325 193 HOH HOH A . 
B 2 HOH 141 326 194 HOH HOH A . 
B 2 HOH 142 327 195 HOH HOH A . 
B 2 HOH 143 328 196 HOH HOH A . 
B 2 HOH 144 329 197 HOH HOH A . 
B 2 HOH 145 330 198 HOH HOH A . 
B 2 HOH 146 331 199 HOH HOH A . 
B 2 HOH 147 332 200 HOH HOH A . 
B 2 HOH 148 333 201 HOH HOH A . 
B 2 HOH 149 334 202 HOH HOH A . 
B 2 HOH 150 335 203 HOH HOH A . 
B 2 HOH 151 336 204 HOH HOH A . 
B 2 HOH 152 337 205 HOH HOH A . 
B 2 HOH 153 338 206 HOH HOH A . 
B 2 HOH 154 339 207 HOH HOH A . 
B 2 HOH 155 340 208 HOH HOH A . 
B 2 HOH 156 341 209 HOH HOH A . 
B 2 HOH 157 342 210 HOH HOH A . 
B 2 HOH 158 343 211 HOH HOH A . 
B 2 HOH 159 344 212 HOH HOH A . 
B 2 HOH 160 345 213 HOH HOH A . 
B 2 HOH 161 346 215 HOH HOH A . 
B 2 HOH 162 347 216 HOH HOH A . 
B 2 HOH 163 348 217 HOH HOH A . 
B 2 HOH 164 349 218 HOH HOH A . 
B 2 HOH 165 350 219 HOH HOH A . 
B 2 HOH 166 351 220 HOH HOH A . 
B 2 HOH 167 352 221 HOH HOH A . 
B 2 HOH 168 353 222 HOH HOH A . 
B 2 HOH 169 354 223 HOH HOH A . 
B 2 HOH 170 355 224 HOH HOH A . 
B 2 HOH 171 356 225 HOH HOH A . 
B 2 HOH 172 357 226 HOH HOH A . 
B 2 HOH 173 358 227 HOH HOH A . 
B 2 HOH 174 359 228 HOH HOH A . 
# 
loop_
_software.name 
_software.version 
_software.date 
_software.type 
_software.contact_author 
_software.contact_author_email 
_software.classification 
_software.location 
_software.language 
_software.citation_id 
_software.pdbx_ordinal 
REFMAC      5.2.0019 ?                    program 'Murshudov, G.N.' ccp4@dl.ac.uk            refinement        
http://www.ccp4.ac.uk/main.html  Fortran_77 ? 1  
PDB_EXTRACT 3.004    'September 10, 2007' package PDB               sw-help@rcsb.rutgers.edu 'data extraction' 
http://pdb.rutgers.edu/software/ C++        ? 2  
SBC-Collect .        ?                    ?       ?                 ?                        'data collection' ? ?          ? 3  
HKL-3000    .        ?                    ?       ?                 ?                        'data reduction'  ? ?          ? 4  
HKL-3000    .        ?                    ?       ?                 ?                        'data scaling'    ? ?          ? 5  
HKL-3000    .        ?                    ?       ?                 ?                        phasing           ? ?          ? 6  
SHELX       .        ?                    ?       ?                 ?                        phasing           ? ?          ? 7  
Coot        .        ?                    ?       ?                 ?                        'model building'  ? ?          ? 8  
MLPHARE     .        ?                    ?       ?                 ?                        phasing           ? ?          ? 9  
PHENIX      .        ?                    ?       ?                 ?                        phasing           ? ?          ? 10 
REFMAC      .        ?                    ?       ?                 ?                        phasing           ? ?          ? 11 
ARP/wARP    .        ?                    ?       ?                 ?                        'model building'  ? ?          ? 12 
# 
_cell.length_a           73.768 
_cell.length_b           73.768 
_cell.length_c           101.358 
_cell.angle_alpha        90.000 
_cell.angle_beta         90.000 
_cell.angle_gamma        90.000 
_cell.entry_id           3CAN 
_cell.pdbx_unique_axis   ? 
_cell.Z_PDB              8 
_cell.length_a_esd       ? 
_cell.length_b_esd       ? 
_cell.length_c_esd       ? 
_cell.angle_alpha_esd    ? 
_cell.angle_beta_esd     ? 
_cell.angle_gamma_esd    ? 
# 
_symmetry.space_group_name_H-M             'P 43 21 2' 
_symmetry.entry_id                         3CAN 
_symmetry.pdbx_full_space_group_name_H-M   ? 
_symmetry.Int_Tables_number                96 
_symmetry.cell_setting                     ? 
_symmetry.space_group_name_Hall            ? 
# 
_exptl.crystals_number   1 
_exptl.entry_id          3CAN 
_exptl.method            'X-RAY DIFFRACTION' 
# 
_exptl_crystal.id                    1 
_exptl_crystal.density_Matthews      3.37 
_exptl_crystal.density_meas          ? 
_exptl_crystal.density_percent_sol   63.54 
_exptl_crystal.description           ? 
_exptl_crystal.F_000                 ? 
_exptl_crystal.preparation           ? 
# 
_exptl_crystal_grow.crystal_id      1 
_exptl_crystal_grow.method          'VAPOR DIFFUSION, SITTING DROP' 
_exptl_crystal_grow.pH              7.0 
_exptl_crystal_grow.temp            294 
_exptl_crystal_grow.pdbx_details    '60% v/v Tacsimate, pH 7.0, VAPOR DIFFUSION, SITTING DROP, temperature 294K' 
_exptl_crystal_grow.temp_details    ? 
_exptl_crystal_grow.pdbx_pH_range   . 
# 
_diffrn.id                     1 
_diffrn.ambient_temp           100 
_diffrn.ambient_temp_details   ? 
_diffrn.crystal_id             1 
# 
_diffrn_detector.diffrn_id              1 
_diffrn_detector.detector               CCD 
_diffrn_detector.type                   'ADSC QUANTUM 315' 
_diffrn_detector.pdbx_collection_date   2007-02-02 
_diffrn_detector.details                Mirrors 
# 
_diffrn_radiation.diffrn_id                        1 
_diffrn_radiation.pdbx_diffrn_protocol             'SINGLE WAVELENGTH' 
_diffrn_radiation.monochromator                    'Double crystal' 
_diffrn_radiation.wavelength_id                    1 
_diffrn_radiation.pdbx_monochromatic_or_laue_m_l   M 
_diffrn_radiation.pdbx_scattering_type             x-ray 
# 
_diffrn_radiation_wavelength.id           1 
_diffrn_radiation_wavelength.wavelength   0.9794 
_diffrn_radiation_wavelength.wt           1.0 
# 
_diffrn_source.diffrn_id                   1 
_diffrn_source.source                      SYNCHROTRON 
_diffrn_source.type                        'APS BEAMLINE 19-ID' 
_diffrn_source.pdbx_wavelength_list        0.9794 
_diffrn_source.pdbx_wavelength             ? 
_diffrn_source.pdbx_synchrotron_site       APS 
_diffrn_source.pdbx_synchrotron_beamline   19-ID 
# 
_reflns.entry_id                     3CAN 
_reflns.observed_criterion_sigma_F   ? 
_reflns.observed_criterion_sigma_I   2.0 
_reflns.d_resolution_high            1.80 
_reflns.d_resolution_low             35 
_reflns.number_all                   26922 
_reflns.number_obs                   26654 
_reflns.percent_possible_obs         99.9 
_reflns.pdbx_Rmerge_I_obs            0.076 
_reflns.pdbx_Rsym_value              ? 
_reflns.pdbx_netI_over_sigmaI        47.0 
_reflns.B_iso_Wilson_estimate        ? 
_reflns.pdbx_redundancy              14.2 
_reflns.R_free_details               ? 
_reflns.limit_h_max                  ? 
_reflns.limit_h_min                  ? 
_reflns.limit_k_max                  ? 
_reflns.limit_k_min                  ? 
_reflns.limit_l_max                  ? 
_reflns.limit_l_min                  ? 
_reflns.observed_criterion_F_max     ? 
_reflns.observed_criterion_F_min     ? 
_reflns.pdbx_chi_squared             ? 
_reflns.pdbx_scaling_rejects         ? 
_reflns.pdbx_ordinal                 1 
_reflns.pdbx_diffrn_id               1 
# 
_reflns_shell.d_res_high             1.80 
_reflns_shell.d_res_low              1.83 
_reflns_shell.percent_possible_obs   ? 
_reflns_shell.percent_possible_all   100 
_reflns_shell.Rmerge_I_obs           0.7 
_reflns_shell.meanI_over_sigI_obs    4.1 
_reflns_shell.pdbx_Rsym_value        ? 
_reflns_shell.pdbx_redundancy        14.5 
_reflns_shell.number_unique_all      ? 
_reflns_shell.number_measured_all    ? 
_reflns_shell.number_measured_obs    ? 
_reflns_shell.number_unique_obs      ? 
_reflns_shell.pdbx_chi_squared       ? 
_reflns_shell.pdbx_ordinal           1 
_reflns_shell.pdbx_diffrn_id         1 
# 
_refine.entry_id                                 3CAN 
_refine.ls_d_res_high                            1.800 
_refine.ls_d_res_low                             35.000 
_refine.pdbx_ls_sigma_F                          2.00 
_refine.ls_percent_reflns_obs                    99.840 
_refine.ls_number_reflns_obs                     26580 
_refine.pdbx_ls_cross_valid_method               THROUGHOUT 
_refine.pdbx_R_Free_selection_details            RANDOM 
_refine.details                                  'HYDROGENS HAVE BEEN ADDED IN THE RIDING POSITIONS' 
_refine.ls_R_factor_obs                          0.163 
_refine.ls_R_factor_R_work                       0.162 
_refine.ls_R_factor_R_free                       0.182 
_refine.ls_percent_reflns_R_free                 5.100 
_refine.ls_number_reflns_R_free                  1343 
_refine.B_iso_mean                               17.573 
_refine.aniso_B[1][1]                            0.290 
_refine.aniso_B[2][2]                            0.290 
_refine.aniso_B[3][3]                            -0.580 
_refine.aniso_B[1][2]                            0.000 
_refine.aniso_B[1][3]                            0.000 
_refine.aniso_B[2][3]                            0.000 
_refine.correlation_coeff_Fo_to_Fc               0.965 
_refine.correlation_coeff_Fo_to_Fc_free          0.958 
_refine.pdbx_overall_ESU_R                       0.082 
_refine.pdbx_overall_ESU_R_Free                  0.079 
_refine.overall_SU_ML                            0.046 
_refine.overall_SU_B                             2.870 
_refine.solvent_model_details                    MASK 
_refine.pdbx_solvent_vdw_probe_radii             1.200 
_refine.pdbx_solvent_ion_probe_radii             0.800 
_refine.pdbx_solvent_shrinkage_radii             0.800 
_refine.pdbx_method_to_determine_struct          SAD 
_refine.pdbx_stereochemistry_target_values       'MAXIMUM LIKELIHOOD' 
_refine.pdbx_ls_sigma_I                          ? 
_refine.ls_number_reflns_all                     26654 
_refine.ls_R_factor_all                          0.168 
_refine.ls_redundancy_reflns_obs                 ? 
_refine.pdbx_data_cutoff_high_absF               ? 
_refine.pdbx_data_cutoff_low_absF                ? 
_refine.ls_number_parameters                     ? 
_refine.ls_number_restraints                     ? 
_refine.ls_R_factor_R_free_error                 ? 
_refine.ls_R_factor_R_free_error_details         ? 
_refine.pdbx_starting_model                      ? 
_refine.pdbx_stereochem_target_val_spec_case     ? 
_refine.solvent_model_param_bsol                 ? 
_refine.solvent_model_param_ksol                 ? 
_refine.occupancy_max                            ? 
_refine.occupancy_min                            ? 
_refine.pdbx_isotropic_thermal_model             ? 
_refine.B_iso_min                                ? 
_refine.B_iso_max                                ? 
_refine.overall_SU_R_Cruickshank_DPI             ? 
_refine.overall_SU_R_free                        ? 
_refine.pdbx_data_cutoff_high_rms_absF           ? 
_refine.ls_wR_factor_R_free                      ? 
_refine.ls_wR_factor_R_work                      ? 
_refine.overall_FOM_free_R_set                   ? 
_refine.overall_FOM_work_R_set                   ? 
_refine.pdbx_overall_phase_error                 ? 
_refine.pdbx_refine_id                           'X-RAY DIFFRACTION' 
_refine.pdbx_TLS_residual_ADP_flag               'LIKELY RESIDUAL' 
_refine.pdbx_diffrn_id                           1 
_refine.pdbx_overall_SU_R_free_Cruickshank_DPI   ? 
_refine.pdbx_overall_SU_R_Blow_DPI               ? 
_refine.pdbx_overall_SU_R_free_Blow_DPI          ? 
# 
_refine_hist.pdbx_refine_id                   'X-RAY DIFFRACTION' 
_refine_hist.cycle_id                         LAST 
_refine_hist.pdbx_number_atoms_protein        1267 
_refine_hist.pdbx_number_atoms_nucleic_acid   0 
_refine_hist.pdbx_number_atoms_ligand         0 
_refine_hist.number_atoms_solvent             174 
_refine_hist.number_atoms_total               1441 
_refine_hist.d_res_high                       1.800 
_refine_hist.d_res_low                        35.000 
# 
loop_
_refine_ls_restr.type 
_refine_ls_restr.number 
_refine_ls_restr.dev_ideal 
_refine_ls_restr.dev_ideal_target 
_refine_ls_restr.weight 
_refine_ls_restr.pdbx_refine_id 
_refine_ls_restr.pdbx_restraint_function 
r_bond_refined_d         1329 0.009  0.022  ? 'X-RAY DIFFRACTION' ? 
r_bond_other_d           915  0.002  0.020  ? 'X-RAY DIFFRACTION' ? 
r_angle_refined_deg      1807 1.144  1.990  ? 'X-RAY DIFFRACTION' ? 
r_angle_other_deg        2256 0.842  3.000  ? 'X-RAY DIFFRACTION' ? 
r_dihedral_angle_1_deg   171  5.088  5.000  ? 'X-RAY DIFFRACTION' ? 
r_dihedral_angle_2_deg   61   33.390 24.754 ? 'X-RAY DIFFRACTION' ? 
r_dihedral_angle_3_deg   248  12.153 15.000 ? 'X-RAY DIFFRACTION' ? 
r_dihedral_angle_4_deg   9    15.011 15.000 ? 'X-RAY DIFFRACTION' ? 
r_chiral_restr           211  0.068  0.200  ? 'X-RAY DIFFRACTION' ? 
r_gen_planes_refined     1465 0.004  0.020  ? 'X-RAY DIFFRACTION' ? 
r_gen_planes_other       244  0.001  0.020  ? 'X-RAY DIFFRACTION' ? 
r_nbd_refined            259  0.217  0.200  ? 'X-RAY DIFFRACTION' ? 
r_nbd_other              1003 0.192  0.200  ? 'X-RAY DIFFRACTION' ? 
r_nbtor_refined          655  0.170  0.200  ? 'X-RAY DIFFRACTION' ? 
r_nbtor_other            697  0.082  0.200  ? 'X-RAY DIFFRACTION' ? 
r_xyhbond_nbd_refined    102  0.162  0.200  ? 'X-RAY DIFFRACTION' ? 
r_symmetry_vdw_refined   12   0.190  0.200  ? 'X-RAY DIFFRACTION' ? 
r_symmetry_vdw_other     29   0.280  0.200  ? 'X-RAY DIFFRACTION' ? 
r_symmetry_hbond_refined 22   0.255  0.200  ? 'X-RAY DIFFRACTION' ? 
r_mcbond_it              1033 0.851  1.500  ? 'X-RAY DIFFRACTION' ? 
r_mcbond_other           330  0.151  1.500  ? 'X-RAY DIFFRACTION' ? 
r_mcangle_it             1344 1.079  2.000  ? 'X-RAY DIFFRACTION' ? 
r_scbond_it              546  1.821  3.000  ? 'X-RAY DIFFRACTION' ? 
r_scangle_it             458  2.714  4.500  ? 'X-RAY DIFFRACTION' ? 
# 
_refine_ls_shell.d_res_high                       1.800 
_refine_ls_shell.d_res_low                        1.846 
_refine_ls_shell.pdbx_total_number_of_bins_used   20 
_refine_ls_shell.percent_reflns_obs               99.640 
_refine_ls_shell.number_reflns_R_work             1835 
_refine_ls_shell.R_factor_all                     ? 
_refine_ls_shell.R_factor_R_work                  0.177 
_refine_ls_shell.R_factor_R_free                  0.194 
_refine_ls_shell.percent_reflns_R_free            ? 
_refine_ls_shell.number_reflns_R_free             84 
_refine_ls_shell.R_factor_R_free_error            ? 
_refine_ls_shell.number_reflns_all                1919 
_refine_ls_shell.number_reflns_obs                ? 
_refine_ls_shell.redundancy_reflns_obs            ? 
_refine_ls_shell.pdbx_refine_id                   'X-RAY DIFFRACTION' 
# 
_struct.entry_id                  3CAN 
_struct.title                     
'Crystal structure of a domain of pyruvate-formate lyase-activating enzyme from Bacteroides vulgatus ATCC 8482' 
_struct.pdbx_model_details        ? 
_struct.pdbx_CASP_flag            ? 
_struct.pdbx_model_type_details   ? 
# 
_struct_keywords.entry_id        3CAN 
_struct_keywords.text            
;structural genomics, pyruvate-formate lyase-activating enzyme, PSI, MCSG, APC20359.1, Protein Structure Initiative, Midwest Center for Structural Genomics, Iron, Iron-sulfur, Metal-binding, LYASE ACTIVATOR
;
_struct_keywords.pdbx_keywords   'LYASE ACTIVATOR' 
# 
loop_
_struct_asym.id 
_struct_asym.pdbx_blank_PDB_chainid_flag 
_struct_asym.pdbx_modified 
_struct_asym.entity_id 
_struct_asym.details 
A N N 1 ? 
B N N 2 ? 
# 
_struct_ref.id                         1 
_struct_ref.db_name                    UNP 
_struct_ref.db_code                    A6L094_BACV8 
_struct_ref.pdbx_db_accession          A6L094 
_struct_ref.entity_id                  1 
_struct_ref.pdbx_seq_one_letter_code   
;GGGVTFCGGEPLLHPEFLIDILKRCGQQGIHRAVDTTLLARKETVDEVMRNCELLLIDLKSMDSTVHQTFCDVPNELILK
NIRRVAEADFPYYIRIPLIEGVNADEKNIKLSAEFLASLPRHPEIINLLPYHDIGKGKHAKLGSIYNPKGYKMQTPSEEV
QQQCIQILTDYGLKATIGG
;
_struct_ref.pdbx_align_begin           124 
_struct_ref.pdbx_db_isoform            ? 
# 
_struct_ref_seq.align_id                      1 
_struct_ref_seq.ref_id                        1 
_struct_ref_seq.pdbx_PDB_id_code              3CAN 
_struct_ref_seq.pdbx_strand_id                A 
_struct_ref_seq.seq_align_beg                 4 
_struct_ref_seq.pdbx_seq_align_beg_ins_code   ? 
_struct_ref_seq.seq_align_end                 182 
_struct_ref_seq.pdbx_seq_align_end_ins_code   ? 
_struct_ref_seq.pdbx_db_accession             A6L094 
_struct_ref_seq.db_align_beg                  124 
_struct_ref_seq.pdbx_db_align_beg_ins_code    ? 
_struct_ref_seq.db_align_end                  302 
_struct_ref_seq.pdbx_db_align_end_ins_code    ? 
_struct_ref_seq.pdbx_auth_seq_align_beg       7 
_struct_ref_seq.pdbx_auth_seq_align_end       185 
# 
loop_
_struct_ref_seq_dif.align_id 
_struct_ref_seq_dif.pdbx_pdb_id_code 
_struct_ref_seq_dif.mon_id 
_struct_ref_seq_dif.pdbx_pdb_strand_id 
_struct_ref_seq_dif.seq_num 
_struct_ref_seq_dif.pdbx_pdb_ins_code 
_struct_ref_seq_dif.pdbx_seq_db_name 
_struct_ref_seq_dif.pdbx_seq_db_accession_code 
_struct_ref_seq_dif.db_mon_id 
_struct_ref_seq_dif.pdbx_seq_db_seq_num 
_struct_ref_seq_dif.details 
_struct_ref_seq_dif.pdbx_auth_seq_num 
_struct_ref_seq_dif.pdbx_ordinal 
1 3CAN SER A 1 ? UNP A6L094 ? ? 'expression tag' 4 1 
1 3CAN ASN A 2 ? UNP A6L094 ? ? 'expression tag' 5 2 
1 3CAN ALA A 3 ? UNP A6L094 ? ? 'expression tag' 6 3 
# 
_pdbx_struct_assembly.id                   1 
_pdbx_struct_assembly.details              software_defined_assembly 
_pdbx_struct_assembly.method_details       PISA 
_pdbx_struct_assembly.oligomeric_details   dimeric 
_pdbx_struct_assembly.oligomeric_count     2 
# 
_pdbx_struct_assembly_prop.biol_id   1 
_pdbx_struct_assembly_prop.type      'ABSA (A^2)' 
_pdbx_struct_assembly_prop.value     1940 
_pdbx_struct_assembly_prop.details   ? 
# 
_pdbx_struct_assembly_gen.assembly_id       1 
_pdbx_struct_assembly_gen.oper_expression   1,2 
_pdbx_struct_assembly_gen.asym_id_list      A,B 
# 
loop_
_pdbx_struct_oper_list.id 
_pdbx_struct_oper_list.type 
_pdbx_struct_oper_list.name 
_pdbx_struct_oper_list.symmetry_operation 
_pdbx_struct_oper_list.matrix[1][1] 
_pdbx_struct_oper_list.matrix[1][2] 
_pdbx_struct_oper_list.matrix[1][3] 
_pdbx_struct_oper_list.vector[1] 
_pdbx_struct_oper_list.matrix[2][1] 
_pdbx_struct_oper_list.matrix[2][2] 
_pdbx_struct_oper_list.matrix[2][3] 
_pdbx_struct_oper_list.vector[2] 
_pdbx_struct_oper_list.matrix[3][1] 
_pdbx_struct_oper_list.matrix[3][2] 
_pdbx_struct_oper_list.matrix[3][3] 
_pdbx_struct_oper_list.vector[3] 
1 'identity operation'         1_555 x,y,z        1.0000000000  0.0000000000 0.0000000000  0.0000000000  0.0000000000 1.0000000000  0.0000000000  0.0000000000   0.0000000000  0.0000000000  1.0000000000 0.0000000000   
2 'crystal symmetry operation' 8_555 -y,-x,-z+1/2 -0.5500455111 0.3063615834 -0.7769121675 -3.9633452268 0.3063615834 -0.7914068598 -0.5289780359 -21.9607339361 -0.7769121675 -0.5289780359 0.3414523709 -10.9552283430 
# 
_struct_biol.id        1 
_struct_biol.details   'AUTHORS STATE THAT THE BIOLOGICAL UNIT IS UNKNOWN' 
# 
loop_
_struct_conf.conf_type_id 
_struct_conf.id 
_struct_conf.pdbx_PDB_helix_id 
_struct_conf.beg_label_comp_id 
_struct_conf.beg_label_asym_id 
_struct_conf.beg_label_seq_id 
_struct_conf.pdbx_beg_PDB_ins_code 
_struct_conf.end_label_comp_id 
_struct_conf.end_label_asym_id 
_struct_conf.end_label_seq_id 
_struct_conf.pdbx_end_PDB_ins_code 
_struct_conf.beg_auth_comp_id 
_struct_conf.beg_auth_asym_id 
_struct_conf.beg_auth_seq_id 
_struct_conf.end_auth_comp_id 
_struct_conf.end_auth_asym_id 
_struct_conf.end_auth_seq_id 
_struct_conf.pdbx_PDB_helix_class 
_struct_conf.details 
_struct_conf.pdbx_PDB_helix_length 
HELX_P HELX_P1 1 GLU A 13  ? LEU A 16  ? GLU A 16  LEU A 19  5 ? 4  
HELX_P HELX_P2 2 HIS A 17  ? GLN A 31  ? HIS A 20  GLN A 34  1 ? 15 
HELX_P HELX_P3 3 ARG A 44  ? ASN A 54  ? ARG A 47  ASN A 57  1 ? 11 
HELX_P HELX_P4 4 ASP A 66  ? ASP A 75  ? ASP A 69  ASP A 78  1 ? 10 
HELX_P HELX_P5 5 ASN A 78  ? ALA A 91  ? ASN A 81  ALA A 94  1 ? 14 
HELX_P HELX_P6 6 ASP A 108 ? LEU A 122 ? ASP A 111 LEU A 125 1 ? 15 
HELX_P HELX_P7 7 SER A 160 ? TYR A 174 ? SER A 163 TYR A 177 1 ? 15 
# 
_struct_conf_type.id          HELX_P 
_struct_conf_type.criteria    ? 
_struct_conf_type.reference   ? 
# 
loop_
_struct_conn.id 
_struct_conn.conn_type_id 
_struct_conn.pdbx_leaving_atom_flag 
_struct_conn.pdbx_PDB_id 
_struct_conn.ptnr1_label_asym_id 
_struct_conn.ptnr1_label_comp_id 
_struct_conn.ptnr1_label_seq_id 
_struct_conn.ptnr1_label_atom_id 
_struct_conn.pdbx_ptnr1_label_alt_id 
_struct_conn.pdbx_ptnr1_PDB_ins_code 
_struct_conn.pdbx_ptnr1_standard_comp_id 
_struct_conn.ptnr1_symmetry 
_struct_conn.ptnr2_label_asym_id 
_struct_conn.ptnr2_label_comp_id 
_struct_conn.ptnr2_label_seq_id 
_struct_conn.ptnr2_label_atom_id 
_struct_conn.pdbx_ptnr2_label_alt_id 
_struct_conn.pdbx_ptnr2_PDB_ins_code 
_struct_conn.ptnr1_auth_asym_id 
_struct_conn.ptnr1_auth_comp_id 
_struct_conn.ptnr1_auth_seq_id 
_struct_conn.ptnr2_auth_asym_id 
_struct_conn.ptnr2_auth_comp_id 
_struct_conn.ptnr2_auth_seq_id 
_struct_conn.ptnr2_symmetry 
_struct_conn.pdbx_ptnr3_label_atom_id 
_struct_conn.pdbx_ptnr3_label_seq_id 
_struct_conn.pdbx_ptnr3_label_comp_id 
_struct_conn.pdbx_ptnr3_label_asym_id 
_struct_conn.pdbx_ptnr3_label_alt_id 
_struct_conn.pdbx_ptnr3_PDB_ins_code 
_struct_conn.details 
_struct_conn.pdbx_dist_value 
_struct_conn.pdbx_value_order 
_struct_conn.pdbx_role 
covale1 covale both ? A VAL 51  C ? ? ? 1_555 A MSE 52  N ? ? A VAL 54  A MSE 55  1_555 ? ? ? ? ? ? ? 1.331 ? ? 
covale2 covale both ? A MSE 52  C ? ? ? 1_555 A ARG 53  N ? ? A MSE 55  A ARG 56  1_555 ? ? ? ? ? ? ? 1.328 ? ? 
covale3 covale both ? A SER 64  C ? ? ? 1_555 A MSE 65  N ? ? A SER 67  A MSE 68  1_555 ? ? ? ? ? ? ? 1.329 ? ? 
covale4 covale both ? A MSE 65  C ? ? ? 1_555 A ASP 66  N ? ? A MSE 68  A ASP 69  1_555 ? ? ? ? ? ? ? 1.329 ? ? 
covale5 covale both ? A LYS 155 C ? ? ? 1_555 A MSE 156 N ? ? A LYS 158 A MSE 159 1_555 ? ? ? ? ? ? ? 1.331 ? ? 
covale6 covale both ? A MSE 156 C ? ? ? 1_555 A GLN 157 N ? ? A MSE 159 A GLN 160 1_555 ? ? ? ? ? ? ? 1.325 ? ? 
# 
_struct_conn_type.id          covale 
_struct_conn_type.criteria    ? 
_struct_conn_type.reference   ? 
# 
loop_
_pdbx_modification_feature.ordinal 
_pdbx_modification_feature.label_comp_id 
_pdbx_modification_feature.label_asym_id 
_pdbx_modification_feature.label_seq_id 
_pdbx_modification_feature.label_alt_id 
_pdbx_modification_feature.modified_residue_label_comp_id 
_pdbx_modification_feature.modified_residue_label_asym_id 
_pdbx_modification_feature.modified_residue_label_seq_id 
_pdbx_modification_feature.modified_residue_label_alt_id 
_pdbx_modification_feature.auth_comp_id 
_pdbx_modification_feature.auth_asym_id 
_pdbx_modification_feature.auth_seq_id 
_pdbx_modification_feature.PDB_ins_code 
_pdbx_modification_feature.symmetry 
_pdbx_modification_feature.modified_residue_auth_comp_id 
_pdbx_modification_feature.modified_residue_auth_asym_id 
_pdbx_modification_feature.modified_residue_auth_seq_id 
_pdbx_modification_feature.modified_residue_PDB_ins_code 
_pdbx_modification_feature.modified_residue_symmetry 
_pdbx_modification_feature.comp_id_linking_atom 
_pdbx_modification_feature.modified_residue_id_linking_atom 
_pdbx_modification_feature.modified_residue_id 
_pdbx_modification_feature.ref_pcm_id 
_pdbx_modification_feature.ref_comp_id 
_pdbx_modification_feature.type 
_pdbx_modification_feature.category 
1 MSE A 52  ? . . . . MSE A 55  ? 1_555 . . . . . . . MET 1 MSE Selenomethionine 'Named protein modification' 
2 MSE A 65  ? . . . . MSE A 68  ? 1_555 . . . . . . . MET 1 MSE Selenomethionine 'Named protein modification' 
3 MSE A 156 ? . . . . MSE A 159 ? 1_555 . . . . . . . MET 1 MSE Selenomethionine 'Named protein modification' 
# 
_struct_sheet.id               A 
_struct_sheet.type             ? 
_struct_sheet.number_strands   6 
_struct_sheet.details          ? 
# 
loop_
_struct_sheet_order.sheet_id 
_struct_sheet_order.range_id_1 
_struct_sheet_order.range_id_2 
_struct_sheet_order.offset 
_struct_sheet_order.sense 
A 1 2 ? parallel 
A 2 3 ? parallel 
A 3 4 ? parallel 
A 4 5 ? parallel 
A 5 6 ? parallel 
# 
loop_
_struct_sheet_range.sheet_id 
_struct_sheet_range.id 
_struct_sheet_range.beg_label_comp_id 
_struct_sheet_range.beg_label_asym_id 
_struct_sheet_range.beg_label_seq_id 
_struct_sheet_range.pdbx_beg_PDB_ins_code 
_struct_sheet_range.end_label_comp_id 
_struct_sheet_range.end_label_asym_id 
_struct_sheet_range.end_label_seq_id 
_struct_sheet_range.pdbx_end_PDB_ins_code 
_struct_sheet_range.beg_auth_comp_id 
_struct_sheet_range.beg_auth_asym_id 
_struct_sheet_range.beg_auth_seq_id 
_struct_sheet_range.end_auth_comp_id 
_struct_sheet_range.end_auth_asym_id 
_struct_sheet_range.end_auth_seq_id 
A 1 VAL A 7   ? PHE A 9   ? VAL A 10  PHE A 12  
A 2 ARG A 35  ? ASP A 38  ? ARG A 38  ASP A 41  
A 3 LEU A 57  ? ASP A 61  ? LEU A 60  ASP A 64  
A 4 TYR A 95  ? LEU A 101 ? TYR A 98  LEU A 104 
A 5 ILE A 128 ? PRO A 133 ? ILE A 131 PRO A 136 
A 6 ALA A 178 ? ILE A 180 ? ALA A 181 ILE A 183 
# 
loop_
_pdbx_struct_sheet_hbond.sheet_id 
_pdbx_struct_sheet_hbond.range_id_1 
_pdbx_struct_sheet_hbond.range_id_2 
_pdbx_struct_sheet_hbond.range_1_label_atom_id 
_pdbx_struct_sheet_hbond.range_1_label_comp_id 
_pdbx_struct_sheet_hbond.range_1_label_asym_id 
_pdbx_struct_sheet_hbond.range_1_label_seq_id 
_pdbx_struct_sheet_hbond.range_1_PDB_ins_code 
_pdbx_struct_sheet_hbond.range_1_auth_atom_id 
_pdbx_struct_sheet_hbond.range_1_auth_comp_id 
_pdbx_struct_sheet_hbond.range_1_auth_asym_id 
_pdbx_struct_sheet_hbond.range_1_auth_seq_id 
_pdbx_struct_sheet_hbond.range_2_label_atom_id 
_pdbx_struct_sheet_hbond.range_2_label_comp_id 
_pdbx_struct_sheet_hbond.range_2_label_asym_id 
_pdbx_struct_sheet_hbond.range_2_label_seq_id 
_pdbx_struct_sheet_hbond.range_2_PDB_ins_code 
_pdbx_struct_sheet_hbond.range_2_auth_atom_id 
_pdbx_struct_sheet_hbond.range_2_auth_comp_id 
_pdbx_struct_sheet_hbond.range_2_auth_asym_id 
_pdbx_struct_sheet_hbond.range_2_auth_seq_id 
A 1 2 N PHE A 9   ? N PHE A 12  O ASP A 38  ? O ASP A 41  
A 2 3 N VAL A 37  ? N VAL A 40  O LEU A 59  ? O LEU A 62  
A 3 4 N LEU A 58  ? N LEU A 61  O TYR A 96  ? O TYR A 99  
A 4 5 N ILE A 99  ? N ILE A 102 O ASN A 130 ? O ASN A 133 
A 5 6 N LEU A 131 ? N LEU A 134 O THR A 179 ? O THR A 182 
# 
_pdbx_entry_details.entry_id                   3CAN 
_pdbx_entry_details.compound_details           ? 
_pdbx_entry_details.source_details             ? 
_pdbx_entry_details.nonpolymer_details         ? 
_pdbx_entry_details.sequence_details           ? 
_pdbx_entry_details.has_ligand_of_interest     ? 
_pdbx_entry_details.has_protein_modification   Y 
# 
loop_
_pdbx_validate_torsion.id 
_pdbx_validate_torsion.PDB_model_num 
_pdbx_validate_torsion.auth_comp_id 
_pdbx_validate_torsion.auth_asym_id 
_pdbx_validate_torsion.auth_seq_id 
_pdbx_validate_torsion.PDB_ins_code 
_pdbx_validate_torsion.label_alt_id 
_pdbx_validate_torsion.phi 
_pdbx_validate_torsion.psi 
1 1 VAL A 108 ? ? -120.81 -50.79 
2 1 ASN A 109 ? ? -150.80 12.19  
# 
_pdbx_SG_project.id                    1 
_pdbx_SG_project.project_name          'PSI, Protein Structure Initiative' 
_pdbx_SG_project.full_name_of_center   'Midwest Center for Structural Genomics' 
_pdbx_SG_project.initial_of_center     MCSG 
# 
loop_
_pdbx_struct_mod_residue.id 
_pdbx_struct_mod_residue.label_asym_id 
_pdbx_struct_mod_residue.label_comp_id 
_pdbx_struct_mod_residue.label_seq_id 
_pdbx_struct_mod_residue.auth_asym_id 
_pdbx_struct_mod_residue.auth_comp_id 
_pdbx_struct_mod_residue.auth_seq_id 
_pdbx_struct_mod_residue.PDB_ins_code 
_pdbx_struct_mod_residue.parent_comp_id 
_pdbx_struct_mod_residue.details 
1 A MSE 52  A MSE 55  ? MET SELENOMETHIONINE 
2 A MSE 65  A MSE 68  ? MET SELENOMETHIONINE 
3 A MSE 156 A MSE 159 ? MET SELENOMETHIONINE 
# 
_pdbx_struct_special_symmetry.id              1 
_pdbx_struct_special_symmetry.PDB_model_num   1 
_pdbx_struct_special_symmetry.auth_asym_id    A 
_pdbx_struct_special_symmetry.auth_comp_id    HOH 
_pdbx_struct_special_symmetry.auth_seq_id     316 
_pdbx_struct_special_symmetry.PDB_ins_code    ? 
_pdbx_struct_special_symmetry.label_asym_id   B 
_pdbx_struct_special_symmetry.label_comp_id   HOH 
_pdbx_struct_special_symmetry.label_seq_id    . 
# 
loop_
_pdbx_refine_tls.id 
_pdbx_refine_tls.details 
_pdbx_refine_tls.method 
_pdbx_refine_tls.origin_x 
_pdbx_refine_tls.origin_y 
_pdbx_refine_tls.origin_z 
_pdbx_refine_tls.T[1][1] 
_pdbx_refine_tls.T[2][2] 
_pdbx_refine_tls.T[3][3] 
_pdbx_refine_tls.T[1][2] 
_pdbx_refine_tls.T[1][3] 
_pdbx_refine_tls.T[2][3] 
_pdbx_refine_tls.L[1][1] 
_pdbx_refine_tls.L[2][2] 
_pdbx_refine_tls.L[3][3] 
_pdbx_refine_tls.L[1][2] 
_pdbx_refine_tls.L[1][3] 
_pdbx_refine_tls.L[2][3] 
_pdbx_refine_tls.S[1][1] 
_pdbx_refine_tls.S[2][2] 
_pdbx_refine_tls.S[3][3] 
_pdbx_refine_tls.S[1][2] 
_pdbx_refine_tls.S[1][3] 
_pdbx_refine_tls.S[2][3] 
_pdbx_refine_tls.S[2][1] 
_pdbx_refine_tls.S[3][1] 
_pdbx_refine_tls.S[3][2] 
_pdbx_refine_tls.pdbx_refine_id 
1  ? refined -6.8951  -10.8762 2.8651   0.0624  0.0778  0.0685  -0.0065 -0.0126 0.0028  8.0402  8.4489  0.9412  -7.5640  1.6519  -2.4497  0.1436  -0.1536 0.0100  0.2819  0.0430  0.0099  -0.0937 0.0093  0.0837  'X-RAY DIFFRACTION' 
2  ? refined -8.6799  -12.5781 11.9392  0.0819  0.0717  0.0733  -0.0071 0.0213  0.0059  1.6738  1.3996  0.3723  -0.9686  0.1860  -0.1603  0.1105  -0.0878 -0.0226 -0.1034 0.1588  -0.0044 0.0553  0.0942  0.0203  'X-RAY DIFFRACTION' 
3  ? refined -5.7742  -1.5908  11.3821  0.0724  0.0680  0.1074  -0.0160 0.0283  -0.0268 1.2759  1.8787  1.2339  1.0217   -0.3254 -1.1182  0.1711  -0.0669 -0.1041 -0.1561 0.2342  0.1573  0.1450  -0.0757 -0.0554 'X-RAY DIFFRACTION' 
4  ? refined -0.8767  -0.7871  3.6136   0.0411  0.0582  0.1134  -0.0030 0.0044  0.0265  0.1229  5.7812  3.6065  0.0067   0.2888  -4.0983  -0.0229 -0.0014 0.0244  -0.0756 0.1221  -0.0056 -0.0588 0.0723  -0.0646 'X-RAY DIFFRACTION' 
5  ? refined -8.9677  11.6730  -5.3131  0.0587  -0.0240 0.2006  -0.0118 -0.0442 0.0376  11.0596 13.9850 3.5262  -2.3688  -0.0676 -3.9228  -0.1679 0.3123  -0.1444 -0.2849 -0.3772 1.0206  0.1288  -0.2515 -0.2105 'X-RAY DIFFRACTION' 
6  ? refined -11.4270 8.1298   -5.4210  -0.0960 -0.0330 0.4134  0.0310  0.0345  0.0061  44.0240 44.2267 36.0263 -19.7946 38.9293 -25.0270 1.1954  -0.5532 -0.6422 0.6792  -2.8418 2.0818  -1.8169 2.1739  1.4587  'X-RAY DIFFRACTION' 
7  ? refined -4.1747  9.5958   3.8835   0.0208  -0.0030 0.1223  -0.0085 0.0111  0.0552  26.0041 8.4027  19.2659 -10.1665 11.1441 -0.5637  -0.1017 0.3668  -0.2651 -1.0467 -0.4614 0.5804  -0.0576 -0.3533 -0.4732 'X-RAY DIFFRACTION' 
8  ? refined 3.7226   2.5916   10.2929  0.0556  0.0505  0.0900  -0.0367 -0.0115 0.0036  0.2115  7.1763  6.4060  1.1841   -0.1467 -2.6780  0.0575  0.0923  -0.1498 -0.2070 0.0863  0.0566  0.4181  -0.2573 -0.0809 'X-RAY DIFFRACTION' 
9  ? refined 1.0850   1.1481   -6.9381  0.1402  0.0123  0.0770  -0.0062 -0.0053 -0.0052 1.1791  3.8802  7.5052  -0.4649  2.5149  -3.8054  -0.0329 0.1055  -0.0726 -0.2466 -0.0576 0.0268  -0.5520 0.3746  -0.3588 'X-RAY DIFFRACTION' 
10 ? refined 6.1024   10.4785  -6.6492  0.0940  0.0232  0.1064  -0.0194 0.0086  0.0067  1.0932  2.6751  3.1080  0.9722   1.2896  -0.2579  -0.0559 0.0847  -0.0288 -0.0366 0.0713  -0.1037 -0.2510 -0.0599 0.0767  'X-RAY DIFFRACTION' 
11 ? refined 8.2485   0.5306   0.6827   0.0358  0.0392  0.1078  -0.0119 0.0135  0.0052  0.9830  3.1108  4.5835  0.6960   2.0172  0.4299   0.0064  -0.0439 0.0375  -0.0574 -0.0911 -0.3948 -0.1382 0.0331  0.0636  'X-RAY DIFFRACTION' 
12 ? refined -4.5881  -0.7584  -17.8216 0.4839  -0.0504 0.1896  -0.0941 -0.3385 0.0400  13.7384 52.2571 25.8768 2.5334   4.6497  -5.7447  -0.5360 0.7175  -0.1815 0.1161  0.2408  3.5735  -3.3122 -0.0371 -1.3645 'X-RAY DIFFRACTION' 
13 ? refined 0.9740   1.4979   -20.2798 0.4449  -0.1279 -0.1706 -0.0681 -0.0775 -0.0220 41.5365 5.0568  6.3407  6.0860   1.8967  -1.0065  -0.1736 0.1970  -0.0234 0.5623  -0.2264 0.2327  -1.5610 0.2057  0.0197  'X-RAY DIFFRACTION' 
14 ? refined 9.6062   3.0029   -17.2331 0.3290  -0.0446 0.0076  -0.0528 0.1424  0.0011  15.7285 9.3429  26.3530 2.4979   15.7195 12.2540  0.0278  0.1764  -0.2042 0.6231  0.2539  -0.3496 -1.0067 -0.2170 0.9468  'X-RAY DIFFRACTION' 
15 ? refined 12.3437  2.2726   -7.3486  0.0751  0.0029  0.1180  0.0181  0.0938  -0.0179 4.0575  7.6254  3.4797  2.9344   1.2662  2.4542   -0.0154 -0.0335 0.0490  -0.0178 -0.1759 -0.6391 -0.5033 0.1538  0.2452  'X-RAY DIFFRACTION' 
# 
loop_
_pdbx_refine_tls_group.id 
_pdbx_refine_tls_group.refine_tls_id 
_pdbx_refine_tls_group.beg_auth_asym_id 
_pdbx_refine_tls_group.end_auth_asym_id 
_pdbx_refine_tls_group.end_auth_seq_id 
_pdbx_refine_tls_group.selection 
_pdbx_refine_tls_group.beg_auth_seq_id 
_pdbx_refine_tls_group.beg_label_asym_id 
_pdbx_refine_tls_group.beg_label_seq_id 
_pdbx_refine_tls_group.end_label_asym_id 
_pdbx_refine_tls_group.end_label_seq_id 
_pdbx_refine_tls_group.pdbx_refine_id 
_pdbx_refine_tls_group.selection_details 
1  1  A A 16  ? 7   A 4   A 13  'X-RAY DIFFRACTION' ? 
2  2  A A 37  ? 17  A 14  A 34  'X-RAY DIFFRACTION' ? 
3  3  A A 55  ? 38  A 35  A 52  'X-RAY DIFFRACTION' ? 
4  4  A A 69  ? 56  A 53  A 66  'X-RAY DIFFRACTION' ? 
5  5  A A 74  ? 70  A 67  A 71  'X-RAY DIFFRACTION' ? 
6  6  A A 80  ? 75  A 72  A 77  'X-RAY DIFFRACTION' ? 
7  7  A A 86  ? 81  A 78  A 83  'X-RAY DIFFRACTION' ? 
8  8  A A 97  ? 87  A 84  A 94  'X-RAY DIFFRACTION' ? 
9  9  A A 108 ? 98  A 95  A 105 'X-RAY DIFFRACTION' ? 
10 10 A A 123 ? 109 A 106 A 120 'X-RAY DIFFRACTION' ? 
11 11 A A 135 ? 124 A 121 A 132 'X-RAY DIFFRACTION' ? 
12 12 A A 158 ? 136 A 133 A 155 'X-RAY DIFFRACTION' ? 
13 13 A A 164 ? 159 A 156 A 161 'X-RAY DIFFRACTION' ? 
14 14 A A 170 ? 165 A 162 A 167 'X-RAY DIFFRACTION' ? 
15 15 A A 185 ? 171 A 168 A 182 'X-RAY DIFFRACTION' ? 
# 
loop_
_pdbx_unobs_or_zero_occ_residues.id 
_pdbx_unobs_or_zero_occ_residues.PDB_model_num 
_pdbx_unobs_or_zero_occ_residues.polymer_flag 
_pdbx_unobs_or_zero_occ_residues.occupancy_flag 
_pdbx_unobs_or_zero_occ_residues.auth_asym_id 
_pdbx_unobs_or_zero_occ_residues.auth_comp_id 
_pdbx_unobs_or_zero_occ_residues.auth_seq_id 
_pdbx_unobs_or_zero_occ_residues.PDB_ins_code 
_pdbx_unobs_or_zero_occ_residues.label_asym_id 
_pdbx_unobs_or_zero_occ_residues.label_comp_id 
_pdbx_unobs_or_zero_occ_residues.label_seq_id 
1  1 Y 1 A SER 4   ? A SER 1   
2  1 Y 1 A ASN 5   ? A ASN 2   
3  1 Y 1 A ALA 6   ? A ALA 3   
4  1 Y 1 A ILE 140 ? A ILE 137 
5  1 Y 1 A GLY 141 ? A GLY 138 
6  1 Y 1 A LYS 142 ? A LYS 139 
7  1 Y 1 A GLY 143 ? A GLY 140 
8  1 Y 1 A LYS 144 ? A LYS 141 
9  1 Y 1 A HIS 145 ? A HIS 142 
10 1 Y 1 A ALA 146 ? A ALA 143 
11 1 Y 1 A LYS 147 ? A LYS 144 
12 1 Y 1 A LEU 148 ? A LEU 145 
13 1 Y 1 A GLY 149 ? A GLY 146 
14 1 Y 1 A SER 150 ? A SER 147 
15 1 Y 1 A ILE 151 ? A ILE 148 
16 1 Y 1 A TYR 152 ? A TYR 149 
17 1 Y 1 A ASN 153 ? A ASN 150 
18 1 Y 1 A PRO 154 ? A PRO 151 
19 1 Y 1 A LYS 155 ? A LYS 152 
20 1 Y 1 A GLY 156 ? A GLY 153 
21 1 Y 1 A TYR 157 ? A TYR 154 
# 
loop_
_chem_comp_atom.comp_id 
_chem_comp_atom.atom_id 
_chem_comp_atom.type_symbol 
_chem_comp_atom.pdbx_aromatic_flag 
_chem_comp_atom.pdbx_stereo_config 
_chem_comp_atom.pdbx_ordinal 
ALA N    N  N N 1   
ALA CA   C  N S 2   
ALA C    C  N N 3   
ALA O    O  N N 4   
ALA CB   C  N N 5   
ALA OXT  O  N N 6   
ALA H    H  N N 7   
ALA H2   H  N N 8   
ALA HA   H  N N 9   
ALA HB1  H  N N 10  
ALA HB2  H  N N 11  
ALA HB3  H  N N 12  
ALA HXT  H  N N 13  
ARG N    N  N N 14  
ARG CA   C  N S 15  
ARG C    C  N N 16  
ARG O    O  N N 17  
ARG CB   C  N N 18  
ARG CG   C  N N 19  
ARG CD   C  N N 20  
ARG NE   N  N N 21  
ARG CZ   C  N N 22  
ARG NH1  N  N N 23  
ARG NH2  N  N N 24  
ARG OXT  O  N N 25  
ARG H    H  N N 26  
ARG H2   H  N N 27  
ARG HA   H  N N 28  
ARG HB2  H  N N 29  
ARG HB3  H  N N 30  
ARG HG2  H  N N 31  
ARG HG3  H  N N 32  
ARG HD2  H  N N 33  
ARG HD3  H  N N 34  
ARG HE   H  N N 35  
ARG HH11 H  N N 36  
ARG HH12 H  N N 37  
ARG HH21 H  N N 38  
ARG HH22 H  N N 39  
ARG HXT  H  N N 40  
ASN N    N  N N 41  
ASN CA   C  N S 42  
ASN C    C  N N 43  
ASN O    O  N N 44  
ASN CB   C  N N 45  
ASN CG   C  N N 46  
ASN OD1  O  N N 47  
ASN ND2  N  N N 48  
ASN OXT  O  N N 49  
ASN H    H  N N 50  
ASN H2   H  N N 51  
ASN HA   H  N N 52  
ASN HB2  H  N N 53  
ASN HB3  H  N N 54  
ASN HD21 H  N N 55  
ASN HD22 H  N N 56  
ASN HXT  H  N N 57  
ASP N    N  N N 58  
ASP CA   C  N S 59  
ASP C    C  N N 60  
ASP O    O  N N 61  
ASP CB   C  N N 62  
ASP CG   C  N N 63  
ASP OD1  O  N N 64  
ASP OD2  O  N N 65  
ASP OXT  O  N N 66  
ASP H    H  N N 67  
ASP H2   H  N N 68  
ASP HA   H  N N 69  
ASP HB2  H  N N 70  
ASP HB3  H  N N 71  
ASP HD2  H  N N 72  
ASP HXT  H  N N 73  
CYS N    N  N N 74  
CYS CA   C  N R 75  
CYS C    C  N N 76  
CYS O    O  N N 77  
CYS CB   C  N N 78  
CYS SG   S  N N 79  
CYS OXT  O  N N 80  
CYS H    H  N N 81  
CYS H2   H  N N 82  
CYS HA   H  N N 83  
CYS HB2  H  N N 84  
CYS HB3  H  N N 85  
CYS HG   H  N N 86  
CYS HXT  H  N N 87  
GLN N    N  N N 88  
GLN CA   C  N S 89  
GLN C    C  N N 90  
GLN O    O  N N 91  
GLN CB   C  N N 92  
GLN CG   C  N N 93  
GLN CD   C  N N 94  
GLN OE1  O  N N 95  
GLN NE2  N  N N 96  
GLN OXT  O  N N 97  
GLN H    H  N N 98  
GLN H2   H  N N 99  
GLN HA   H  N N 100 
GLN HB2  H  N N 101 
GLN HB3  H  N N 102 
GLN HG2  H  N N 103 
GLN HG3  H  N N 104 
GLN HE21 H  N N 105 
GLN HE22 H  N N 106 
GLN HXT  H  N N 107 
GLU N    N  N N 108 
GLU CA   C  N S 109 
GLU C    C  N N 110 
GLU O    O  N N 111 
GLU CB   C  N N 112 
GLU CG   C  N N 113 
GLU CD   C  N N 114 
GLU OE1  O  N N 115 
GLU OE2  O  N N 116 
GLU OXT  O  N N 117 
GLU H    H  N N 118 
GLU H2   H  N N 119 
GLU HA   H  N N 120 
GLU HB2  H  N N 121 
GLU HB3  H  N N 122 
GLU HG2  H  N N 123 
GLU HG3  H  N N 124 
GLU HE2  H  N N 125 
GLU HXT  H  N N 126 
GLY N    N  N N 127 
GLY CA   C  N N 128 
GLY C    C  N N 129 
GLY O    O  N N 130 
GLY OXT  O  N N 131 
GLY H    H  N N 132 
GLY H2   H  N N 133 
GLY HA2  H  N N 134 
GLY HA3  H  N N 135 
GLY HXT  H  N N 136 
HIS N    N  N N 137 
HIS CA   C  N S 138 
HIS C    C  N N 139 
HIS O    O  N N 140 
HIS CB   C  N N 141 
HIS CG   C  Y N 142 
HIS ND1  N  Y N 143 
HIS CD2  C  Y N 144 
HIS CE1  C  Y N 145 
HIS NE2  N  Y N 146 
HIS OXT  O  N N 147 
HIS H    H  N N 148 
HIS H2   H  N N 149 
HIS HA   H  N N 150 
HIS HB2  H  N N 151 
HIS HB3  H  N N 152 
HIS HD1  H  N N 153 
HIS HD2  H  N N 154 
HIS HE1  H  N N 155 
HIS HE2  H  N N 156 
HIS HXT  H  N N 157 
HOH O    O  N N 158 
HOH H1   H  N N 159 
HOH H2   H  N N 160 
ILE N    N  N N 161 
ILE CA   C  N S 162 
ILE C    C  N N 163 
ILE O    O  N N 164 
ILE CB   C  N S 165 
ILE CG1  C  N N 166 
ILE CG2  C  N N 167 
ILE CD1  C  N N 168 
ILE OXT  O  N N 169 
ILE H    H  N N 170 
ILE H2   H  N N 171 
ILE HA   H  N N 172 
ILE HB   H  N N 173 
ILE HG12 H  N N 174 
ILE HG13 H  N N 175 
ILE HG21 H  N N 176 
ILE HG22 H  N N 177 
ILE HG23 H  N N 178 
ILE HD11 H  N N 179 
ILE HD12 H  N N 180 
ILE HD13 H  N N 181 
ILE HXT  H  N N 182 
LEU N    N  N N 183 
LEU CA   C  N S 184 
LEU C    C  N N 185 
LEU O    O  N N 186 
LEU CB   C  N N 187 
LEU CG   C  N N 188 
LEU CD1  C  N N 189 
LEU CD2  C  N N 190 
LEU OXT  O  N N 191 
LEU H    H  N N 192 
LEU H2   H  N N 193 
LEU HA   H  N N 194 
LEU HB2  H  N N 195 
LEU HB3  H  N N 196 
LEU HG   H  N N 197 
LEU HD11 H  N N 198 
LEU HD12 H  N N 199 
LEU HD13 H  N N 200 
LEU HD21 H  N N 201 
LEU HD22 H  N N 202 
LEU HD23 H  N N 203 
LEU HXT  H  N N 204 
LYS N    N  N N 205 
LYS CA   C  N S 206 
LYS C    C  N N 207 
LYS O    O  N N 208 
LYS CB   C  N N 209 
LYS CG   C  N N 210 
LYS CD   C  N N 211 
LYS CE   C  N N 212 
LYS NZ   N  N N 213 
LYS OXT  O  N N 214 
LYS H    H  N N 215 
LYS H2   H  N N 216 
LYS HA   H  N N 217 
LYS HB2  H  N N 218 
LYS HB3  H  N N 219 
LYS HG2  H  N N 220 
LYS HG3  H  N N 221 
LYS HD2  H  N N 222 
LYS HD3  H  N N 223 
LYS HE2  H  N N 224 
LYS HE3  H  N N 225 
LYS HZ1  H  N N 226 
LYS HZ2  H  N N 227 
LYS HZ3  H  N N 228 
LYS HXT  H  N N 229 
MSE N    N  N N 230 
MSE CA   C  N S 231 
MSE C    C  N N 232 
MSE O    O  N N 233 
MSE OXT  O  N N 234 
MSE CB   C  N N 235 
MSE CG   C  N N 236 
MSE SE   SE N N 237 
MSE CE   C  N N 238 
MSE H    H  N N 239 
MSE H2   H  N N 240 
MSE HA   H  N N 241 
MSE HXT  H  N N 242 
MSE HB2  H  N N 243 
MSE HB3  H  N N 244 
MSE HG2  H  N N 245 
MSE HG3  H  N N 246 
MSE HE1  H  N N 247 
MSE HE2  H  N N 248 
MSE HE3  H  N N 249 
PHE N    N  N N 250 
PHE CA   C  N S 251 
PHE C    C  N N 252 
PHE O    O  N N 253 
PHE CB   C  N N 254 
PHE CG   C  Y N 255 
PHE CD1  C  Y N 256 
PHE CD2  C  Y N 257 
PHE CE1  C  Y N 258 
PHE CE2  C  Y N 259 
PHE CZ   C  Y N 260 
PHE OXT  O  N N 261 
PHE H    H  N N 262 
PHE H2   H  N N 263 
PHE HA   H  N N 264 
PHE HB2  H  N N 265 
PHE HB3  H  N N 266 
PHE HD1  H  N N 267 
PHE HD2  H  N N 268 
PHE HE1  H  N N 269 
PHE HE2  H  N N 270 
PHE HZ   H  N N 271 
PHE HXT  H  N N 272 
PRO N    N  N N 273 
PRO CA   C  N S 274 
PRO C    C  N N 275 
PRO O    O  N N 276 
PRO CB   C  N N 277 
PRO CG   C  N N 278 
PRO CD   C  N N 279 
PRO OXT  O  N N 280 
PRO H    H  N N 281 
PRO HA   H  N N 282 
PRO HB2  H  N N 283 
PRO HB3  H  N N 284 
PRO HG2  H  N N 285 
PRO HG3  H  N N 286 
PRO HD2  H  N N 287 
PRO HD3  H  N N 288 
PRO HXT  H  N N 289 
SER N    N  N N 290 
SER CA   C  N S 291 
SER C    C  N N 292 
SER O    O  N N 293 
SER CB   C  N N 294 
SER OG   O  N N 295 
SER OXT  O  N N 296 
SER H    H  N N 297 
SER H2   H  N N 298 
SER HA   H  N N 299 
SER HB2  H  N N 300 
SER HB3  H  N N 301 
SER HG   H  N N 302 
SER HXT  H  N N 303 
THR N    N  N N 304 
THR CA   C  N S 305 
THR C    C  N N 306 
THR O    O  N N 307 
THR CB   C  N R 308 
THR OG1  O  N N 309 
THR CG2  C  N N 310 
THR OXT  O  N N 311 
THR H    H  N N 312 
THR H2   H  N N 313 
THR HA   H  N N 314 
THR HB   H  N N 315 
THR HG1  H  N N 316 
THR HG21 H  N N 317 
THR HG22 H  N N 318 
THR HG23 H  N N 319 
THR HXT  H  N N 320 
TYR N    N  N N 321 
TYR CA   C  N S 322 
TYR C    C  N N 323 
TYR O    O  N N 324 
TYR CB   C  N N 325 
TYR CG   C  Y N 326 
TYR CD1  C  Y N 327 
TYR CD2  C  Y N 328 
TYR CE1  C  Y N 329 
TYR CE2  C  Y N 330 
TYR CZ   C  Y N 331 
TYR OH   O  N N 332 
TYR OXT  O  N N 333 
TYR H    H  N N 334 
TYR H2   H  N N 335 
TYR HA   H  N N 336 
TYR HB2  H  N N 337 
TYR HB3  H  N N 338 
TYR HD1  H  N N 339 
TYR HD2  H  N N 340 
TYR HE1  H  N N 341 
TYR HE2  H  N N 342 
TYR HH   H  N N 343 
TYR HXT  H  N N 344 
VAL N    N  N N 345 
VAL CA   C  N S 346 
VAL C    C  N N 347 
VAL O    O  N N 348 
VAL CB   C  N N 349 
VAL CG1  C  N N 350 
VAL CG2  C  N N 351 
VAL OXT  O  N N 352 
VAL H    H  N N 353 
VAL H2   H  N N 354 
VAL HA   H  N N 355 
VAL HB   H  N N 356 
VAL HG11 H  N N 357 
VAL HG12 H  N N 358 
VAL HG13 H  N N 359 
VAL HG21 H  N N 360 
VAL HG22 H  N N 361 
VAL HG23 H  N N 362 
VAL HXT  H  N N 363 
# 
loop_
_chem_comp_bond.comp_id 
_chem_comp_bond.atom_id_1 
_chem_comp_bond.atom_id_2 
_chem_comp_bond.value_order 
_chem_comp_bond.pdbx_aromatic_flag 
_chem_comp_bond.pdbx_stereo_config 
_chem_comp_bond.pdbx_ordinal 
ALA N   CA   sing N N 1   
ALA N   H    sing N N 2   
ALA N   H2   sing N N 3   
ALA CA  C    sing N N 4   
ALA CA  CB   sing N N 5   
ALA CA  HA   sing N N 6   
ALA C   O    doub N N 7   
ALA C   OXT  sing N N 8   
ALA CB  HB1  sing N N 9   
ALA CB  HB2  sing N N 10  
ALA CB  HB3  sing N N 11  
ALA OXT HXT  sing N N 12  
ARG N   CA   sing N N 13  
ARG N   H    sing N N 14  
ARG N   H2   sing N N 15  
ARG CA  C    sing N N 16  
ARG CA  CB   sing N N 17  
ARG CA  HA   sing N N 18  
ARG C   O    doub N N 19  
ARG C   OXT  sing N N 20  
ARG CB  CG   sing N N 21  
ARG CB  HB2  sing N N 22  
ARG CB  HB3  sing N N 23  
ARG CG  CD   sing N N 24  
ARG CG  HG2  sing N N 25  
ARG CG  HG3  sing N N 26  
ARG CD  NE   sing N N 27  
ARG CD  HD2  sing N N 28  
ARG CD  HD3  sing N N 29  
ARG NE  CZ   sing N N 30  
ARG NE  HE   sing N N 31  
ARG CZ  NH1  sing N N 32  
ARG CZ  NH2  doub N N 33  
ARG NH1 HH11 sing N N 34  
ARG NH1 HH12 sing N N 35  
ARG NH2 HH21 sing N N 36  
ARG NH2 HH22 sing N N 37  
ARG OXT HXT  sing N N 38  
ASN N   CA   sing N N 39  
ASN N   H    sing N N 40  
ASN N   H2   sing N N 41  
ASN CA  C    sing N N 42  
ASN CA  CB   sing N N 43  
ASN CA  HA   sing N N 44  
ASN C   O    doub N N 45  
ASN C   OXT  sing N N 46  
ASN CB  CG   sing N N 47  
ASN CB  HB2  sing N N 48  
ASN CB  HB3  sing N N 49  
ASN CG  OD1  doub N N 50  
ASN CG  ND2  sing N N 51  
ASN ND2 HD21 sing N N 52  
ASN ND2 HD22 sing N N 53  
ASN OXT HXT  sing N N 54  
ASP N   CA   sing N N 55  
ASP N   H    sing N N 56  
ASP N   H2   sing N N 57  
ASP CA  C    sing N N 58  
ASP CA  CB   sing N N 59  
ASP CA  HA   sing N N 60  
ASP C   O    doub N N 61  
ASP C   OXT  sing N N 62  
ASP CB  CG   sing N N 63  
ASP CB  HB2  sing N N 64  
ASP CB  HB3  sing N N 65  
ASP CG  OD1  doub N N 66  
ASP CG  OD2  sing N N 67  
ASP OD2 HD2  sing N N 68  
ASP OXT HXT  sing N N 69  
CYS N   CA   sing N N 70  
CYS N   H    sing N N 71  
CYS N   H2   sing N N 72  
CYS CA  C    sing N N 73  
CYS CA  CB   sing N N 74  
CYS CA  HA   sing N N 75  
CYS C   O    doub N N 76  
CYS C   OXT  sing N N 77  
CYS CB  SG   sing N N 78  
CYS CB  HB2  sing N N 79  
CYS CB  HB3  sing N N 80  
CYS SG  HG   sing N N 81  
CYS OXT HXT  sing N N 82  
GLN N   CA   sing N N 83  
GLN N   H    sing N N 84  
GLN N   H2   sing N N 85  
GLN CA  C    sing N N 86  
GLN CA  CB   sing N N 87  
GLN CA  HA   sing N N 88  
GLN C   O    doub N N 89  
GLN C   OXT  sing N N 90  
GLN CB  CG   sing N N 91  
GLN CB  HB2  sing N N 92  
GLN CB  HB3  sing N N 93  
GLN CG  CD   sing N N 94  
GLN CG  HG2  sing N N 95  
GLN CG  HG3  sing N N 96  
GLN CD  OE1  doub N N 97  
GLN CD  NE2  sing N N 98  
GLN NE2 HE21 sing N N 99  
GLN NE2 HE22 sing N N 100 
GLN OXT HXT  sing N N 101 
GLU N   CA   sing N N 102 
GLU N   H    sing N N 103 
GLU N   H2   sing N N 104 
GLU CA  C    sing N N 105 
GLU CA  CB   sing N N 106 
GLU CA  HA   sing N N 107 
GLU C   O    doub N N 108 
GLU C   OXT  sing N N 109 
GLU CB  CG   sing N N 110 
GLU CB  HB2  sing N N 111 
GLU CB  HB3  sing N N 112 
GLU CG  CD   sing N N 113 
GLU CG  HG2  sing N N 114 
GLU CG  HG3  sing N N 115 
GLU CD  OE1  doub N N 116 
GLU CD  OE2  sing N N 117 
GLU OE2 HE2  sing N N 118 
GLU OXT HXT  sing N N 119 
GLY N   CA   sing N N 120 
GLY N   H    sing N N 121 
GLY N   H2   sing N N 122 
GLY CA  C    sing N N 123 
GLY CA  HA2  sing N N 124 
GLY CA  HA3  sing N N 125 
GLY C   O    doub N N 126 
GLY C   OXT  sing N N 127 
GLY OXT HXT  sing N N 128 
HIS N   CA   sing N N 129 
HIS N   H    sing N N 130 
HIS N   H2   sing N N 131 
HIS CA  C    sing N N 132 
HIS CA  CB   sing N N 133 
HIS CA  HA   sing N N 134 
HIS C   O    doub N N 135 
HIS C   OXT  sing N N 136 
HIS CB  CG   sing N N 137 
HIS CB  HB2  sing N N 138 
HIS CB  HB3  sing N N 139 
HIS CG  ND1  sing Y N 140 
HIS CG  CD2  doub Y N 141 
HIS ND1 CE1  doub Y N 142 
HIS ND1 HD1  sing N N 143 
HIS CD2 NE2  sing Y N 144 
HIS CD2 HD2  sing N N 145 
HIS CE1 NE2  sing Y N 146 
HIS CE1 HE1  sing N N 147 
HIS NE2 HE2  sing N N 148 
HIS OXT HXT  sing N N 149 
HOH O   H1   sing N N 150 
HOH O   H2   sing N N 151 
ILE N   CA   sing N N 152 
ILE N   H    sing N N 153 
ILE N   H2   sing N N 154 
ILE CA  C    sing N N 155 
ILE CA  CB   sing N N 156 
ILE CA  HA   sing N N 157 
ILE C   O    doub N N 158 
ILE C   OXT  sing N N 159 
ILE CB  CG1  sing N N 160 
ILE CB  CG2  sing N N 161 
ILE CB  HB   sing N N 162 
ILE CG1 CD1  sing N N 163 
ILE CG1 HG12 sing N N 164 
ILE CG1 HG13 sing N N 165 
ILE CG2 HG21 sing N N 166 
ILE CG2 HG22 sing N N 167 
ILE CG2 HG23 sing N N 168 
ILE CD1 HD11 sing N N 169 
ILE CD1 HD12 sing N N 170 
ILE CD1 HD13 sing N N 171 
ILE OXT HXT  sing N N 172 
LEU N   CA   sing N N 173 
LEU N   H    sing N N 174 
LEU N   H2   sing N N 175 
LEU CA  C    sing N N 176 
LEU CA  CB   sing N N 177 
LEU CA  HA   sing N N 178 
LEU C   O    doub N N 179 
LEU C   OXT  sing N N 180 
LEU CB  CG   sing N N 181 
LEU CB  HB2  sing N N 182 
LEU CB  HB3  sing N N 183 
LEU CG  CD1  sing N N 184 
LEU CG  CD2  sing N N 185 
LEU CG  HG   sing N N 186 
LEU CD1 HD11 sing N N 187 
LEU CD1 HD12 sing N N 188 
LEU CD1 HD13 sing N N 189 
LEU CD2 HD21 sing N N 190 
LEU CD2 HD22 sing N N 191 
LEU CD2 HD23 sing N N 192 
LEU OXT HXT  sing N N 193 
LYS N   CA   sing N N 194 
LYS N   H    sing N N 195 
LYS N   H2   sing N N 196 
LYS CA  C    sing N N 197 
LYS CA  CB   sing N N 198 
LYS CA  HA   sing N N 199 
LYS C   O    doub N N 200 
LYS C   OXT  sing N N 201 
LYS CB  CG   sing N N 202 
LYS CB  HB2  sing N N 203 
LYS CB  HB3  sing N N 204 
LYS CG  CD   sing N N 205 
LYS CG  HG2  sing N N 206 
LYS CG  HG3  sing N N 207 
LYS CD  CE   sing N N 208 
LYS CD  HD2  sing N N 209 
LYS CD  HD3  sing N N 210 
LYS CE  NZ   sing N N 211 
LYS CE  HE2  sing N N 212 
LYS CE  HE3  sing N N 213 
LYS NZ  HZ1  sing N N 214 
LYS NZ  HZ2  sing N N 215 
LYS NZ  HZ3  sing N N 216 
LYS OXT HXT  sing N N 217 
MSE N   CA   sing N N 218 
MSE N   H    sing N N 219 
MSE N   H2   sing N N 220 
MSE CA  C    sing N N 221 
MSE CA  CB   sing N N 222 
MSE CA  HA   sing N N 223 
MSE C   O    doub N N 224 
MSE C   OXT  sing N N 225 
MSE OXT HXT  sing N N 226 
MSE CB  CG   sing N N 227 
MSE CB  HB2  sing N N 228 
MSE CB  HB3  sing N N 229 
MSE CG  SE   sing N N 230 
MSE CG  HG2  sing N N 231 
MSE CG  HG3  sing N N 232 
MSE SE  CE   sing N N 233 
MSE CE  HE1  sing N N 234 
MSE CE  HE2  sing N N 235 
MSE CE  HE3  sing N N 236 
PHE N   CA   sing N N 237 
PHE N   H    sing N N 238 
PHE N   H2   sing N N 239 
PHE CA  C    sing N N 240 
PHE CA  CB   sing N N 241 
PHE CA  HA   sing N N 242 
PHE C   O    doub N N 243 
PHE C   OXT  sing N N 244 
PHE CB  CG   sing N N 245 
PHE CB  HB2  sing N N 246 
PHE CB  HB3  sing N N 247 
PHE CG  CD1  doub Y N 248 
PHE CG  CD2  sing Y N 249 
PHE CD1 CE1  sing Y N 250 
PHE CD1 HD1  sing N N 251 
PHE CD2 CE2  doub Y N 252 
PHE CD2 HD2  sing N N 253 
PHE CE1 CZ   doub Y N 254 
PHE CE1 HE1  sing N N 255 
PHE CE2 CZ   sing Y N 256 
PHE CE2 HE2  sing N N 257 
PHE CZ  HZ   sing N N 258 
PHE OXT HXT  sing N N 259 
PRO N   CA   sing N N 260 
PRO N   CD   sing N N 261 
PRO N   H    sing N N 262 
PRO CA  C    sing N N 263 
PRO CA  CB   sing N N 264 
PRO CA  HA   sing N N 265 
PRO C   O    doub N N 266 
PRO C   OXT  sing N N 267 
PRO CB  CG   sing N N 268 
PRO CB  HB2  sing N N 269 
PRO CB  HB3  sing N N 270 
PRO CG  CD   sing N N 271 
PRO CG  HG2  sing N N 272 
PRO CG  HG3  sing N N 273 
PRO CD  HD2  sing N N 274 
PRO CD  HD3  sing N N 275 
PRO OXT HXT  sing N N 276 
SER N   CA   sing N N 277 
SER N   H    sing N N 278 
SER N   H2   sing N N 279 
SER CA  C    sing N N 280 
SER CA  CB   sing N N 281 
SER CA  HA   sing N N 282 
SER C   O    doub N N 283 
SER C   OXT  sing N N 284 
SER CB  OG   sing N N 285 
SER CB  HB2  sing N N 286 
SER CB  HB3  sing N N 287 
SER OG  HG   sing N N 288 
SER OXT HXT  sing N N 289 
THR N   CA   sing N N 290 
THR N   H    sing N N 291 
THR N   H2   sing N N 292 
THR CA  C    sing N N 293 
THR CA  CB   sing N N 294 
THR CA  HA   sing N N 295 
THR C   O    doub N N 296 
THR C   OXT  sing N N 297 
THR CB  OG1  sing N N 298 
THR CB  CG2  sing N N 299 
THR CB  HB   sing N N 300 
THR OG1 HG1  sing N N 301 
THR CG2 HG21 sing N N 302 
THR CG2 HG22 sing N N 303 
THR CG2 HG23 sing N N 304 
THR OXT HXT  sing N N 305 
TYR N   CA   sing N N 306 
TYR N   H    sing N N 307 
TYR N   H2   sing N N 308 
TYR CA  C    sing N N 309 
TYR CA  CB   sing N N 310 
TYR CA  HA   sing N N 311 
TYR C   O    doub N N 312 
TYR C   OXT  sing N N 313 
TYR CB  CG   sing N N 314 
TYR CB  HB2  sing N N 315 
TYR CB  HB3  sing N N 316 
TYR CG  CD1  doub Y N 317 
TYR CG  CD2  sing Y N 318 
TYR CD1 CE1  sing Y N 319 
TYR CD1 HD1  sing N N 320 
TYR CD2 CE2  doub Y N 321 
TYR CD2 HD2  sing N N 322 
TYR CE1 CZ   doub Y N 323 
TYR CE1 HE1  sing N N 324 
TYR CE2 CZ   sing Y N 325 
TYR CE2 HE2  sing N N 326 
TYR CZ  OH   sing N N 327 
TYR OH  HH   sing N N 328 
TYR OXT HXT  sing N N 329 
VAL N   CA   sing N N 330 
VAL N   H    sing N N 331 
VAL N   H2   sing N N 332 
VAL CA  C    sing N N 333 
VAL CA  CB   sing N N 334 
VAL CA  HA   sing N N 335 
VAL C   O    doub N N 336 
VAL C   OXT  sing N N 337 
VAL CB  CG1  sing N N 338 
VAL CB  CG2  sing N N 339 
VAL CB  HB   sing N N 340 
VAL CG1 HG11 sing N N 341 
VAL CG1 HG12 sing N N 342 
VAL CG1 HG13 sing N N 343 
VAL CG2 HG21 sing N N 344 
VAL CG2 HG22 sing N N 345 
VAL CG2 HG23 sing N N 346 
VAL OXT HXT  sing N N 347 
# 
_atom_sites.entry_id                    3CAN 
_atom_sites.fract_transf_matrix[1][1]   0.00165372 
_atom_sites.fract_transf_matrix[1][2]   0.00172781 
_atom_sites.fract_transf_matrix[1][3]   0.01334335 
_atom_sites.fract_transf_matrix[2][1]   0.01074690 
_atom_sites.fract_transf_matrix[2][2]   0.00791910 
_atom_sites.fract_transf_matrix[2][3]   -0.00235735 
_atom_sites.fract_transf_matrix[3][1]   -0.00589176 
_atom_sites.fract_transf_matrix[3][2]   0.00790815 
_atom_sites.fract_transf_matrix[3][3]   -0.00029381 
_atom_sites.fract_transf_vector[1]      0.185971 
_atom_sites.fract_transf_vector[2]      0.004706 
_atom_sites.fract_transf_vector[3]      0.323549 
# 
loop_
_atom_type.symbol 
C  
N  
O  
S  
SE 
# 
loop_
_atom_site.group_PDB 
_atom_site.id 
_atom_site.type_symbol 
_atom_site.label_atom_id 
_atom_site.label_alt_id 
_atom_site.label_comp_id 
_atom_site.label_asym_id 
_atom_site.label_entity_id 
_atom_site.label_seq_id 
_atom_site.pdbx_PDB_ins_code 
_atom_site.Cartn_x 
_atom_site.Cartn_y 
_atom_site.Cartn_z 
_atom_site.occupancy 
_atom_site.B_iso_or_equiv 
_atom_site.pdbx_formal_charge 
_atom_site.auth_seq_id 
_atom_site.auth_comp_id 
_atom_site.auth_asym_id 
_atom_site.auth_atom_id 
_atom_site.pdbx_PDB_model_num 
ATOM   1    N  N   . GLY A 1 4   ? 5.410   -20.995 1.428   1.00 23.52 ? 7   GLY A N   1 
ATOM   2    C  CA  . GLY A 1 4   ? 4.348   -21.562 2.297   1.00 22.82 ? 7   GLY A CA  1 
ATOM   3    C  C   . GLY A 1 4   ? 3.017   -20.890 2.058   1.00 21.86 ? 7   GLY A C   1 
ATOM   4    O  O   . GLY A 1 4   ? 1.972   -21.515 2.209   1.00 23.27 ? 7   GLY A O   1 
ATOM   5    N  N   . GLY A 1 5   ? 3.035   -19.613 1.681   1.00 19.81 ? 8   GLY A N   1 
ATOM   6    C  CA  . GLY A 1 5   ? 1.793   -18.871 1.491   1.00 19.10 ? 8   GLY A CA  1 
ATOM   7    C  C   . GLY A 1 5   ? 1.181   -18.499 2.833   1.00 18.11 ? 8   GLY A C   1 
ATOM   8    O  O   . GLY A 1 5   ? 1.899   -18.324 3.820   1.00 17.83 ? 8   GLY A O   1 
ATOM   9    N  N   . GLY A 1 6   ? -0.143  -18.383 2.877   1.00 16.30 ? 9   GLY A N   1 
ATOM   10   C  CA  . GLY A 1 6   ? -0.816  -17.876 4.060   1.00 15.61 ? 9   GLY A CA  1 
ATOM   11   C  C   . GLY A 1 6   ? -2.163  -17.289 3.708   1.00 14.50 ? 9   GLY A C   1 
ATOM   12   O  O   . GLY A 1 6   ? -2.753  -17.641 2.691   1.00 13.90 ? 9   GLY A O   1 
ATOM   13   N  N   . VAL A 1 7   ? -2.639  -16.386 4.554   1.00 12.90 ? 10  VAL A N   1 
ATOM   14   C  CA  . VAL A 1 7   ? -3.917  -15.729 4.338   1.00 12.94 ? 10  VAL A CA  1 
ATOM   15   C  C   . VAL A 1 7   ? -3.664  -14.231 4.113   1.00 12.85 ? 10  VAL A C   1 
ATOM   16   O  O   . VAL A 1 7   ? -2.807  -13.616 4.763   1.00 13.39 ? 10  VAL A O   1 
ATOM   17   C  CB  . VAL A 1 7   ? -4.878  -15.970 5.537   1.00 13.13 ? 10  VAL A CB  1 
ATOM   18   C  CG1 . VAL A 1 7   ? -4.329  -15.356 6.843   1.00 13.38 ? 10  VAL A CG1 1 
ATOM   19   C  CG2 . VAL A 1 7   ? -6.297  -15.474 5.245   1.00 12.78 ? 10  VAL A CG2 1 
ATOM   20   N  N   . THR A 1 8   ? -4.420  -13.660 3.192   1.00 13.51 ? 11  THR A N   1 
ATOM   21   C  CA  . THR A 1 8   ? -4.380  -12.222 2.934   1.00 13.31 ? 11  THR A CA  1 
ATOM   22   C  C   . THR A 1 8   ? -5.797  -11.673 2.946   1.00 13.98 ? 11  THR A C   1 
ATOM   23   O  O   . THR A 1 8   ? -6.709  -12.243 2.314   1.00 14.67 ? 11  THR A O   1 
ATOM   24   C  CB  . THR A 1 8   ? -3.764  -11.923 1.570   1.00 14.04 ? 11  THR A CB  1 
ATOM   25   O  OG1 . THR A 1 8   ? -2.453  -12.481 1.497   1.00 14.32 ? 11  THR A OG1 1 
ATOM   26   C  CG2 . THR A 1 8   ? -3.694  -10.397 1.319   1.00 14.52 ? 11  THR A CG2 1 
ATOM   27   N  N   . PHE A 1 9   ? -5.989  -10.554 3.634   1.00 14.04 ? 12  PHE A N   1 
ATOM   28   C  CA  . PHE A 1 9   ? -7.237  -9.799  3.524   1.00 15.07 ? 12  PHE A CA  1 
ATOM   29   C  C   . PHE A 1 9   ? -6.950  -8.581  2.669   1.00 14.71 ? 12  PHE A C   1 
ATOM   30   O  O   . PHE A 1 9   ? -5.945  -7.891  2.884   1.00 14.48 ? 12  PHE A O   1 
ATOM   31   C  CB  . PHE A 1 9   ? -7.743  -9.362  4.879   1.00 15.35 ? 12  PHE A CB  1 
ATOM   32   C  CG  . PHE A 1 9   ? -8.287  -10.482 5.688   1.00 17.12 ? 12  PHE A CG  1 
ATOM   33   C  CD1 . PHE A 1 9   ? -9.628  -10.821 5.601   1.00 15.85 ? 12  PHE A CD1 1 
ATOM   34   C  CD2 . PHE A 1 9   ? -7.460  -11.211 6.527   1.00 18.47 ? 12  PHE A CD2 1 
ATOM   35   C  CE1 . PHE A 1 9   ? -10.142 -11.855 6.358   1.00 15.93 ? 12  PHE A CE1 1 
ATOM   36   C  CE2 . PHE A 1 9   ? -7.962  -12.282 7.270   1.00 18.83 ? 12  PHE A CE2 1 
ATOM   37   C  CZ  . PHE A 1 9   ? -9.293  -12.595 7.184   1.00 16.90 ? 12  PHE A CZ  1 
ATOM   38   N  N   . CYS A 1 10  ? -7.800  -8.359  1.671   1.00 15.21 ? 13  CYS A N   1 
ATOM   39   C  CA  A CYS A 1 10  ? -7.624  -7.300  0.668   0.50 15.50 ? 13  CYS A CA  1 
ATOM   40   C  CA  B CYS A 1 10  ? -7.593  -7.233  0.777   0.50 16.12 ? 13  CYS A CA  1 
ATOM   41   C  C   . CYS A 1 10  ? -8.853  -6.408  0.592   1.00 15.85 ? 13  CYS A C   1 
ATOM   42   O  O   . CYS A 1 10  ? -9.992  -6.882  0.779   1.00 15.08 ? 13  CYS A O   1 
ATOM   43   C  CB  A CYS A 1 10  ? -7.433  -7.900  -0.728  0.50 16.00 ? 13  CYS A CB  1 
ATOM   44   C  CB  B CYS A 1 10  ? -7.058  -7.695  -0.569  0.50 16.57 ? 13  CYS A CB  1 
ATOM   45   S  SG  A CYS A 1 10  ? -5.968  -8.887  -0.975  0.50 17.98 ? 13  CYS A SG  1 
ATOM   46   S  SG  B CYS A 1 10  ? -8.256  -8.598  -1.499  0.50 21.80 ? 13  CYS A SG  1 
ATOM   47   N  N   . GLY A 1 11  ? -8.641  -5.146  0.244   1.00 15.36 ? 14  GLY A N   1 
ATOM   48   C  CA  . GLY A 1 11  ? -9.743  -4.268  -0.055  1.00 16.36 ? 14  GLY A CA  1 
ATOM   49   C  C   . GLY A 1 11  ? -10.482 -3.709  1.139   1.00 16.76 ? 14  GLY A C   1 
ATOM   50   O  O   . GLY A 1 11  ? -10.047 -3.835  2.290   1.00 17.24 ? 14  GLY A O   1 
ATOM   51   N  N   . GLY A 1 12  ? -11.590 -3.040  0.843   1.00 16.59 ? 15  GLY A N   1 
ATOM   52   C  CA  . GLY A 1 12  ? -12.335 -2.304  1.850   1.00 16.84 ? 15  GLY A CA  1 
ATOM   53   C  C   . GLY A 1 12  ? -13.234 -3.150  2.729   1.00 16.98 ? 15  GLY A C   1 
ATOM   54   O  O   . GLY A 1 12  ? -13.407 -2.851  3.905   1.00 17.38 ? 15  GLY A O   1 
ATOM   55   N  N   . GLU A 1 13  ? -13.801 -4.215  2.177   1.00 17.55 ? 16  GLU A N   1 
ATOM   56   C  CA  . GLU A 1 13  ? -14.843 -4.936  2.903   1.00 17.37 ? 16  GLU A CA  1 
ATOM   57   C  C   . GLU A 1 13  ? -14.370 -5.565  4.214   1.00 16.79 ? 16  GLU A C   1 
ATOM   58   O  O   . GLU A 1 13  ? -15.053 -5.432  5.218   1.00 17.23 ? 16  GLU A O   1 
ATOM   59   C  CB  . GLU A 1 13  ? -15.511 -5.993  2.038   1.00 18.07 ? 16  GLU A CB  1 
ATOM   60   C  CG  . GLU A 1 13  ? -16.711 -6.673  2.712   1.00 18.77 ? 16  GLU A CG  1 
ATOM   61   C  CD  . GLU A 1 13  ? -17.880 -5.737  2.994   1.00 21.68 ? 16  GLU A CD  1 
ATOM   62   O  OE1 . GLU A 1 13  ? -18.049 -4.718  2.279   1.00 22.13 ? 16  GLU A OE1 1 
ATOM   63   O  OE2 . GLU A 1 13  ? -18.668 -6.039  3.919   1.00 20.35 ? 16  GLU A OE2 1 
ATOM   64   N  N   . PRO A 1 14  ? -13.220 -6.254  4.217   1.00 16.29 ? 17  PRO A N   1 
ATOM   65   C  CA  . PRO A 1 14  ? -12.792 -6.852  5.500   1.00 16.26 ? 17  PRO A CA  1 
ATOM   66   C  C   . PRO A 1 14  ? -12.669 -5.819  6.625   1.00 16.10 ? 17  PRO A C   1 
ATOM   67   O  O   . PRO A 1 14  ? -12.968 -6.109  7.786   1.00 16.07 ? 17  PRO A O   1 
ATOM   68   C  CB  . PRO A 1 14  ? -11.432 -7.476  5.151   1.00 16.61 ? 17  PRO A CB  1 
ATOM   69   C  CG  . PRO A 1 14  ? -11.538 -7.750  3.662   1.00 16.14 ? 17  PRO A CG  1 
ATOM   70   C  CD  . PRO A 1 14  ? -12.284 -6.575  3.122   1.00 15.93 ? 17  PRO A CD  1 
ATOM   71   N  N   . LEU A 1 15  ? -12.277 -4.602  6.267   1.00 15.98 ? 18  LEU A N   1 
ATOM   72   C  CA  . LEU A 1 15  ? -12.057 -3.540  7.243   1.00 16.12 ? 18  LEU A CA  1 
ATOM   73   C  C   . LEU A 1 15  ? -13.353 -2.993  7.844   1.00 16.78 ? 18  LEU A C   1 
ATOM   74   O  O   . LEU A 1 15  ? -13.303 -2.309  8.873   1.00 16.91 ? 18  LEU A O   1 
ATOM   75   C  CB  . LEU A 1 15  ? -11.254 -2.412  6.608   1.00 16.65 ? 18  LEU A CB  1 
ATOM   76   C  CG  . LEU A 1 15  ? -9.909  -2.785  5.996   1.00 16.35 ? 18  LEU A CG  1 
ATOM   77   C  CD1 . LEU A 1 15  ? -9.208  -1.514  5.474   1.00 15.60 ? 18  LEU A CD1 1 
ATOM   78   C  CD2 . LEU A 1 15  ? -9.032  -3.532  7.015   1.00 15.20 ? 18  LEU A CD2 1 
ATOM   79   N  N   . LEU A 1 16  ? -14.489 -3.292  7.215   1.00 16.29 ? 19  LEU A N   1 
ATOM   80   C  CA  . LEU A 1 16  ? -15.806 -2.943  7.746   1.00 16.21 ? 19  LEU A CA  1 
ATOM   81   C  C   . LEU A 1 16  ? -16.290 -3.963  8.778   1.00 16.28 ? 19  LEU A C   1 
ATOM   82   O  O   . LEU A 1 16  ? -17.342 -3.780  9.402   1.00 15.89 ? 19  LEU A O   1 
ATOM   83   C  CB  . LEU A 1 16  ? -16.819 -2.829  6.611   1.00 16.88 ? 19  LEU A CB  1 
ATOM   84   C  CG  . LEU A 1 16  ? -16.508 -1.754  5.555   1.00 18.02 ? 19  LEU A CG  1 
ATOM   85   C  CD1 . LEU A 1 16  ? -17.529 -1.776  4.428   1.00 20.29 ? 19  LEU A CD1 1 
ATOM   86   C  CD2 . LEU A 1 16  ? -16.429 -0.373  6.188   1.00 20.70 ? 19  LEU A CD2 1 
ATOM   87   N  N   . HIS A 1 17  ? -15.507 -5.022  8.976   1.00 15.27 ? 20  HIS A N   1 
ATOM   88   C  CA  . HIS A 1 17  ? -15.779 -6.004  10.015  1.00 15.24 ? 20  HIS A CA  1 
ATOM   89   C  C   . HIS A 1 17  ? -14.526 -6.133  10.905  1.00 15.04 ? 20  HIS A C   1 
ATOM   90   O  O   . HIS A 1 17  ? -13.924 -7.206  10.960  1.00 14.92 ? 20  HIS A O   1 
ATOM   91   C  CB  . HIS A 1 17  ? -16.058 -7.384  9.408   1.00 14.69 ? 20  HIS A CB  1 
ATOM   92   C  CG  . HIS A 1 17  ? -17.136 -7.429  8.374   1.00 16.05 ? 20  HIS A CG  1 
ATOM   93   N  ND1 . HIS A 1 17  ? -17.014 -6.851  7.125   1.00 18.91 ? 20  HIS A ND1 1 
ATOM   94   C  CD2 . HIS A 1 17  ? -18.325 -8.077  8.376   1.00 12.56 ? 20  HIS A CD2 1 
ATOM   95   C  CE1 . HIS A 1 17  ? -18.107 -7.109  6.422   1.00 15.10 ? 20  HIS A CE1 1 
ATOM   96   N  NE2 . HIS A 1 17  ? -18.911 -7.861  7.153   1.00 17.45 ? 20  HIS A NE2 1 
ATOM   97   N  N   . PRO A 1 18  ? -14.108 -5.041  11.567  1.00 15.05 ? 21  PRO A N   1 
ATOM   98   C  CA  . PRO A 1 18  ? -12.831 -5.038  12.276  1.00 15.04 ? 21  PRO A CA  1 
ATOM   99   C  C   . PRO A 1 18  ? -12.703 -6.036  13.420  1.00 15.24 ? 21  PRO A C   1 
ATOM   100  O  O   . PRO A 1 18  ? -11.650 -6.672  13.547  1.00 14.72 ? 21  PRO A O   1 
ATOM   101  C  CB  . PRO A 1 18  ? -12.707 -3.596  12.774  1.00 15.69 ? 21  PRO A CB  1 
ATOM   102  C  CG  . PRO A 1 18  ? -14.120 -3.084  12.807  1.00 15.10 ? 21  PRO A CG  1 
ATOM   103  C  CD  . PRO A 1 18  ? -14.770 -3.730  11.636  1.00 15.32 ? 21  PRO A CD  1 
ATOM   104  N  N   . GLU A 1 19  ? -13.743 -6.209  14.229  1.00 14.17 ? 22  GLU A N   1 
ATOM   105  C  CA  . GLU A 1 19  ? -13.684 -7.202  15.305  1.00 14.39 ? 22  GLU A CA  1 
ATOM   106  C  C   . GLU A 1 19  ? -13.533 -8.622  14.740  1.00 14.11 ? 22  GLU A C   1 
ATOM   107  O  O   . GLU A 1 19  ? -12.733 -9.450  15.240  1.00 13.92 ? 22  GLU A O   1 
ATOM   108  C  CB  . GLU A 1 19  ? -14.935 -7.116  16.181  1.00 14.55 ? 22  GLU A CB  1 
ATOM   109  C  CG  . GLU A 1 19  ? -14.901 -7.991  17.421  1.00 15.65 ? 22  GLU A CG  1 
ATOM   110  C  CD  . GLU A 1 19  ? -13.956 -7.506  18.505  1.00 21.52 ? 22  GLU A CD  1 
ATOM   111  O  OE1 . GLU A 1 19  ? -13.557 -6.313  18.485  1.00 22.67 ? 22  GLU A OE1 1 
ATOM   112  O  OE2 . GLU A 1 19  ? -13.629 -8.340  19.378  1.00 21.60 ? 22  GLU A OE2 1 
ATOM   113  N  N   . PHE A 1 20  ? -14.320 -8.900  13.710  1.00 14.00 ? 23  PHE A N   1 
ATOM   114  C  CA  . PHE A 1 20  ? -14.261 -10.177 13.005  1.00 13.89 ? 23  PHE A CA  1 
ATOM   115  C  C   . PHE A 1 20  ? -12.875 -10.430 12.400  1.00 13.70 ? 23  PHE A C   1 
ATOM   116  O  O   . PHE A 1 20  ? -12.329 -11.520 12.543  1.00 13.87 ? 23  PHE A O   1 
ATOM   117  C  CB  . PHE A 1 20  ? -15.301 -10.210 11.893  1.00 13.93 ? 23  PHE A CB  1 
ATOM   118  C  CG  . PHE A 1 20  ? -15.269 -11.476 11.088  1.00 13.13 ? 23  PHE A CG  1 
ATOM   119  C  CD1 . PHE A 1 20  ? -15.707 -12.664 11.656  1.00 14.17 ? 23  PHE A CD1 1 
ATOM   120  C  CD2 . PHE A 1 20  ? -14.781 -11.495 9.794   1.00 14.84 ? 23  PHE A CD2 1 
ATOM   121  C  CE1 . PHE A 1 20  ? -15.675 -13.851 10.950  1.00 13.73 ? 23  PHE A CE1 1 
ATOM   122  C  CE2 . PHE A 1 20  ? -14.742 -12.691 9.070   1.00 13.81 ? 23  PHE A CE2 1 
ATOM   123  C  CZ  . PHE A 1 20  ? -15.187 -13.861 9.646   1.00 13.91 ? 23  PHE A CZ  1 
ATOM   124  N  N   . LEU A 1 21  ? -12.334 -9.419  11.728  1.00 14.02 ? 24  LEU A N   1 
ATOM   125  C  CA  . LEU A 1 21  ? -10.989 -9.497  11.120  1.00 13.82 ? 24  LEU A CA  1 
ATOM   126  C  C   . LEU A 1 21  ? -9.954  -9.890  12.165  1.00 13.40 ? 24  LEU A C   1 
ATOM   127  O  O   . LEU A 1 21  ? -9.199  -10.825 11.972  1.00 14.00 ? 24  LEU A O   1 
ATOM   128  C  CB  . LEU A 1 21  ? -10.632 -8.153  10.502  1.00 13.35 ? 24  LEU A CB  1 
ATOM   129  C  CG  . LEU A 1 21  ? -9.242  -7.957  9.907   1.00 14.91 ? 24  LEU A CG  1 
ATOM   130  C  CD1 . LEU A 1 21  ? -8.999  -8.943  8.789   1.00 16.94 ? 24  LEU A CD1 1 
ATOM   131  C  CD2 . LEU A 1 21  ? -9.096  -6.524  9.443   1.00 15.38 ? 24  LEU A CD2 1 
ATOM   132  N  N   . ILE A 1 22  ? -9.958  -9.201  13.296  1.00 13.20 ? 25  ILE A N   1 
ATOM   133  C  CA  . ILE A 1 22  ? -9.008  -9.500  14.374  1.00 13.39 ? 25  ILE A CA  1 
ATOM   134  C  C   . ILE A 1 22  ? -9.206  -10.923 14.916  1.00 13.34 ? 25  ILE A C   1 
ATOM   135  O  O   . ILE A 1 22  ? -8.237  -11.647 15.172  1.00 12.54 ? 25  ILE A O   1 
ATOM   136  C  CB  . ILE A 1 22  ? -9.114  -8.449  15.514  1.00 14.09 ? 25  ILE A CB  1 
ATOM   137  C  CG1 . ILE A 1 22  ? -8.698  -7.056  15.011  1.00 15.52 ? 25  ILE A CG1 1 
ATOM   138  C  CG2 . ILE A 1 22  ? -8.259  -8.868  16.702  1.00 13.72 ? 25  ILE A CG2 1 
ATOM   139  C  CD1 . ILE A 1 22  ? -7.309  -6.974  14.503  1.00 19.09 ? 25  ILE A CD1 1 
ATOM   140  N  N   . ASP A 1 23  ? -10.456 -11.359 15.055  1.00 13.75 ? 26  ASP A N   1 
ATOM   141  C  CA  . ASP A 1 23  ? -10.732 -12.722 15.500  1.00 13.89 ? 26  ASP A CA  1 
ATOM   142  C  C   . ASP A 1 23  ? -10.155 -13.766 14.527  1.00 13.32 ? 26  ASP A C   1 
ATOM   143  O  O   . ASP A 1 23  ? -9.507  -14.726 14.940  1.00 13.31 ? 26  ASP A O   1 
ATOM   144  C  CB  . ASP A 1 23  ? -12.229 -12.936 15.662  1.00 14.57 ? 26  ASP A CB  1 
ATOM   145  C  CG  . ASP A 1 23  ? -12.553 -14.278 16.270  1.00 18.43 ? 26  ASP A CG  1 
ATOM   146  O  OD1 . ASP A 1 23  ? -12.130 -14.534 17.413  1.00 22.36 ? 26  ASP A OD1 1 
ATOM   147  O  OD2 . ASP A 1 23  ? -13.191 -15.079 15.581  1.00 21.18 ? 26  ASP A OD2 1 
ATOM   148  N  N   . ILE A 1 24  ? -10.379 -13.573 13.238  1.00 13.11 ? 27  ILE A N   1 
ATOM   149  C  CA  . ILE A 1 24  ? -9.866  -14.514 12.241  1.00 12.35 ? 27  ILE A CA  1 
ATOM   150  C  C   . ILE A 1 24  ? -8.344  -14.474 12.237  1.00 12.33 ? 27  ILE A C   1 
ATOM   151  O  O   . ILE A 1 24  ? -7.691  -15.508 12.184  1.00 12.50 ? 27  ILE A O   1 
ATOM   152  C  CB  . ILE A 1 24  ? -10.416 -14.209 10.848  1.00 12.78 ? 27  ILE A CB  1 
ATOM   153  C  CG1 . ILE A 1 24  ? -11.946 -14.380 10.807  1.00 12.98 ? 27  ILE A CG1 1 
ATOM   154  C  CG2 . ILE A 1 24  ? -9.708  -15.102 9.793   1.00 12.63 ? 27  ILE A CG2 1 
ATOM   155  C  CD1 . ILE A 1 24  ? -12.485 -15.731 11.288  1.00 13.23 ? 27  ILE A CD1 1 
ATOM   156  N  N   . LEU A 1 25  ? -7.771  -13.277 12.297  1.00 12.10 ? 28  LEU A N   1 
ATOM   157  C  CA  . LEU A 1 25  ? -6.315  -13.147 12.391  1.00 12.65 ? 28  LEU A CA  1 
ATOM   158  C  C   . LEU A 1 25  ? -5.752  -13.899 13.604  1.00 12.44 ? 28  LEU A C   1 
ATOM   159  O  O   . LEU A 1 25  ? -4.767  -14.622 13.485  1.00 11.51 ? 28  LEU A O   1 
ATOM   160  C  CB  . LEU A 1 25  ? -5.918  -11.673 12.436  1.00 11.91 ? 28  LEU A CB  1 
ATOM   161  C  CG  . LEU A 1 25  ? -6.080  -10.901 11.124  1.00 13.06 ? 28  LEU A CG  1 
ATOM   162  C  CD1 . LEU A 1 25  ? -5.821  -9.407  11.376  1.00 11.58 ? 28  LEU A CD1 1 
ATOM   163  C  CD2 . LEU A 1 25  ? -5.133  -11.409 10.031  1.00 12.80 ? 28  LEU A CD2 1 
ATOM   164  N  N   . LYS A 1 26  ? -6.386  -13.749 14.761  1.00 12.91 ? 29  LYS A N   1 
ATOM   165  C  CA  . LYS A 1 26  ? -5.955  -14.500 15.947  1.00 13.75 ? 29  LYS A CA  1 
ATOM   166  C  C   . LYS A 1 26  ? -6.001  -16.016 15.735  1.00 13.39 ? 29  LYS A C   1 
ATOM   167  O  O   . LYS A 1 26  ? -5.049  -16.728 16.061  1.00 13.21 ? 29  LYS A O   1 
ATOM   168  C  CB  . LYS A 1 26  ? -6.786  -14.107 17.161  1.00 14.54 ? 29  LYS A CB  1 
ATOM   169  C  CG  . LYS A 1 26  ? -6.379  -12.757 17.706  1.00 16.46 ? 29  LYS A CG  1 
ATOM   170  C  CD  . LYS A 1 26  ? -7.259  -12.278 18.824  1.00 17.45 ? 29  LYS A CD  1 
ATOM   171  C  CE  . LYS A 1 26  ? -6.671  -11.049 19.471  1.00 21.14 ? 29  LYS A CE  1 
ATOM   172  N  NZ  . LYS A 1 26  ? -7.614  -10.504 20.494  1.00 24.30 ? 29  LYS A NZ  1 
ATOM   173  N  N   . ARG A 1 27  ? -7.094  -16.503 15.164  1.00 13.56 ? 30  ARG A N   1 
ATOM   174  C  CA  . ARG A 1 27  ? -7.247  -17.932 14.879  1.00 13.65 ? 30  ARG A CA  1 
ATOM   175  C  C   . ARG A 1 27  ? -6.162  -18.445 13.926  1.00 13.20 ? 30  ARG A C   1 
ATOM   176  O  O   . ARG A 1 27  ? -5.584  -19.513 14.136  1.00 13.11 ? 30  ARG A O   1 
ATOM   177  C  CB  . ARG A 1 27  ? -8.632  -18.212 14.296  1.00 13.71 ? 30  ARG A CB  1 
ATOM   178  C  CG  . ARG A 1 27  ? -9.758  -18.048 15.303  1.00 14.35 ? 30  ARG A CG  1 
ATOM   179  C  CD  . ARG A 1 27  ? -11.118 -18.071 14.634  1.00 15.31 ? 30  ARG A CD  1 
ATOM   180  N  NE  . ARG A 1 27  ? -12.176 -17.807 15.594  1.00 16.54 ? 30  ARG A NE  1 
ATOM   181  C  CZ  . ARG A 1 27  ? -12.714 -18.729 16.379  1.00 16.89 ? 30  ARG A CZ  1 
ATOM   182  N  NH1 . ARG A 1 27  ? -12.332 -19.994 16.297  1.00 16.44 ? 30  ARG A NH1 1 
ATOM   183  N  NH2 . ARG A 1 27  ? -13.655 -18.385 17.243  1.00 18.69 ? 30  ARG A NH2 1 
ATOM   184  N  N   . CYS A 1 28  ? -5.882  -17.676 12.883  1.00 13.43 ? 31  CYS A N   1 
ATOM   185  C  CA  . CYS A 1 28  ? -4.830  -18.034 11.927  1.00 13.55 ? 31  CYS A CA  1 
ATOM   186  C  C   . CYS A 1 28  ? -3.440  -18.052 12.583  1.00 13.64 ? 31  CYS A C   1 
ATOM   187  O  O   . CYS A 1 28  ? -2.620  -18.928 12.292  1.00 13.55 ? 31  CYS A O   1 
ATOM   188  C  CB  . CYS A 1 28  ? -4.863  -17.099 10.720  1.00 13.39 ? 31  CYS A CB  1 
ATOM   189  S  SG  . CYS A 1 28  ? -6.294  -17.345 9.637   1.00 14.05 ? 31  CYS A SG  1 
ATOM   190  N  N   . GLY A 1 29  ? -3.192  -17.108 13.483  1.00 13.81 ? 32  GLY A N   1 
ATOM   191  C  CA  . GLY A 1 29  ? -1.922  -17.059 14.218  1.00 14.48 ? 32  GLY A CA  1 
ATOM   192  C  C   . GLY A 1 29  ? -1.694  -18.318 15.045  1.00 15.17 ? 32  GLY A C   1 
ATOM   193  O  O   . GLY A 1 29  ? -0.589  -18.865 15.078  1.00 15.20 ? 32  GLY A O   1 
ATOM   194  N  N   . GLN A 1 30  ? -2.748  -18.790 15.688  1.00 15.56 ? 33  GLN A N   1 
ATOM   195  C  CA  . GLN A 1 30  ? -2.667  -20.015 16.516  1.00 16.41 ? 33  GLN A CA  1 
ATOM   196  C  C   . GLN A 1 30  ? -2.255  -21.211 15.674  1.00 16.33 ? 33  GLN A C   1 
ATOM   197  O  O   . GLN A 1 30  ? -1.498  -22.080 16.129  1.00 16.67 ? 33  GLN A O   1 
ATOM   198  C  CB  . GLN A 1 30  ? -4.010  -20.296 17.177  1.00 16.43 ? 33  GLN A CB  1 
ATOM   199  C  CG  . GLN A 1 30  ? -4.396  -19.283 18.225  1.00 17.93 ? 33  GLN A CG  1 
ATOM   200  C  CD  . GLN A 1 30  ? -5.830  -19.417 18.701  1.00 19.60 ? 33  GLN A CD  1 
ATOM   201  O  OE1 . GLN A 1 30  ? -6.665  -20.102 18.090  1.00 21.45 ? 33  GLN A OE1 1 
ATOM   202  N  NE2 . GLN A 1 30  ? -6.119  -18.781 19.829  1.00 24.72 ? 33  GLN A NE2 1 
ATOM   203  N  N   . GLN A 1 31  ? -2.750  -21.255 14.440  1.00 16.17 ? 34  GLN A N   1 
ATOM   204  C  CA  . GLN A 1 31  ? -2.436  -22.350 13.509  1.00 16.42 ? 34  GLN A CA  1 
ATOM   205  C  C   . GLN A 1 31  ? -1.108  -22.123 12.749  1.00 16.36 ? 34  GLN A C   1 
ATOM   206  O  O   . GLN A 1 31  ? -0.717  -22.936 11.914  1.00 17.18 ? 34  GLN A O   1 
ATOM   207  C  CB  . GLN A 1 31  ? -3.621  -22.560 12.547  1.00 16.28 ? 34  GLN A CB  1 
ATOM   208  C  CG  . GLN A 1 31  ? -4.880  -23.186 13.218  1.00 16.72 ? 34  GLN A CG  1 
ATOM   209  C  CD  . GLN A 1 31  ? -4.811  -24.711 13.394  1.00 17.90 ? 34  GLN A CD  1 
ATOM   210  O  OE1 . GLN A 1 31  ? -3.918  -25.351 12.857  1.00 17.94 ? 34  GLN A OE1 1 
ATOM   211  N  NE2 . GLN A 1 31  ? -5.769  -25.299 14.137  1.00 18.23 ? 34  GLN A NE2 1 
ATOM   212  N  N   . GLY A 1 32  ? -0.410  -21.028 13.041  1.00 15.81 ? 35  GLY A N   1 
ATOM   213  C  CA  . GLY A 1 32  ? 0.901   -20.770 12.462  1.00 16.48 ? 35  GLY A CA  1 
ATOM   214  C  C   . GLY A 1 32  ? 0.871   -20.318 11.008  1.00 16.91 ? 35  GLY A C   1 
ATOM   215  O  O   . GLY A 1 32  ? 1.852   -20.475 10.280  1.00 18.28 ? 35  GLY A O   1 
ATOM   216  N  N   . ILE A 1 33  ? -0.259  -19.762 10.591  1.00 15.43 ? 36  ILE A N   1 
ATOM   217  C  CA  . ILE A 1 33  ? -0.465  -19.350 9.221   1.00 15.51 ? 36  ILE A CA  1 
ATOM   218  C  C   . ILE A 1 33  ? -0.025  -17.882 9.104   1.00 14.70 ? 36  ILE A C   1 
ATOM   219  O  O   . ILE A 1 33  ? -0.390  -17.058 9.944   1.00 14.96 ? 36  ILE A O   1 
ATOM   220  C  CB  . ILE A 1 33  ? -1.940  -19.573 8.797   1.00 15.25 ? 36  ILE A CB  1 
ATOM   221  C  CG1 . ILE A 1 33  ? -2.232  -21.100 8.782   1.00 17.82 ? 36  ILE A CG1 1 
ATOM   222  C  CG2 . ILE A 1 33  ? -2.198  -18.948 7.421   1.00 15.14 ? 36  ILE A CG2 1 
ATOM   223  C  CD1 . ILE A 1 33  ? -3.653  -21.469 8.465   1.00 18.99 ? 36  ILE A CD1 1 
ATOM   224  N  N   . HIS A 1 34  ? 0.798   -17.595 8.099   1.00 14.19 ? 37  HIS A N   1 
ATOM   225  C  CA  . HIS A 1 34  ? 1.261   -16.214 7.823   1.00 13.85 ? 37  HIS A CA  1 
ATOM   226  C  C   . HIS A 1 34  ? 0.086   -15.353 7.413   1.00 13.64 ? 37  HIS A C   1 
ATOM   227  O  O   . HIS A 1 34  ? -0.787  -15.802 6.657   1.00 13.79 ? 37  HIS A O   1 
ATOM   228  C  CB  . HIS A 1 34  ? 2.318   -16.229 6.723   1.00 14.85 ? 37  HIS A CB  1 
ATOM   229  C  CG  . HIS A 1 34  ? 2.860   -14.883 6.356   1.00 15.73 ? 37  HIS A CG  1 
ATOM   230  N  ND1 . HIS A 1 34  ? 2.188   -14.001 5.531   1.00 19.18 ? 37  HIS A ND1 1 
ATOM   231  C  CD2 . HIS A 1 34  ? 4.046   -14.293 6.654   1.00 19.15 ? 37  HIS A CD2 1 
ATOM   232  C  CE1 . HIS A 1 34  ? 2.919   -12.911 5.374   1.00 19.84 ? 37  HIS A CE1 1 
ATOM   233  N  NE2 . HIS A 1 34  ? 4.056   -13.071 6.031   1.00 17.69 ? 37  HIS A NE2 1 
ATOM   234  N  N   . ARG A 1 35  ? 0.065   -14.114 7.911   1.00 12.56 ? 38  ARG A N   1 
ATOM   235  C  CA  . ARG A 1 35  ? -1.063  -13.198 7.732   1.00 12.29 ? 38  ARG A CA  1 
ATOM   236  C  C   . ARG A 1 35  ? -0.647  -11.838 7.179   1.00 12.08 ? 38  ARG A C   1 
ATOM   237  O  O   . ARG A 1 35  ? 0.235   -11.171 7.738   1.00 12.64 ? 38  ARG A O   1 
ATOM   238  C  CB  . ARG A 1 35  ? -1.752  -12.971 9.080   1.00 11.77 ? 38  ARG A CB  1 
ATOM   239  C  CG  . ARG A 1 35  ? -2.269  -14.249 9.736   1.00 11.22 ? 38  ARG A CG  1 
ATOM   240  C  CD  . ARG A 1 35  ? -2.402  -14.085 11.229  1.00 12.57 ? 38  ARG A CD  1 
ATOM   241  N  NE  . ARG A 1 35  ? -1.120  -13.819 11.870  1.00 11.83 ? 38  ARG A NE  1 
ATOM   242  C  CZ  . ARG A 1 35  ? -0.979  -13.620 13.172  1.00 12.67 ? 38  ARG A CZ  1 
ATOM   243  N  NH1 . ARG A 1 35  ? -2.016  -13.718 13.981  1.00 12.47 ? 38  ARG A NH1 1 
ATOM   244  N  NH2 . ARG A 1 35  ? 0.220   -13.352 13.674  1.00 14.70 ? 38  ARG A NH2 1 
ATOM   245  N  N   . ALA A 1 36  ? -1.296  -11.425 6.090   1.00 12.49 ? 39  ALA A N   1 
ATOM   246  C  CA  . ALA A 1 36  ? -1.089  -10.096 5.497   1.00 12.79 ? 39  ALA A CA  1 
ATOM   247  C  C   . ALA A 1 36  ? -2.426  -9.401  5.416   1.00 13.20 ? 39  ALA A C   1 
ATOM   248  O  O   . ALA A 1 36  ? -3.420  -10.029 5.060   1.00 13.09 ? 39  ALA A O   1 
ATOM   249  C  CB  . ALA A 1 36  ? -0.487  -10.207 4.096   1.00 13.03 ? 39  ALA A CB  1 
ATOM   250  N  N   . VAL A 1 37  ? -2.447  -8.111  5.716   1.00 13.59 ? 40  VAL A N   1 
ATOM   251  C  CA  . VAL A 1 37  ? -3.704  -7.362  5.759   1.00 13.46 ? 40  VAL A CA  1 
ATOM   252  C  C   . VAL A 1 37  ? -3.559  -6.026  5.028   1.00 13.46 ? 40  VAL A C   1 
ATOM   253  O  O   . VAL A 1 37  ? -2.671  -5.234  5.327   1.00 14.55 ? 40  VAL A O   1 
ATOM   254  C  CB  . VAL A 1 37  ? -4.163  -7.082  7.186   1.00 13.81 ? 40  VAL A CB  1 
ATOM   255  C  CG1 . VAL A 1 37  ? -5.499  -6.335  7.172   1.00 14.72 ? 40  VAL A CG1 1 
ATOM   256  C  CG2 . VAL A 1 37  ? -4.259  -8.408  8.005   1.00 13.43 ? 40  VAL A CG2 1 
ATOM   257  N  N   . ASP A 1 38  ? -4.455  -5.785  4.090   1.00 14.44 ? 41  ASP A N   1 
ATOM   258  C  CA  . ASP A 1 38  ? -4.591  -4.485  3.423   1.00 14.64 ? 41  ASP A CA  1 
ATOM   259  C  C   . ASP A 1 38  ? -5.293  -3.500  4.352   1.00 15.56 ? 41  ASP A C   1 
ATOM   260  O  O   . ASP A 1 38  ? -6.485  -3.673  4.663   1.00 16.20 ? 41  ASP A O   1 
ATOM   261  C  CB  . ASP A 1 38  ? -5.381  -4.689  2.131   1.00 14.49 ? 41  ASP A CB  1 
ATOM   262  C  CG  . ASP A 1 38  ? -5.612  -3.413  1.335   1.00 15.52 ? 41  ASP A CG  1 
ATOM   263  O  OD1 . ASP A 1 38  ? -5.242  -2.309  1.782   1.00 15.74 ? 41  ASP A OD1 1 
ATOM   264  O  OD2 . ASP A 1 38  ? -6.239  -3.531  0.250   1.00 17.57 ? 41  ASP A OD2 1 
ATOM   265  N  N   . THR A 1 39  ? -4.565  -2.485  4.819   1.00 15.82 ? 42  THR A N   1 
ATOM   266  C  CA  . THR A 1 39  ? -5.097  -1.501  5.755   1.00 16.32 ? 42  THR A CA  1 
ATOM   267  C  C   . THR A 1 39  ? -5.276  -0.114  5.095   1.00 16.38 ? 42  THR A C   1 
ATOM   268  O  O   . THR A 1 39  ? -5.453  0.898   5.785   1.00 17.25 ? 42  THR A O   1 
ATOM   269  C  CB  . THR A 1 39  ? -4.185  -1.349  6.992   1.00 16.60 ? 42  THR A CB  1 
ATOM   270  O  OG1 . THR A 1 39  ? -2.888  -0.916  6.577   1.00 17.39 ? 42  THR A OG1 1 
ATOM   271  C  CG2 . THR A 1 39  ? -4.074  -2.687  7.768   1.00 16.89 ? 42  THR A CG2 1 
ATOM   272  N  N   . THR A 1 40  ? -5.250  -0.083  3.767   1.00 16.16 ? 43  THR A N   1 
ATOM   273  C  CA  . THR A 1 40  ? -5.337  1.167   3.018   1.00 16.66 ? 43  THR A CA  1 
ATOM   274  C  C   . THR A 1 40  ? -6.448  2.064   3.560   1.00 17.68 ? 43  THR A C   1 
ATOM   275  O  O   . THR A 1 40  ? -6.209  3.233   3.883   1.00 17.94 ? 43  THR A O   1 
ATOM   276  C  CB  . THR A 1 40  ? -5.569  0.900   1.522   1.00 15.69 ? 43  THR A CB  1 
ATOM   277  O  OG1 . THR A 1 40  ? -4.552  0.019   1.002   1.00 15.29 ? 43  THR A OG1 1 
ATOM   278  C  CG2 . THR A 1 40  ? -5.576  2.208   0.726   1.00 16.03 ? 43  THR A CG2 1 
ATOM   279  N  N   . LEU A 1 41  ? -7.650  1.504   3.687   1.00 18.41 ? 44  LEU A N   1 
ATOM   280  C  CA  . LEU A 1 41  ? -8.844  2.285   4.049   1.00 19.12 ? 44  LEU A CA  1 
ATOM   281  C  C   . LEU A 1 41  ? -9.245  2.260   5.526   1.00 19.74 ? 44  LEU A C   1 
ATOM   282  O  O   . LEU A 1 41  ? -10.361 2.674   5.867   1.00 19.17 ? 44  LEU A O   1 
ATOM   283  C  CB  . LEU A 1 41  ? -10.022 1.837   3.186   1.00 18.99 ? 44  LEU A CB  1 
ATOM   284  C  CG  . LEU A 1 41  ? -9.824  1.982   1.668   1.00 20.36 ? 44  LEU A CG  1 
ATOM   285  C  CD1 . LEU A 1 41  ? -11.002 1.361   0.917   1.00 20.96 ? 44  LEU A CD1 1 
ATOM   286  C  CD2 . LEU A 1 41  ? -9.651  3.443   1.272   1.00 20.35 ? 44  LEU A CD2 1 
ATOM   287  N  N   . LEU A 1 42  ? -8.357  1.796   6.397   1.00 20.74 ? 45  LEU A N   1 
ATOM   288  C  CA  . LEU A 1 42  ? -8.653  1.730   7.832   1.00 21.98 ? 45  LEU A CA  1 
ATOM   289  C  C   . LEU A 1 42  ? -8.670  3.132   8.421   1.00 23.73 ? 45  LEU A C   1 
ATOM   290  O  O   . LEU A 1 42  ? -7.683  3.860   8.346   1.00 24.74 ? 45  LEU A O   1 
ATOM   291  C  CB  . LEU A 1 42  ? -7.631  0.881   8.591   1.00 22.57 ? 45  LEU A CB  1 
ATOM   292  C  CG  . LEU A 1 42  ? -8.037  -0.473  9.146   1.00 24.41 ? 45  LEU A CG  1 
ATOM   293  C  CD1 . LEU A 1 42  ? -6.937  -1.021  10.055  1.00 22.84 ? 45  LEU A CD1 1 
ATOM   294  C  CD2 . LEU A 1 42  ? -9.382  -0.412  9.867   1.00 22.94 ? 45  LEU A CD2 1 
ATOM   295  N  N   . ALA A 1 43  ? -9.804  3.505   8.990   1.00 24.67 ? 46  ALA A N   1 
ATOM   296  C  CA  . ALA A 1 43  ? -9.988  4.851   9.503   1.00 25.90 ? 46  ALA A CA  1 
ATOM   297  C  C   . ALA A 1 43  ? -9.325  5.054   10.858  1.00 26.45 ? 46  ALA A C   1 
ATOM   298  O  O   . ALA A 1 43  ? -8.654  6.068   11.066  1.00 27.60 ? 46  ALA A O   1 
ATOM   299  C  CB  . ALA A 1 43  ? -11.464 5.168   9.599   1.00 26.42 ? 46  ALA A CB  1 
ATOM   300  N  N   . ARG A 1 44  ? -9.486  4.099   11.768  1.00 26.40 ? 47  ARG A N   1 
ATOM   301  C  CA  A ARG A 1 44  ? -9.121  4.347   13.153  0.50 26.85 ? 47  ARG A CA  1 
ATOM   302  C  CA  B ARG A 1 44  ? -9.148  4.290   13.187  0.50 26.68 ? 47  ARG A CA  1 
ATOM   303  C  C   . ARG A 1 44  ? -7.751  3.797   13.522  1.00 26.55 ? 47  ARG A C   1 
ATOM   304  O  O   . ARG A 1 44  ? -7.442  2.626   13.312  1.00 25.33 ? 47  ARG A O   1 
ATOM   305  C  CB  A ARG A 1 44  ? -10.216 3.848   14.086  0.50 26.95 ? 47  ARG A CB  1 
ATOM   306  C  CB  B ARG A 1 44  ? -10.145 3.554   14.097  0.50 27.08 ? 47  ARG A CB  1 
ATOM   307  C  CG  A ARG A 1 44  ? -11.463 4.727   13.991  0.50 27.77 ? 47  ARG A CG  1 
ATOM   308  C  CG  B ARG A 1 44  ? -11.533 4.185   14.181  0.50 28.81 ? 47  ARG A CG  1 
ATOM   309  C  CD  A ARG A 1 44  ? -12.622 4.169   14.780  0.50 28.16 ? 47  ARG A CD  1 
ATOM   310  C  CD  B ARG A 1 44  ? -12.628 3.288   13.600  0.50 30.52 ? 47  ARG A CD  1 
ATOM   311  N  NE  A ARG A 1 44  ? -12.281 4.017   16.190  0.50 29.51 ? 47  ARG A NE  1 
ATOM   312  N  NE  B ARG A 1 44  ? -12.413 2.997   12.182  0.50 31.33 ? 47  ARG A NE  1 
ATOM   313  C  CZ  A ARG A 1 44  ? -11.986 2.873   16.804  0.50 30.23 ? 47  ARG A CZ  1 
ATOM   314  C  CZ  B ARG A 1 44  ? -12.070 1.813   11.671  0.50 30.56 ? 47  ARG A CZ  1 
ATOM   315  N  NH1 A ARG A 1 44  ? -11.988 1.707   16.161  0.50 30.80 ? 47  ARG A NH1 1 
ATOM   316  N  NH1 B ARG A 1 44  ? -11.918 1.709   10.359  0.50 29.75 ? 47  ARG A NH1 1 
ATOM   317  N  NH2 A ARG A 1 44  ? -11.696 2.898   18.096  0.50 30.57 ? 47  ARG A NH2 1 
ATOM   318  N  NH2 B ARG A 1 44  ? -11.907 0.732   12.440  0.50 31.20 ? 47  ARG A NH2 1 
ATOM   319  N  N   . LYS A 1 45  ? -6.928  4.675   14.076  1.00 26.23 ? 48  LYS A N   1 
ATOM   320  C  CA  . LYS A 1 45  ? -5.574  4.307   14.436  1.00 26.58 ? 48  LYS A CA  1 
ATOM   321  C  C   . LYS A 1 45  ? -5.501  3.151   15.457  1.00 25.76 ? 48  LYS A C   1 
ATOM   322  O  O   . LYS A 1 45  ? -4.596  2.322   15.362  1.00 25.09 ? 48  LYS A O   1 
ATOM   323  C  CB  . LYS A 1 45  ? -4.769  5.535   14.888  1.00 27.35 ? 48  LYS A CB  1 
ATOM   324  C  CG  . LYS A 1 45  ? -5.316  6.288   16.066  1.00 28.95 ? 48  LYS A CG  1 
ATOM   325  C  CD  . LYS A 1 45  ? -4.668  7.675   16.185  1.00 29.40 ? 48  LYS A CD  1 
ATOM   326  C  CE  . LYS A 1 45  ? -5.429  8.565   17.134  1.00 31.34 ? 48  LYS A CE  1 
ATOM   327  N  NZ  . LYS A 1 45  ? -5.604  7.950   18.487  1.00 34.79 ? 48  LYS A NZ  1 
ATOM   328  N  N   . GLU A 1 46  ? -6.447  3.061   16.397  1.00 24.96 ? 49  GLU A N   1 
ATOM   329  C  CA  . GLU A 1 46  ? -6.431  1.939   17.358  1.00 25.58 ? 49  GLU A CA  1 
ATOM   330  C  C   . GLU A 1 46  ? -6.627  0.601   16.627  1.00 24.27 ? 49  GLU A C   1 
ATOM   331  O  O   . GLU A 1 46  ? -6.094  -0.425  17.051  1.00 24.44 ? 49  GLU A O   1 
ATOM   332  C  CB  . GLU A 1 46  ? -7.465  2.094   18.501  1.00 26.04 ? 49  GLU A CB  1 
ATOM   333  C  CG  . GLU A 1 46  ? -8.829  1.415   18.263  1.00 28.75 ? 49  GLU A CG  1 
ATOM   334  C  CD  . GLU A 1 46  ? -9.640  1.136   19.547  1.00 29.64 ? 49  GLU A CD  1 
ATOM   335  O  OE1 . GLU A 1 46  ? -9.603  1.938   20.513  1.00 34.93 ? 49  GLU A OE1 1 
ATOM   336  O  OE2 . GLU A 1 46  ? -10.354 0.105   19.572  1.00 36.21 ? 49  GLU A OE2 1 
ATOM   337  N  N   . THR A 1 47  ? -7.386  0.615   15.534  1.00 23.11 ? 50  THR A N   1 
ATOM   338  C  CA  . THR A 1 47  ? -7.610  -0.610  14.768  1.00 22.40 ? 50  THR A CA  1 
ATOM   339  C  C   . THR A 1 47  ? -6.371  -1.010  13.978  1.00 21.53 ? 50  THR A C   1 
ATOM   340  O  O   . THR A 1 47  ? -6.048  -2.189  13.896  1.00 20.34 ? 50  THR A O   1 
ATOM   341  C  CB  . THR A 1 47  ? -8.794  -0.496  13.808  1.00 23.20 ? 50  THR A CB  1 
ATOM   342  O  OG1 . THR A 1 47  ? -9.929  0.011   14.527  1.00 23.27 ? 50  THR A OG1 1 
ATOM   343  C  CG2 . THR A 1 47  ? -9.119  -1.887  13.219  1.00 22.46 ? 50  THR A CG2 1 
ATOM   344  N  N   . VAL A 1 48  ? -5.682  -0.031  13.402  1.00 20.03 ? 51  VAL A N   1 
ATOM   345  C  CA  . VAL A 1 48  ? -4.418  -0.304  12.719  1.00 20.18 ? 51  VAL A CA  1 
ATOM   346  C  C   . VAL A 1 48  ? -3.454  -0.941  13.719  1.00 19.47 ? 51  VAL A C   1 
ATOM   347  O  O   . VAL A 1 48  ? -2.804  -1.915  13.418  1.00 19.21 ? 51  VAL A O   1 
ATOM   348  C  CB  . VAL A 1 48  ? -3.791  0.969   12.117  1.00 20.38 ? 51  VAL A CB  1 
ATOM   349  C  CG1 . VAL A 1 48  ? -2.422  0.653   11.491  1.00 20.91 ? 51  VAL A CG1 1 
ATOM   350  C  CG2 . VAL A 1 48  ? -4.737  1.599   11.079  1.00 20.69 ? 51  VAL A CG2 1 
ATOM   351  N  N   . ASP A 1 49  ? -3.381  -0.391  14.925  1.00 19.47 ? 52  ASP A N   1 
ATOM   352  C  CA  . ASP A 1 49  ? -2.498  -0.942  15.961  1.00 19.29 ? 52  ASP A CA  1 
ATOM   353  C  C   . ASP A 1 49  ? -2.853  -2.389  16.314  1.00 19.05 ? 52  ASP A C   1 
ATOM   354  O  O   . ASP A 1 49  ? -1.958  -3.243  16.434  1.00 18.76 ? 52  ASP A O   1 
ATOM   355  C  CB  . ASP A 1 49  ? -2.561  -0.085  17.231  1.00 19.35 ? 52  ASP A CB  1 
ATOM   356  C  CG  . ASP A 1 49  ? -1.919  1.271   17.063  1.00 21.00 ? 52  ASP A CG  1 
ATOM   357  O  OD1 . ASP A 1 49  ? -1.249  1.515   16.040  1.00 23.25 ? 52  ASP A OD1 1 
ATOM   358  O  OD2 . ASP A 1 49  ? -2.089  2.106   17.984  1.00 21.74 ? 52  ASP A OD2 1 
ATOM   359  N  N   . GLU A 1 50  ? -4.145  -2.674  16.467  1.00 18.81 ? 53  GLU A N   1 
ATOM   360  C  CA  A GLU A 1 50  ? -4.591  -4.026  16.812  0.50 18.65 ? 53  GLU A CA  1 
ATOM   361  C  CA  B GLU A 1 50  ? -4.595  -4.021  16.809  0.50 19.01 ? 53  GLU A CA  1 
ATOM   362  C  C   . GLU A 1 50  ? -4.344  -5.005  15.666  1.00 18.09 ? 53  GLU A C   1 
ATOM   363  O  O   . GLU A 1 50  ? -3.973  -6.145  15.901  1.00 17.97 ? 53  GLU A O   1 
ATOM   364  C  CB  A GLU A 1 50  ? -6.069  -4.044  17.214  0.50 18.90 ? 53  GLU A CB  1 
ATOM   365  C  CB  B GLU A 1 50  ? -6.075  -4.026  17.199  0.50 19.15 ? 53  GLU A CB  1 
ATOM   366  C  CG  A GLU A 1 50  ? -6.573  -5.394  17.758  0.50 19.71 ? 53  GLU A CG  1 
ATOM   367  C  CG  B GLU A 1 50  ? -6.451  -5.186  18.111  0.50 20.71 ? 53  GLU A CG  1 
ATOM   368  C  CD  A GLU A 1 50  ? -5.912  -5.826  19.071  0.50 21.67 ? 53  GLU A CD  1 
ATOM   369  C  CD  B GLU A 1 50  ? -7.902  -5.152  18.575  0.50 21.16 ? 53  GLU A CD  1 
ATOM   370  O  OE1 A GLU A 1 50  ? -5.365  -4.968  19.797  0.50 20.94 ? 53  GLU A OE1 1 
ATOM   371  O  OE1 B GLU A 1 50  ? -8.340  -6.139  19.206  0.50 22.48 ? 53  GLU A OE1 1 
ATOM   372  O  OE2 A GLU A 1 50  ? -5.947  -7.041  19.379  0.50 24.33 ? 53  GLU A OE2 1 
ATOM   373  O  OE2 B GLU A 1 50  ? -8.602  -4.145  18.310  0.50 25.86 ? 53  GLU A OE2 1 
ATOM   374  N  N   . VAL A 1 51  ? -4.553  -4.563  14.427  1.00 17.64 ? 54  VAL A N   1 
ATOM   375  C  CA  . VAL A 1 51  ? -4.230  -5.400  13.261  1.00 17.70 ? 54  VAL A CA  1 
ATOM   376  C  C   . VAL A 1 51  ? -2.739  -5.755  13.256  1.00 17.50 ? 54  VAL A C   1 
ATOM   377  O  O   . VAL A 1 51  ? -2.372  -6.914  13.090  1.00 16.80 ? 54  VAL A O   1 
ATOM   378  C  CB  . VAL A 1 51  ? -4.622  -4.733  11.927  1.00 17.77 ? 54  VAL A CB  1 
ATOM   379  C  CG1 . VAL A 1 51  ? -3.999  -5.505  10.742  1.00 18.20 ? 54  VAL A CG1 1 
ATOM   380  C  CG2 . VAL A 1 51  ? -6.156  -4.694  11.790  1.00 18.28 ? 54  VAL A CG2 1 
HETATM 381  N  N   . MSE A 1 52  ? -1.875  -4.772  13.500  1.00 17.84 ? 55  MSE A N   1 
HETATM 382  C  CA  . MSE A 1 52  ? -0.431  -5.038  13.568  1.00 17.96 ? 55  MSE A CA  1 
HETATM 383  C  C   . MSE A 1 52  ? -0.051  -6.051  14.659  1.00 18.03 ? 55  MSE A C   1 
HETATM 384  O  O   . MSE A 1 52  ? 0.874   -6.833  14.487  1.00 18.54 ? 55  MSE A O   1 
HETATM 385  C  CB  . MSE A 1 52  ? 0.353   -3.739  13.741  1.00 17.98 ? 55  MSE A CB  1 
HETATM 386  C  CG  . MSE A 1 52  ? 0.401   -2.880  12.502  1.00 18.34 ? 55  MSE A CG  1 
HETATM 387  SE SE  . MSE A 1 52  ? 1.633   -1.376  12.676  0.80 21.13 ? 55  MSE A SE  1 
HETATM 388  C  CE  . MSE A 1 52  ? 0.612   -0.281  13.901  1.00 19.53 ? 55  MSE A CE  1 
ATOM   389  N  N   . ARG A 1 53  ? -0.774  -6.062  15.773  1.00 17.06 ? 56  ARG A N   1 
ATOM   390  C  CA  . ARG A 1 53  ? -0.515  -7.043  16.809  1.00 17.39 ? 56  ARG A CA  1 
ATOM   391  C  C   . ARG A 1 53  ? -0.881  -8.472  16.391  1.00 16.89 ? 56  ARG A C   1 
ATOM   392  O  O   . ARG A 1 53  ? -0.457  -9.439  17.039  1.00 16.46 ? 56  ARG A O   1 
ATOM   393  C  CB  . ARG A 1 53  ? -1.260  -6.666  18.088  1.00 17.69 ? 56  ARG A CB  1 
ATOM   394  C  CG  . ARG A 1 53  ? -0.622  -5.517  18.826  1.00 19.62 ? 56  ARG A CG  1 
ATOM   395  C  CD  . ARG A 1 53  ? -1.191  -5.385  20.225  1.00 21.74 ? 56  ARG A CD  1 
ATOM   396  N  NE  . ARG A 1 53  ? -2.405  -4.593  20.216  1.00 26.75 ? 56  ARG A NE  1 
ATOM   397  C  CZ  . ARG A 1 53  ? -2.442  -3.260  20.252  1.00 27.12 ? 56  ARG A CZ  1 
ATOM   398  N  NH1 . ARG A 1 53  ? -3.604  -2.640  20.217  1.00 26.35 ? 56  ARG A NH1 1 
ATOM   399  N  NH2 . ARG A 1 53  ? -1.331  -2.531  20.319  1.00 30.86 ? 56  ARG A NH2 1 
ATOM   400  N  N   . ASN A 1 54  ? -1.636  -8.607  15.298  1.00 15.26 ? 57  ASN A N   1 
ATOM   401  C  CA  . ASN A 1 54  ? -2.194  -9.889  14.901  1.00 15.54 ? 57  ASN A CA  1 
ATOM   402  C  C   . ASN A 1 54  ? -1.934  -10.235 13.436  1.00 14.98 ? 57  ASN A C   1 
ATOM   403  O  O   . ASN A 1 54  ? -2.719  -10.937 12.801  1.00 14.17 ? 57  ASN A O   1 
ATOM   404  C  CB  . ASN A 1 54  ? -3.684  -9.907  15.215  1.00 15.24 ? 57  ASN A CB  1 
ATOM   405  C  CG  . ASN A 1 54  ? -3.956  -9.809  16.715  1.00 15.81 ? 57  ASN A CG  1 
ATOM   406  O  OD1 . ASN A 1 54  ? -3.747  -10.775 17.465  1.00 16.78 ? 57  ASN A OD1 1 
ATOM   407  N  ND2 . ASN A 1 54  ? -4.398  -8.634  17.158  1.00 15.57 ? 57  ASN A ND2 1 
ATOM   408  N  N   . CYS A 1 55  ? -0.817  -9.752  12.904  1.00 14.41 ? 58  CYS A N   1 
ATOM   409  C  CA  . CYS A 1 55  ? -0.406  -10.180 11.571  1.00 14.48 ? 58  CYS A CA  1 
ATOM   410  C  C   . CYS A 1 55  ? 1.077   -9.989  11.384  1.00 14.34 ? 58  CYS A C   1 
ATOM   411  O  O   . CYS A 1 55  ? 1.765   -9.469  12.270  1.00 14.48 ? 58  CYS A O   1 
ATOM   412  C  CB  . CYS A 1 55  ? -1.220  -9.484  10.477  1.00 14.81 ? 58  CYS A CB  1 
ATOM   413  S  SG  . CYS A 1 55  ? -0.807  -7.742  10.200  1.00 15.55 ? 58  CYS A SG  1 
ATOM   414  N  N   . GLU A 1 56  ? 1.565   -10.446 10.239  1.00 14.18 ? 59  GLU A N   1 
ATOM   415  C  CA  . GLU A 1 56  ? 2.978   -10.417 9.906   1.00 14.74 ? 59  GLU A CA  1 
ATOM   416  C  C   . GLU A 1 56  ? 3.378   -9.260  8.982   1.00 14.90 ? 59  GLU A C   1 
ATOM   417  O  O   . GLU A 1 56  ? 4.554   -8.891  8.941   1.00 15.04 ? 59  GLU A O   1 
ATOM   418  C  CB  . GLU A 1 56  ? 3.369   -11.734 9.239   1.00 14.87 ? 59  GLU A CB  1 
ATOM   419  C  CG  . GLU A 1 56  ? 3.635   -12.860 10.176  1.00 15.19 ? 59  GLU A CG  1 
ATOM   420  C  CD  . GLU A 1 56  ? 2.416   -13.376 10.900  1.00 16.94 ? 59  GLU A CD  1 
ATOM   421  O  OE1 . GLU A 1 56  ? 1.328   -13.508 10.308  1.00 13.48 ? 59  GLU A OE1 1 
ATOM   422  O  OE2 . GLU A 1 56  ? 2.558   -13.701 12.087  1.00 17.85 ? 59  GLU A OE2 1 
ATOM   423  N  N   . LEU A 1 57  ? 2.423   -8.711  8.222   1.00 15.11 ? 60  LEU A N   1 
ATOM   424  C  CA  . LEU A 1 57  ? 2.716   -7.777  7.138   1.00 15.50 ? 60  LEU A CA  1 
ATOM   425  C  C   . LEU A 1 57  ? 1.488   -6.952  6.807   1.00 15.39 ? 60  LEU A C   1 
ATOM   426  O  O   . LEU A 1 57  ? 0.380   -7.502  6.734   1.00 15.01 ? 60  LEU A O   1 
ATOM   427  C  CB  . LEU A 1 57  ? 3.106   -8.573  5.885   1.00 16.06 ? 60  LEU A CB  1 
ATOM   428  C  CG  . LEU A 1 57  ? 3.438   -7.814  4.617   1.00 16.51 ? 60  LEU A CG  1 
ATOM   429  C  CD1 . LEU A 1 57  ? 4.728   -7.002  4.816   1.00 19.04 ? 60  LEU A CD1 1 
ATOM   430  C  CD2 . LEU A 1 57  ? 3.587   -8.790  3.426   1.00 17.35 ? 60  LEU A CD2 1 
ATOM   431  N  N   . LEU A 1 58  ? 1.676   -5.647  6.601   1.00 14.64 ? 61  LEU A N   1 
ATOM   432  C  CA  . LEU A 1 58  ? 0.606   -4.799  6.105   1.00 15.07 ? 61  LEU A CA  1 
ATOM   433  C  C   . LEU A 1 58  ? 0.828   -4.514  4.630   1.00 14.66 ? 61  LEU A C   1 
ATOM   434  O  O   . LEU A 1 58  ? 1.971   -4.428  4.161   1.00 14.05 ? 61  LEU A O   1 
ATOM   435  C  CB  . LEU A 1 58  ? 0.534   -3.469  6.860   1.00 15.63 ? 61  LEU A CB  1 
ATOM   436  C  CG  . LEU A 1 58  ? 0.174   -3.442  8.344   1.00 16.36 ? 61  LEU A CG  1 
ATOM   437  C  CD1 . LEU A 1 58  ? -0.274  -2.048  8.755   1.00 16.15 ? 61  LEU A CD1 1 
ATOM   438  C  CD2 . LEU A 1 58  ? -0.867  -4.508  8.747   1.00 15.58 ? 61  LEU A CD2 1 
ATOM   439  N  N   . LEU A 1 59  ? -0.277  -4.367  3.908   1.00 14.61 ? 62  LEU A N   1 
ATOM   440  C  CA  . LEU A 1 59  ? -0.277  -4.012  2.495   1.00 15.40 ? 62  LEU A CA  1 
ATOM   441  C  C   . LEU A 1 59  ? -1.040  -2.709  2.370   1.00 15.89 ? 62  LEU A C   1 
ATOM   442  O  O   . LEU A 1 59  ? -2.139  -2.584  2.901   1.00 15.60 ? 62  LEU A O   1 
ATOM   443  C  CB  . LEU A 1 59  ? -0.988  -5.094  1.669   1.00 15.99 ? 62  LEU A CB  1 
ATOM   444  C  CG  . LEU A 1 59  ? -0.550  -6.536  1.928   1.00 16.49 ? 62  LEU A CG  1 
ATOM   445  C  CD1 . LEU A 1 59  ? -1.477  -7.514  1.218   1.00 17.60 ? 62  LEU A CD1 1 
ATOM   446  C  CD2 . LEU A 1 59  ? 0.913   -6.742  1.493   1.00 17.15 ? 62  LEU A CD2 1 
ATOM   447  N  N   . ILE A 1 60  ? -0.457  -1.715  1.712   1.00 15.24 ? 63  ILE A N   1 
ATOM   448  C  CA  . ILE A 1 60  ? -1.179  -0.463  1.484   1.00 15.66 ? 63  ILE A CA  1 
ATOM   449  C  C   . ILE A 1 60  ? -1.025  -0.032  0.038   1.00 14.90 ? 63  ILE A C   1 
ATOM   450  O  O   . ILE A 1 60  ? 0.090   -0.033  -0.489  1.00 13.99 ? 63  ILE A O   1 
ATOM   451  C  CB  . ILE A 1 60  ? -0.685  0.672   2.425   1.00 15.81 ? 63  ILE A CB  1 
ATOM   452  C  CG1 . ILE A 1 60  ? -0.837  0.259   3.888   1.00 17.22 ? 63  ILE A CG1 1 
ATOM   453  C  CG2 . ILE A 1 60  ? -1.474  1.953   2.174   1.00 15.84 ? 63  ILE A CG2 1 
ATOM   454  C  CD1 . ILE A 1 60  ? -0.124  1.172   4.907   1.00 17.97 ? 63  ILE A CD1 1 
ATOM   455  N  N   . ASP A 1 61  ? -2.140  0.355   -0.587  1.00 14.71 ? 64  ASP A N   1 
ATOM   456  C  CA  . ASP A 1 61  ? -2.142  0.887   -1.948  1.00 15.88 ? 64  ASP A CA  1 
ATOM   457  C  C   . ASP A 1 61  ? -1.845  2.383   -1.890  1.00 16.17 ? 64  ASP A C   1 
ATOM   458  O  O   . ASP A 1 61  ? -2.415  3.099   -1.066  1.00 16.19 ? 64  ASP A O   1 
ATOM   459  C  CB  . ASP A 1 61  ? -3.511  0.713   -2.613  1.00 16.99 ? 64  ASP A CB  1 
ATOM   460  C  CG  . ASP A 1 61  ? -3.831  -0.716  -2.946  1.00 19.69 ? 64  ASP A CG  1 
ATOM   461  O  OD1 . ASP A 1 61  ? -2.969  -1.595  -2.784  1.00 20.22 ? 64  ASP A OD1 1 
ATOM   462  O  OD2 . ASP A 1 61  ? -4.978  -0.961  -3.372  1.00 23.57 ? 64  ASP A OD2 1 
ATOM   463  N  N   . LEU A 1 62  ? -0.974  2.846   -2.777  1.00 15.77 ? 65  LEU A N   1 
ATOM   464  C  CA  . LEU A 1 62  ? -0.722  4.277   -2.937  1.00 15.58 ? 65  LEU A CA  1 
ATOM   465  C  C   . LEU A 1 62  ? -1.000  4.665   -4.389  1.00 15.47 ? 65  LEU A C   1 
ATOM   466  O  O   . LEU A 1 62  ? -0.093  4.773   -5.207  1.00 15.34 ? 65  LEU A O   1 
ATOM   467  C  CB  . LEU A 1 62  ? 0.711   4.592   -2.540  1.00 15.60 ? 65  LEU A CB  1 
ATOM   468  C  CG  . LEU A 1 62  ? 1.131   6.054   -2.507  1.00 16.45 ? 65  LEU A CG  1 
ATOM   469  C  CD1 . LEU A 1 62  ? 0.203   6.831   -1.565  1.00 18.50 ? 65  LEU A CD1 1 
ATOM   470  C  CD2 . LEU A 1 62  ? 2.590   6.167   -2.081  1.00 17.30 ? 65  LEU A CD2 1 
ATOM   471  N  N   A LYS A 1 63  ? -2.279  4.847   -4.699  0.50 15.66 ? 66  LYS A N   1 
ATOM   472  N  N   B LYS A 1 63  ? -2.266  4.898   -4.689  0.50 15.73 ? 66  LYS A N   1 
ATOM   473  C  CA  A LYS A 1 63  ? -2.718  5.060   -6.082  0.50 15.94 ? 66  LYS A CA  1 
ATOM   474  C  CA  B LYS A 1 63  ? -2.702  5.048   -6.070  0.50 16.13 ? 66  LYS A CA  1 
ATOM   475  C  C   A LYS A 1 63  ? -2.291  6.414   -6.633  0.50 15.65 ? 66  LYS A C   1 
ATOM   476  C  C   B LYS A 1 63  ? -2.413  6.431   -6.648  0.50 15.74 ? 66  LYS A C   1 
ATOM   477  O  O   A LYS A 1 63  ? -1.944  6.527   -7.815  0.50 15.78 ? 66  LYS A O   1 
ATOM   478  O  O   B LYS A 1 63  ? -2.295  6.582   -7.871  0.50 15.92 ? 66  LYS A O   1 
ATOM   479  C  CB  A LYS A 1 63  ? -4.234  4.870   -6.213  0.50 16.31 ? 66  LYS A CB  1 
ATOM   480  C  CB  B LYS A 1 63  ? -4.175  4.666   -6.175  0.50 16.44 ? 66  LYS A CB  1 
ATOM   481  C  CG  A LYS A 1 63  ? -4.629  3.435   -6.548  0.50 17.82 ? 66  LYS A CG  1 
ATOM   482  C  CG  B LYS A 1 63  ? -4.389  3.200   -5.812  0.50 17.84 ? 66  LYS A CG  1 
ATOM   483  C  CD  A LYS A 1 63  ? -6.135  3.273   -6.753  0.50 17.82 ? 66  LYS A CD  1 
ATOM   484  C  CD  B LYS A 1 63  ? -5.842  2.778   -5.843  0.50 18.58 ? 66  LYS A CD  1 
ATOM   485  C  CE  A LYS A 1 63  ? -6.798  2.606   -5.547  0.50 19.95 ? 66  LYS A CE  1 
ATOM   486  C  CE  B LYS A 1 63  ? -6.575  3.128   -4.556  0.50 21.29 ? 66  LYS A CE  1 
ATOM   487  N  NZ  A LYS A 1 63  ? -8.284  2.749   -5.522  0.50 18.77 ? 66  LYS A NZ  1 
ATOM   488  N  NZ  B LYS A 1 63  ? -6.369  2.155   -3.461  0.50 22.75 ? 66  LYS A NZ  1 
ATOM   489  N  N   . SER A 1 64  ? -2.290  7.437   -5.784  1.00 15.47 ? 67  SER A N   1 
ATOM   490  C  CA  . SER A 1 64  ? -1.867  8.768   -6.222  1.00 15.35 ? 67  SER A CA  1 
ATOM   491  C  C   . SER A 1 64  ? -1.550  9.656   -5.049  1.00 15.25 ? 67  SER A C   1 
ATOM   492  O  O   . SER A 1 64  ? -2.227  9.596   -4.023  1.00 15.33 ? 67  SER A O   1 
ATOM   493  C  CB  . SER A 1 64  ? -2.953  9.472   -7.050  1.00 14.97 ? 67  SER A CB  1 
ATOM   494  O  OG  . SER A 1 64  ? -2.447  10.702  -7.554  1.00 15.34 ? 67  SER A OG  1 
HETATM 495  N  N   . MSE A 1 65  ? -0.553  10.515  -5.232  1.00 15.74 ? 68  MSE A N   1 
HETATM 496  C  CA  . MSE A 1 65  ? -0.283  11.587  -4.280  1.00 16.52 ? 68  MSE A CA  1 
HETATM 497  C  C   . MSE A 1 65  ? -1.232  12.774  -4.491  1.00 17.13 ? 68  MSE A C   1 
HETATM 498  O  O   . MSE A 1 65  ? -1.337  13.646  -3.632  1.00 17.29 ? 68  MSE A O   1 
HETATM 499  C  CB  . MSE A 1 65  ? 1.153   12.057  -4.407  1.00 16.47 ? 68  MSE A CB  1 
HETATM 500  C  CG  . MSE A 1 65  ? 2.179   11.035  -4.003  1.00 16.66 ? 68  MSE A CG  1 
HETATM 501  SE SE  . MSE A 1 65  ? 2.017   10.372  -2.162  0.80 19.69 ? 68  MSE A SE  1 
HETATM 502  C  CE  . MSE A 1 65  ? 2.426   12.024  -1.190  1.00 19.59 ? 68  MSE A CE  1 
ATOM   503  N  N   . ASP A 1 66  ? -1.909  12.793  -5.635  1.00 16.96 ? 69  ASP A N   1 
ATOM   504  C  CA  . ASP A 1 66  ? -2.926  13.800  -5.951  1.00 17.49 ? 69  ASP A CA  1 
ATOM   505  C  C   . ASP A 1 66  ? -4.266  13.345  -5.396  1.00 17.80 ? 69  ASP A C   1 
ATOM   506  O  O   . ASP A 1 66  ? -4.854  12.372  -5.883  1.00 17.54 ? 69  ASP A O   1 
ATOM   507  C  CB  . ASP A 1 66  ? -2.978  13.974  -7.474  1.00 17.29 ? 69  ASP A CB  1 
ATOM   508  C  CG  . ASP A 1 66  ? -3.899  15.091  -7.925  1.00 17.28 ? 69  ASP A CG  1 
ATOM   509  O  OD1 . ASP A 1 66  ? -4.911  15.377  -7.268  1.00 17.29 ? 69  ASP A OD1 1 
ATOM   510  O  OD2 . ASP A 1 66  ? -3.599  15.672  -8.984  1.00 19.01 ? 69  ASP A OD2 1 
ATOM   511  N  N   . SER A 1 67  ? -4.747  14.019  -4.350  1.00 18.62 ? 70  SER A N   1 
ATOM   512  C  CA  . SER A 1 67  ? -5.997  13.603  -3.687  1.00 19.08 ? 70  SER A CA  1 
ATOM   513  C  C   . SER A 1 67  ? -7.219  13.666  -4.609  1.00 20.00 ? 70  SER A C   1 
ATOM   514  O  O   . SER A 1 67  ? -8.163  12.897  -4.452  1.00 20.07 ? 70  SER A O   1 
ATOM   515  C  CB  . SER A 1 67  ? -6.263  14.424  -2.427  1.00 19.80 ? 70  SER A CB  1 
ATOM   516  O  OG  . SER A 1 67  ? -7.206  13.769  -1.593  1.00 20.25 ? 70  SER A OG  1 
ATOM   517  N  N   . THR A 1 68  ? -7.181  14.570  -5.581  1.00 19.78 ? 71  THR A N   1 
ATOM   518  C  CA  . THR A 1 68  ? -8.262  14.699  -6.561  1.00 20.27 ? 71  THR A CA  1 
ATOM   519  C  C   . THR A 1 68  ? -8.293  13.488  -7.494  1.00 21.17 ? 71  THR A C   1 
ATOM   520  O  O   . THR A 1 68  ? -9.372  12.911  -7.742  1.00 21.91 ? 71  THR A O   1 
ATOM   521  C  CB  . THR A 1 68  ? -8.131  16.007  -7.330  1.00 20.12 ? 71  THR A CB  1 
ATOM   522  O  OG1 . THR A 1 68  ? -8.191  17.094  -6.395  1.00 19.55 ? 71  THR A OG1 1 
ATOM   523  C  CG2 . THR A 1 68  ? -9.266  16.155  -8.370  1.00 19.33 ? 71  THR A CG2 1 
ATOM   524  N  N   . VAL A 1 69  ? -7.122  13.060  -7.964  1.00 21.70 ? 72  VAL A N   1 
ATOM   525  C  CA  . VAL A 1 69  ? -7.033  11.803  -8.729  1.00 22.28 ? 72  VAL A CA  1 
ATOM   526  C  C   . VAL A 1 69  ? -7.542  10.647  -7.864  1.00 22.73 ? 72  VAL A C   1 
ATOM   527  O  O   . VAL A 1 69  ? -8.346  9.815   -8.303  1.00 23.47 ? 72  VAL A O   1 
ATOM   528  C  CB  . VAL A 1 69  ? -5.596  11.508  -9.213  1.00 21.93 ? 72  VAL A CB  1 
ATOM   529  C  CG1 . VAL A 1 69  ? -5.506  10.099  -9.837  1.00 21.53 ? 72  VAL A CG1 1 
ATOM   530  C  CG2 . VAL A 1 69  ? -5.133  12.567  -10.201 1.00 21.66 ? 72  VAL A CG2 1 
ATOM   531  N  N   . HIS A 1 70  ? -7.089  10.601  -6.619  1.00 23.63 ? 73  HIS A N   1 
ATOM   532  C  CA  . HIS A 1 70  ? -7.481  9.527   -5.703  1.00 24.62 ? 73  HIS A CA  1 
ATOM   533  C  C   . HIS A 1 70  ? -8.996  9.488   -5.475  1.00 25.67 ? 73  HIS A C   1 
ATOM   534  O  O   . HIS A 1 70  ? -9.602  8.412   -5.474  1.00 26.24 ? 73  HIS A O   1 
ATOM   535  C  CB  . HIS A 1 70  ? -6.733  9.674   -4.378  1.00 24.25 ? 73  HIS A CB  1 
ATOM   536  C  CG  . HIS A 1 70  ? -6.724  8.432   -3.541  1.00 24.37 ? 73  HIS A CG  1 
ATOM   537  N  ND1 . HIS A 1 70  ? -5.635  7.591   -3.470  1.00 27.20 ? 73  HIS A ND1 1 
ATOM   538  C  CD2 . HIS A 1 70  ? -7.666  7.894   -2.737  1.00 24.88 ? 73  HIS A CD2 1 
ATOM   539  C  CE1 . HIS A 1 70  ? -5.911  6.587   -2.656  1.00 24.14 ? 73  HIS A CE1 1 
ATOM   540  N  NE2 . HIS A 1 70  ? -7.140  6.744   -2.201  1.00 26.68 ? 73  HIS A NE2 1 
ATOM   541  N  N   . GLN A 1 71  ? -9.610  10.657  -5.299  1.00 27.35 ? 74  GLN A N   1 
ATOM   542  C  CA  . GLN A 1 71  ? -11.063 10.750  -5.090  1.00 28.27 ? 74  GLN A CA  1 
ATOM   543  C  C   . GLN A 1 71  ? -11.835 10.296  -6.324  1.00 29.29 ? 74  GLN A C   1 
ATOM   544  O  O   . GLN A 1 71  ? -12.868 9.637   -6.215  1.00 29.79 ? 74  GLN A O   1 
ATOM   545  C  CB  . GLN A 1 71  ? -11.463 12.183  -4.728  1.00 28.48 ? 74  GLN A CB  1 
ATOM   546  C  CG  . GLN A 1 71  ? -12.970 12.429  -4.658  1.00 29.59 ? 74  GLN A CG  1 
ATOM   547  C  CD  . GLN A 1 71  ? -13.655 11.688  -3.528  1.00 33.28 ? 74  GLN A CD  1 
ATOM   548  O  OE1 . GLN A 1 71  ? -13.121 11.590  -2.424  1.00 36.81 ? 74  GLN A OE1 1 
ATOM   549  N  NE2 . GLN A 1 71  ? -14.866 11.182  -3.789  1.00 35.64 ? 74  GLN A NE2 1 
ATOM   550  N  N   . THR A 1 72  ? -11.322 10.649  -7.496  1.00 30.75 ? 75  THR A N   1 
ATOM   551  C  CA  . THR A 1 72  ? -11.955 10.299  -8.759  1.00 31.30 ? 75  THR A CA  1 
ATOM   552  C  C   . THR A 1 72  ? -11.995 8.798   -8.998  1.00 32.20 ? 75  THR A C   1 
ATOM   553  O  O   . THR A 1 72  ? -13.010 8.265   -9.455  1.00 32.34 ? 75  THR A O   1 
ATOM   554  C  CB  . THR A 1 72  ? -11.225 10.972  -9.932  1.00 31.37 ? 75  THR A CB  1 
ATOM   555  O  OG1 . THR A 1 72  ? -11.466 12.380  -9.873  1.00 31.56 ? 75  THR A OG1 1 
ATOM   556  C  CG2 . THR A 1 72  ? -11.710 10.431  -11.269 1.00 31.25 ? 75  THR A CG2 1 
ATOM   557  N  N   . PHE A 1 73  ? -10.894 8.122   -8.684  1.00 32.80 ? 76  PHE A N   1 
ATOM   558  C  CA  . PHE A 1 73  ? -10.736 6.700   -8.983  1.00 33.51 ? 76  PHE A CA  1 
ATOM   559  C  C   . PHE A 1 73  ? -11.012 5.794   -7.782  1.00 34.18 ? 76  PHE A C   1 
ATOM   560  O  O   . PHE A 1 73  ? -11.234 4.598   -7.952  1.00 34.37 ? 76  PHE A O   1 
ATOM   561  C  CB  . PHE A 1 73  ? -9.334  6.438   -9.542  1.00 33.49 ? 76  PHE A CB  1 
ATOM   562  C  CG  . PHE A 1 73  ? -9.126  6.990   -10.929 1.00 33.45 ? 76  PHE A CG  1 
ATOM   563  C  CD1 . PHE A 1 73  ? -9.162  6.156   -12.037 1.00 33.31 ? 76  PHE A CD1 1 
ATOM   564  C  CD2 . PHE A 1 73  ? -8.917  8.349   -11.127 1.00 33.44 ? 76  PHE A CD2 1 
ATOM   565  C  CE1 . PHE A 1 73  ? -8.980  6.669   -13.316 1.00 33.60 ? 76  PHE A CE1 1 
ATOM   566  C  CE2 . PHE A 1 73  ? -8.737  8.869   -12.400 1.00 33.32 ? 76  PHE A CE2 1 
ATOM   567  C  CZ  . PHE A 1 73  ? -8.769  8.030   -13.496 1.00 33.50 ? 76  PHE A CZ  1 
ATOM   568  N  N   . CYS A 1 74  ? -11.008 6.354   -6.575  1.00 35.04 ? 77  CYS A N   1 
ATOM   569  C  CA  . CYS A 1 74  ? -11.210 5.556   -5.359  1.00 35.70 ? 77  CYS A CA  1 
ATOM   570  C  C   . CYS A 1 74  ? -12.400 5.986   -4.523  1.00 35.96 ? 77  CYS A C   1 
ATOM   571  O  O   . CYS A 1 74  ? -12.715 5.329   -3.532  1.00 36.12 ? 77  CYS A O   1 
ATOM   572  C  CB  . CYS A 1 74  ? -9.969  5.605   -4.479  1.00 35.65 ? 77  CYS A CB  1 
ATOM   573  S  SG  . CYS A 1 74  ? -8.480  5.308   -5.388  1.00 39.02 ? 77  CYS A SG  1 
ATOM   574  N  N   . ASP A 1 75  ? -13.053 7.077   -4.904  1.00 36.20 ? 78  ASP A N   1 
ATOM   575  C  CA  . ASP A 1 75  ? -14.197 7.603   -4.153  1.00 36.70 ? 78  ASP A CA  1 
ATOM   576  C  C   . ASP A 1 75  ? -13.807 7.991   -2.729  1.00 35.99 ? 78  ASP A C   1 
ATOM   577  O  O   . ASP A 1 75  ? -14.661 8.065   -1.842  1.00 37.05 ? 78  ASP A O   1 
ATOM   578  C  CB  . ASP A 1 75  ? -15.362 6.595   -4.134  1.00 37.30 ? 78  ASP A CB  1 
ATOM   579  C  CG  . ASP A 1 75  ? -16.145 6.578   -5.431  1.00 39.51 ? 78  ASP A CG  1 
ATOM   580  O  OD1 . ASP A 1 75  ? -16.528 7.667   -5.901  1.00 44.84 ? 78  ASP A OD1 1 
ATOM   581  O  OD2 . ASP A 1 75  ? -16.386 5.476   -5.968  1.00 43.32 ? 78  ASP A OD2 1 
ATOM   582  N  N   . VAL A 1 76  ? -12.521 8.238   -2.513  1.00 35.19 ? 79  VAL A N   1 
ATOM   583  C  CA  . VAL A 1 76  ? -12.056 8.671   -1.208  1.00 34.26 ? 79  VAL A CA  1 
ATOM   584  C  C   . VAL A 1 76  ? -10.814 9.528   -1.399  1.00 32.39 ? 79  VAL A C   1 
ATOM   585  O  O   . VAL A 1 76  ? -10.019 9.286   -2.313  1.00 33.17 ? 79  VAL A O   1 
ATOM   586  C  CB  . VAL A 1 76  ? -11.770 7.459   -0.283  1.00 34.62 ? 79  VAL A CB  1 
ATOM   587  C  CG1 . VAL A 1 76  ? -10.642 6.605   -0.847  1.00 34.17 ? 79  VAL A CG1 1 
ATOM   588  C  CG2 . VAL A 1 76  ? -11.446 7.921   1.132   1.00 35.30 ? 79  VAL A CG2 1 
ATOM   589  N  N   . PRO A 1 77  ? -10.651 10.576  -0.571  1.00 30.60 ? 80  PRO A N   1 
ATOM   590  C  CA  . PRO A 1 77  ? -9.388  11.317  -0.648  1.00 28.57 ? 80  PRO A CA  1 
ATOM   591  C  C   . PRO A 1 77  ? -8.219  10.491  -0.115  1.00 27.44 ? 80  PRO A C   1 
ATOM   592  O  O   . PRO A 1 77  ? -8.435  9.454   0.505   1.00 26.61 ? 80  PRO A O   1 
ATOM   593  C  CB  . PRO A 1 77  ? -9.649  12.532  0.243   1.00 29.33 ? 80  PRO A CB  1 
ATOM   594  C  CG  . PRO A 1 77  ? -10.660 12.048  1.230   1.00 30.21 ? 80  PRO A CG  1 
ATOM   595  C  CD  . PRO A 1 77  ? -11.562 11.162  0.427   1.00 30.58 ? 80  PRO A CD  1 
ATOM   596  N  N   . ASN A 1 78  ? -6.993  10.942  -0.354  1.00 26.10 ? 81  ASN A N   1 
ATOM   597  C  CA  . ASN A 1 78  ? -5.818  10.181  0.069   1.00 25.33 ? 81  ASN A CA  1 
ATOM   598  C  C   . ASN A 1 78  ? -5.258  10.565  1.440   1.00 24.67 ? 81  ASN A C   1 
ATOM   599  O  O   . ASN A 1 78  ? -4.294  9.949   1.910   1.00 24.35 ? 81  ASN A O   1 
ATOM   600  C  CB  . ASN A 1 78  ? -4.714  10.211  -1.004  1.00 24.50 ? 81  ASN A CB  1 
ATOM   601  C  CG  . ASN A 1 78  ? -4.076  11.571  -1.165  1.00 24.37 ? 81  ASN A CG  1 
ATOM   602  O  OD1 . ASN A 1 78  ? -4.406  12.543  -0.461  1.00 23.65 ? 81  ASN A OD1 1 
ATOM   603  N  ND2 . ASN A 1 78  ? -3.149  11.654  -2.101  1.00 20.13 ? 81  ASN A ND2 1 
ATOM   604  N  N   . GLU A 1 79  ? -5.857  11.559  2.097   1.00 23.95 ? 82  GLU A N   1 
ATOM   605  C  CA  . GLU A 1 79  ? -5.332  12.035  3.374   1.00 24.04 ? 82  GLU A CA  1 
ATOM   606  C  C   . GLU A 1 79  ? -5.170  10.895  4.401   1.00 23.54 ? 82  GLU A C   1 
ATOM   607  O  O   . GLU A 1 79  ? -4.118  10.757  5.052   1.00 22.21 ? 82  GLU A O   1 
ATOM   608  C  CB  . GLU A 1 79  ? -6.212  13.169  3.915   1.00 24.44 ? 82  GLU A CB  1 
ATOM   609  C  CG  . GLU A 1 79  ? -5.927  14.556  3.267   1.00 27.25 ? 82  GLU A CG  1 
ATOM   610  C  CD  . GLU A 1 79  ? -6.533  14.785  1.868   1.00 29.43 ? 82  GLU A CD  1 
ATOM   611  O  OE1 . GLU A 1 79  ? -7.042  13.854  1.240   1.00 32.21 ? 82  GLU A OE1 1 
ATOM   612  O  OE2 . GLU A 1 79  ? -6.501  15.936  1.387   1.00 34.32 ? 82  GLU A OE2 1 
ATOM   613  N  N   . LEU A 1 80  ? -6.203  10.060  4.527   1.00 22.86 ? 83  LEU A N   1 
ATOM   614  C  CA  . LEU A 1 80  ? -6.162  8.929   5.442   1.00 22.88 ? 83  LEU A CA  1 
ATOM   615  C  C   . LEU A 1 80  ? -5.144  7.873   5.021   1.00 22.22 ? 83  LEU A C   1 
ATOM   616  O  O   . LEU A 1 80  ? -4.481  7.275   5.864   1.00 22.54 ? 83  LEU A O   1 
ATOM   617  C  CB  . LEU A 1 80  ? -7.543  8.272   5.521   1.00 22.64 ? 83  LEU A CB  1 
ATOM   618  C  CG  . LEU A 1 80  ? -7.637  7.015   6.379   1.00 23.19 ? 83  LEU A CG  1 
ATOM   619  C  CD1 . LEU A 1 80  ? -7.274  7.341   7.815   1.00 24.61 ? 83  LEU A CD1 1 
ATOM   620  C  CD2 . LEU A 1 80  ? -9.035  6.429   6.292   1.00 23.43 ? 83  LEU A CD2 1 
ATOM   621  N  N   . ILE A 1 81  ? -5.041  7.625   3.722   1.00 21.83 ? 84  ILE A N   1 
ATOM   622  C  CA  . ILE A 1 81  ? -4.093  6.636   3.202   1.00 21.97 ? 84  ILE A CA  1 
ATOM   623  C  C   . ILE A 1 81  ? -2.674  7.039   3.620   1.00 21.57 ? 84  ILE A C   1 
ATOM   624  O  O   . ILE A 1 81  ? -1.907  6.218   4.116   1.00 20.26 ? 84  ILE A O   1 
ATOM   625  C  CB  . ILE A 1 81  ? -4.185  6.496   1.650   1.00 22.11 ? 84  ILE A CB  1 
ATOM   626  C  CG1 . ILE A 1 81  ? -5.413  5.683   1.242   1.00 23.15 ? 84  ILE A CG1 1 
ATOM   627  C  CG2 . ILE A 1 81  ? -2.953  5.782   1.079   1.00 22.49 ? 84  ILE A CG2 1 
ATOM   628  C  CD1 . ILE A 1 81  ? -6.708  6.300   1.537   1.00 21.59 ? 84  ILE A CD1 1 
ATOM   629  N  N   . LEU A 1 82  ? -2.349  8.318   3.449   1.00 21.20 ? 85  LEU A N   1 
ATOM   630  C  CA  . LEU A 1 82  ? -1.019  8.801   3.800   1.00 20.92 ? 85  LEU A CA  1 
ATOM   631  C  C   . LEU A 1 82  ? -0.770  8.737   5.307   1.00 20.72 ? 85  LEU A C   1 
ATOM   632  O  O   . LEU A 1 82  ? 0.318   8.389   5.744   1.00 20.35 ? 85  LEU A O   1 
ATOM   633  C  CB  . LEU A 1 82  ? -0.810  10.219  3.268   1.00 21.04 ? 85  LEU A CB  1 
ATOM   634  C  CG  . LEU A 1 82  ? -0.892  10.343  1.739   1.00 21.24 ? 85  LEU A CG  1 
ATOM   635  C  CD1 . LEU A 1 82  ? -0.663  11.795  1.295   1.00 19.97 ? 85  LEU A CD1 1 
ATOM   636  C  CD2 . LEU A 1 82  ? 0.096   9.410   1.056   1.00 23.15 ? 85  LEU A CD2 1 
ATOM   637  N  N   . LYS A 1 83  ? -1.774  9.089   6.093   1.00 20.82 ? 86  LYS A N   1 
ATOM   638  C  CA  . LYS A 1 83  ? -1.689  8.973   7.551   1.00 21.64 ? 86  LYS A CA  1 
ATOM   639  C  C   . LYS A 1 83  ? -1.406  7.534   7.985   1.00 21.37 ? 86  LYS A C   1 
ATOM   640  O  O   . LYS A 1 83  ? -0.549  7.287   8.843   1.00 21.86 ? 86  LYS A O   1 
ATOM   641  C  CB  . LYS A 1 83  ? -2.999  9.458   8.175   1.00 21.74 ? 86  LYS A CB  1 
ATOM   642  C  CG  . LYS A 1 83  ? -3.005  9.421   9.677   1.00 22.31 ? 86  LYS A CG  1 
ATOM   643  C  CD  . LYS A 1 83  ? -4.228  10.098  10.272  0.50 22.21 ? 86  LYS A CD  1 
ATOM   644  C  CE  . LYS A 1 83  ? -4.165  11.614  10.140  0.50 23.12 ? 86  LYS A CE  1 
ATOM   645  N  NZ  . LYS A 1 83  ? -4.755  12.104  8.866   0.50 23.89 ? 86  LYS A NZ  1 
ATOM   646  N  N   . ASN A 1 84  ? -2.107  6.585   7.378   1.00 21.60 ? 87  ASN A N   1 
ATOM   647  C  CA  . ASN A 1 84  ? -1.934  5.162   7.714   1.00 22.16 ? 87  ASN A CA  1 
ATOM   648  C  C   . ASN A 1 84  ? -0.553  4.622   7.368   1.00 21.68 ? 87  ASN A C   1 
ATOM   649  O  O   . ASN A 1 84  ? 0.022   3.818   8.117   1.00 21.64 ? 87  ASN A O   1 
ATOM   650  C  CB  . ASN A 1 84  ? -2.991  4.309   7.009   1.00 22.84 ? 87  ASN A CB  1 
ATOM   651  C  CG  . ASN A 1 84  ? -4.355  4.402   7.669   1.00 25.41 ? 87  ASN A CG  1 
ATOM   652  O  OD1 . ASN A 1 84  ? -4.483  4.935   8.782   1.00 31.48 ? 87  ASN A OD1 1 
ATOM   653  N  ND2 . ASN A 1 84  ? -5.396  3.938   6.963   1.00 23.50 ? 87  ASN A ND2 1 
ATOM   654  N  N   . ILE A 1 85  ? -0.024  5.045   6.230   1.00 19.89 ? 88  ILE A N   1 
ATOM   655  C  CA  . ILE A 1 85  ? 1.307   4.632   5.840   1.00 19.32 ? 88  ILE A CA  1 
ATOM   656  C  C   . ILE A 1 85  ? 2.304   5.183   6.848   1.00 19.00 ? 88  ILE A C   1 
ATOM   657  O  O   . ILE A 1 85  ? 3.189   4.465   7.312   1.00 19.05 ? 88  ILE A O   1 
ATOM   658  C  CB  . ILE A 1 85  ? 1.679   5.074   4.402   1.00 18.94 ? 88  ILE A CB  1 
ATOM   659  C  CG1 . ILE A 1 85  ? 0.742   4.418   3.374   1.00 19.35 ? 88  ILE A CG1 1 
ATOM   660  C  CG2 . ILE A 1 85  ? 3.128   4.733   4.127   1.00 19.63 ? 88  ILE A CG2 1 
ATOM   661  C  CD1 . ILE A 1 85  ? 0.828   5.019   1.982   1.00 17.90 ? 88  ILE A CD1 1 
ATOM   662  N  N   . ARG A 1 86  ? 2.152   6.457   7.220   1.00 19.08 ? 89  ARG A N   1 
ATOM   663  C  CA  . ARG A 1 86  ? 3.045   7.035   8.220   1.00 19.49 ? 89  ARG A CA  1 
ATOM   664  C  C   . ARG A 1 86  ? 2.937   6.285   9.551   1.00 19.78 ? 89  ARG A C   1 
ATOM   665  O  O   . ARG A 1 86  ? 3.949   6.018   10.191  1.00 18.63 ? 89  ARG A O   1 
ATOM   666  C  CB  . ARG A 1 86  ? 2.763   8.523   8.423   1.00 19.56 ? 89  ARG A CB  1 
ATOM   667  C  CG  . ARG A 1 86  ? 3.754   9.223   9.348   1.00 19.94 ? 89  ARG A CG  1 
ATOM   668  C  CD  . ARG A 1 86  ? 3.593   10.741  9.271   1.00 20.35 ? 89  ARG A CD  1 
ATOM   669  N  NE  . ARG A 1 86  ? 4.048   11.263  7.986   1.00 19.68 ? 89  ARG A NE  1 
ATOM   670  C  CZ  . ARG A 1 86  ? 5.321   11.437  7.653   1.00 22.22 ? 89  ARG A CZ  1 
ATOM   671  N  NH1 . ARG A 1 86  ? 6.303   11.163  8.513   1.00 24.93 ? 89  ARG A NH1 1 
ATOM   672  N  NH2 . ARG A 1 86  ? 5.622   11.901  6.460   1.00 22.24 ? 89  ARG A NH2 1 
ATOM   673  N  N   . ARG A 1 87  ? 1.717   5.926   9.951   1.00 20.11 ? 90  ARG A N   1 
ATOM   674  C  CA  . ARG A 1 87  ? 1.537   5.246   11.234  1.00 20.86 ? 90  ARG A CA  1 
ATOM   675  C  C   . ARG A 1 87  ? 2.242   3.895   11.269  1.00 20.46 ? 90  ARG A C   1 
ATOM   676  O  O   . ARG A 1 87  ? 2.899   3.567   12.264  1.00 20.25 ? 90  ARG A O   1 
ATOM   677  C  CB  . ARG A 1 87  ? 0.063   5.088   11.602  1.00 21.46 ? 90  ARG A CB  1 
ATOM   678  C  CG  . ARG A 1 87  ? -0.104  4.850   13.102  1.00 22.74 ? 90  ARG A CG  1 
ATOM   679  C  CD  . ARG A 1 87  ? -1.546  4.739   13.525  1.00 23.22 ? 90  ARG A CD  1 
ATOM   680  N  NE  . ARG A 1 87  ? -1.638  4.462   14.963  1.00 24.56 ? 90  ARG A NE  1 
ATOM   681  C  CZ  . ARG A 1 87  ? -1.582  5.390   15.924  1.00 25.72 ? 90  ARG A CZ  1 
ATOM   682  N  NH1 . ARG A 1 87  ? -1.673  5.025   17.199  1.00 23.83 ? 90  ARG A NH1 1 
ATOM   683  N  NH2 . ARG A 1 87  ? -1.447  6.680   15.625  1.00 26.56 ? 90  ARG A NH2 1 
ATOM   684  N  N   . VAL A 1 88  ? 2.116   3.117   10.199  1.00 19.89 ? 91  VAL A N   1 
ATOM   685  C  CA  A VAL A 1 88  ? 2.777   1.827   10.120  0.50 19.80 ? 91  VAL A CA  1 
ATOM   686  C  CA  B VAL A 1 88  ? 2.789   1.815   10.133  0.50 19.95 ? 91  VAL A CA  1 
ATOM   687  C  C   . VAL A 1 88  ? 4.301   1.991   10.133  1.00 19.42 ? 91  VAL A C   1 
ATOM   688  O  O   . VAL A 1 88  ? 5.012   1.261   10.835  1.00 19.12 ? 91  VAL A O   1 
ATOM   689  C  CB  A VAL A 1 88  ? 2.304   1.049   8.886   0.50 19.79 ? 91  VAL A CB  1 
ATOM   690  C  CB  B VAL A 1 88  ? 2.326   0.903   8.942   0.50 19.96 ? 91  VAL A CB  1 
ATOM   691  C  CG1 A VAL A 1 88  ? 2.979   -0.309  8.807   0.50 19.38 ? 91  VAL A CG1 1 
ATOM   692  C  CG1 B VAL A 1 88  ? 2.625   1.512   7.582   0.50 20.51 ? 91  VAL A CG1 1 
ATOM   693  C  CG2 A VAL A 1 88  ? 0.765   0.901   8.929   0.50 19.11 ? 91  VAL A CG2 1 
ATOM   694  C  CG2 B VAL A 1 88  ? 2.968   -0.478  9.040   0.50 19.81 ? 91  VAL A CG2 1 
ATOM   695  N  N   . ALA A 1 89  ? 4.793   2.961   9.371   1.00 19.15 ? 92  ALA A N   1 
ATOM   696  C  CA  . ALA A 1 89  ? 6.225   3.254   9.335   1.00 19.49 ? 92  ALA A CA  1 
ATOM   697  C  C   . ALA A 1 89  ? 6.763   3.638   10.718  1.00 19.65 ? 92  ALA A C   1 
ATOM   698  O  O   . ALA A 1 89  ? 7.841   3.170   11.138  1.00 19.03 ? 92  ALA A O   1 
ATOM   699  C  CB  . ALA A 1 89  ? 6.502   4.356   8.328   1.00 18.82 ? 92  ALA A CB  1 
ATOM   700  N  N   . GLU A 1 90  ? 6.013   4.490   11.428  1.00 19.41 ? 93  GLU A N   1 
ATOM   701  C  CA  . GLU A 1 90  ? 6.425   4.948   12.767  1.00 19.87 ? 93  GLU A CA  1 
ATOM   702  C  C   . GLU A 1 90  ? 6.360   3.836   13.820  1.00 19.71 ? 93  GLU A C   1 
ATOM   703  O  O   . GLU A 1 90  ? 7.047   3.896   14.849  1.00 19.67 ? 93  GLU A O   1 
ATOM   704  C  CB  . GLU A 1 90  ? 5.570   6.139   13.220  1.00 20.09 ? 93  GLU A CB  1 
ATOM   705  C  CG  . GLU A 1 90  ? 5.897   7.425   12.478  1.00 21.03 ? 93  GLU A CG  1 
ATOM   706  C  CD  . GLU A 1 90  ? 4.995   8.600   12.845  1.00 22.17 ? 93  GLU A CD  1 
ATOM   707  O  OE1 . GLU A 1 90  ? 3.998   8.415   13.580  1.00 27.40 ? 93  GLU A OE1 1 
ATOM   708  O  OE2 . GLU A 1 90  ? 5.286   9.717   12.382  1.00 24.70 ? 93  GLU A OE2 1 
ATOM   709  N  N   . ALA A 1 91  ? 5.535   2.829   13.553  1.00 18.96 ? 94  ALA A N   1 
ATOM   710  C  CA  . ALA A 1 91  ? 5.426   1.641   14.395  1.00 19.11 ? 94  ALA A CA  1 
ATOM   711  C  C   . ALA A 1 91  ? 6.543   0.629   14.142  1.00 19.15 ? 94  ALA A C   1 
ATOM   712  O  O   . ALA A 1 91  ? 6.601   -0.386  14.824  1.00 19.42 ? 94  ALA A O   1 
ATOM   713  C  CB  . ALA A 1 91  ? 4.071   0.983   14.180  1.00 18.74 ? 94  ALA A CB  1 
ATOM   714  N  N   . ASP A 1 92  ? 7.424   0.915   13.180  1.00 19.28 ? 95  ASP A N   1 
ATOM   715  C  CA  . ASP A 1 92  ? 8.527   0.042   12.786  1.00 19.30 ? 95  ASP A CA  1 
ATOM   716  C  C   . ASP A 1 92  ? 8.045   -1.366  12.421  1.00 18.96 ? 95  ASP A C   1 
ATOM   717  O  O   . ASP A 1 92  ? 8.591   -2.360  12.879  1.00 19.41 ? 95  ASP A O   1 
ATOM   718  C  CB  . ASP A 1 92  ? 9.594   -0.019  13.883  1.00 20.12 ? 95  ASP A CB  1 
ATOM   719  C  CG  . ASP A 1 92  ? 10.904  -0.622  13.394  1.00 21.30 ? 95  ASP A CG  1 
ATOM   720  O  OD1 . ASP A 1 92  ? 11.211  -0.527  12.183  1.00 23.17 ? 95  ASP A OD1 1 
ATOM   721  O  OD2 . ASP A 1 92  ? 11.637  -1.165  14.238  1.00 24.88 ? 95  ASP A OD2 1 
ATOM   722  N  N   . PHE A 1 93  ? 6.999   -1.418  11.606  1.00 18.28 ? 96  PHE A N   1 
ATOM   723  C  CA  . PHE A 1 93  ? 6.313   -2.657  11.272  1.00 17.91 ? 96  PHE A CA  1 
ATOM   724  C  C   . PHE A 1 93  ? 6.421   -2.893  9.756   1.00 17.38 ? 96  PHE A C   1 
ATOM   725  O  O   . PHE A 1 93  ? 6.339   -1.938  8.984   1.00 17.04 ? 96  PHE A O   1 
ATOM   726  C  CB  . PHE A 1 93  ? 4.852   -2.566  11.719  1.00 17.60 ? 96  PHE A CB  1 
ATOM   727  C  CG  . PHE A 1 93  ? 4.109   -3.865  11.641  1.00 17.67 ? 96  PHE A CG  1 
ATOM   728  C  CD1 . PHE A 1 93  ? 4.103   -4.748  12.706  1.00 18.04 ? 96  PHE A CD1 1 
ATOM   729  C  CD2 . PHE A 1 93  ? 3.424   -4.223  10.489  1.00 17.47 ? 96  PHE A CD2 1 
ATOM   730  C  CE1 . PHE A 1 93  ? 3.424   -5.951  12.617  1.00 16.95 ? 96  PHE A CE1 1 
ATOM   731  C  CE2 . PHE A 1 93  ? 2.739   -5.423  10.419  1.00 16.52 ? 96  PHE A CE2 1 
ATOM   732  C  CZ  . PHE A 1 93  ? 2.752   -6.283  11.473  1.00 17.10 ? 96  PHE A CZ  1 
ATOM   733  N  N   . PRO A 1 94  ? 6.620   -4.164  9.325   1.00 16.96 ? 97  PRO A N   1 
ATOM   734  C  CA  . PRO A 1 94  ? 6.790   -4.419  7.901   1.00 16.63 ? 97  PRO A CA  1 
ATOM   735  C  C   . PRO A 1 94  ? 5.546   -4.112  7.063   1.00 15.94 ? 97  PRO A C   1 
ATOM   736  O  O   . PRO A 1 94  ? 4.428   -4.513  7.419   1.00 15.66 ? 97  PRO A O   1 
ATOM   737  C  CB  . PRO A 1 94  ? 7.108   -5.917  7.820   1.00 16.82 ? 97  PRO A CB  1 
ATOM   738  C  CG  . PRO A 1 94  ? 7.081   -6.441  9.168   1.00 16.93 ? 97  PRO A CG  1 
ATOM   739  C  CD  . PRO A 1 94  ? 6.737   -5.397  10.133  1.00 17.27 ? 97  PRO A CD  1 
ATOM   740  N  N   . TYR A 1 95  ? 5.761   -3.426  5.950   1.00 14.67 ? 98  TYR A N   1 
ATOM   741  C  CA  . TYR A 1 95  ? 4.681   -3.141  5.022   1.00 14.27 ? 98  TYR A CA  1 
ATOM   742  C  C   . TYR A 1 95  ? 5.163   -3.155  3.584   1.00 14.26 ? 98  TYR A C   1 
ATOM   743  O  O   . TYR A 1 95  ? 6.348   -2.882  3.299   1.00 14.53 ? 98  TYR A O   1 
ATOM   744  C  CB  . TYR A 1 95  ? 4.001   -1.803  5.364   1.00 14.07 ? 98  TYR A CB  1 
ATOM   745  C  CG  . TYR A 1 95  ? 4.862   -0.555  5.185   1.00 13.66 ? 98  TYR A CG  1 
ATOM   746  C  CD1 . TYR A 1 95  ? 4.657   0.305   4.115   1.00 13.27 ? 98  TYR A CD1 1 
ATOM   747  C  CD2 . TYR A 1 95  ? 5.856   -0.232  6.100   1.00 14.80 ? 98  TYR A CD2 1 
ATOM   748  C  CE1 . TYR A 1 95  ? 5.428   1.447   3.944   1.00 13.92 ? 98  TYR A CE1 1 
ATOM   749  C  CE2 . TYR A 1 95  ? 6.635   0.919   5.940   1.00 13.35 ? 98  TYR A CE2 1 
ATOM   750  C  CZ  . TYR A 1 95  ? 6.415   1.743   4.866   1.00 13.78 ? 98  TYR A CZ  1 
ATOM   751  O  OH  . TYR A 1 95  ? 7.185   2.875   4.711   1.00 14.06 ? 98  TYR A OH  1 
ATOM   752  N  N   . TYR A 1 96  ? 4.235   -3.465  2.683   1.00 14.50 ? 99  TYR A N   1 
ATOM   753  C  CA  . TYR A 1 96  ? 4.431   -3.342  1.247   1.00 14.89 ? 99  TYR A CA  1 
ATOM   754  C  C   . TYR A 1 96  ? 3.556   -2.194  0.753   1.00 15.03 ? 99  TYR A C   1 
ATOM   755  O  O   . TYR A 1 96  ? 2.434   -1.995  1.242   1.00 15.05 ? 99  TYR A O   1 
ATOM   756  C  CB  . TYR A 1 96  ? 3.952   -4.588  0.482   1.00 16.22 ? 99  TYR A CB  1 
ATOM   757  C  CG  . TYR A 1 96  ? 4.739   -5.871  0.594   1.00 17.93 ? 99  TYR A CG  1 
ATOM   758  C  CD1 . TYR A 1 96  ? 5.789   -6.034  1.481   1.00 18.93 ? 99  TYR A CD1 1 
ATOM   759  C  CD2 . TYR A 1 96  ? 4.370   -6.965  -0.186  1.00 19.78 ? 99  TYR A CD2 1 
ATOM   760  C  CE1 . TYR A 1 96  ? 6.479   -7.258  1.566   1.00 18.68 ? 99  TYR A CE1 1 
ATOM   761  C  CE2 . TYR A 1 96  ? 5.045   -8.170  -0.114  1.00 20.23 ? 99  TYR A CE2 1 
ATOM   762  C  CZ  . TYR A 1 96  ? 6.099   -8.307  0.760   1.00 19.31 ? 99  TYR A CZ  1 
ATOM   763  O  OH  . TYR A 1 96  ? 6.746   -9.518  0.821   1.00 19.88 ? 99  TYR A OH  1 
ATOM   764  N  N   . ILE A 1 97  ? 4.057   -1.479  -0.249  1.00 14.80 ? 100 ILE A N   1 
ATOM   765  C  CA  . ILE A 1 97  ? 3.276   -0.481  -0.961  1.00 15.11 ? 100 ILE A CA  1 
ATOM   766  C  C   . ILE A 1 97  ? 2.990   -1.000  -2.372  1.00 15.54 ? 100 ILE A C   1 
ATOM   767  O  O   . ILE A 1 97  ? 3.895   -1.455  -3.066  1.00 16.63 ? 100 ILE A O   1 
ATOM   768  C  CB  . ILE A 1 97  ? 4.027   0.861   -1.049  1.00 15.15 ? 100 ILE A CB  1 
ATOM   769  C  CG1 . ILE A 1 97  ? 4.184   1.466   0.349   1.00 15.21 ? 100 ILE A CG1 1 
ATOM   770  C  CG2 . ILE A 1 97  ? 3.276   1.829   -1.984  1.00 15.96 ? 100 ILE A CG2 1 
ATOM   771  C  CD1 . ILE A 1 97  ? 2.882   1.998   0.977   1.00 15.86 ? 100 ILE A CD1 1 
ATOM   772  N  N   . ARG A 1 98  ? 1.730   -0.935  -2.786  1.00 15.67 ? 101 ARG A N   1 
ATOM   773  C  CA  . ARG A 1 98  ? 1.332   -1.293  -4.131  1.00 16.91 ? 101 ARG A CA  1 
ATOM   774  C  C   . ARG A 1 98  ? 0.858   -0.065  -4.892  1.00 17.21 ? 101 ARG A C   1 
ATOM   775  O  O   . ARG A 1 98  ? 0.066   0.721   -4.377  1.00 16.60 ? 101 ARG A O   1 
ATOM   776  C  CB  . ARG A 1 98  ? 0.241   -2.356  -4.096  1.00 17.70 ? 101 ARG A CB  1 
ATOM   777  C  CG  . ARG A 1 98  ? 0.706   -3.632  -3.419  1.00 22.49 ? 101 ARG A CG  1 
ATOM   778  C  CD  . ARG A 1 98  ? 0.273   -3.665  -1.975  1.00 28.60 ? 101 ARG A CD  1 
ATOM   779  N  NE  . ARG A 1 98  ? -1.147  -4.016  -1.902  1.00 32.33 ? 101 ARG A NE  1 
ATOM   780  C  CZ  . ARG A 1 98  ? -1.621  -5.257  -2.026  1.00 34.10 ? 101 ARG A CZ  1 
ATOM   781  N  NH1 . ARG A 1 98  ? -0.791  -6.287  -2.209  1.00 34.57 ? 101 ARG A NH1 1 
ATOM   782  N  NH2 . ARG A 1 98  ? -2.935  -5.474  -1.947  1.00 33.81 ? 101 ARG A NH2 1 
ATOM   783  N  N   . ILE A 1 99  ? 1.359   0.096   -6.114  1.00 17.66 ? 102 ILE A N   1 
ATOM   784  C  CA  . ILE A 1 99  ? 0.960   1.191   -6.980  1.00 18.46 ? 102 ILE A CA  1 
ATOM   785  C  C   . ILE A 1 99  ? 0.455   0.596   -8.291  1.00 19.00 ? 102 ILE A C   1 
ATOM   786  O  O   . ILE A 1 99  ? 1.249   0.171   -9.125  1.00 18.60 ? 102 ILE A O   1 
ATOM   787  C  CB  . ILE A 1 99  ? 2.104   2.176   -7.233  1.00 18.16 ? 102 ILE A CB  1 
ATOM   788  C  CG1 . ILE A 1 99  ? 2.629   2.728   -5.906  1.00 19.10 ? 102 ILE A CG1 1 
ATOM   789  C  CG2 . ILE A 1 99  ? 1.624   3.334   -8.177  1.00 18.12 ? 102 ILE A CG2 1 
ATOM   790  C  CD1 . ILE A 1 99  ? 3.849   3.650   -6.073  1.00 19.56 ? 102 ILE A CD1 1 
ATOM   791  N  N   . PRO A 1 100 ? -0.871  0.511   -8.450  1.00 20.38 ? 103 PRO A N   1 
ATOM   792  C  CA  . PRO A 1 100 ? -1.409  0.133   -9.749  1.00 21.01 ? 103 PRO A CA  1 
ATOM   793  C  C   . PRO A 1 100 ? -1.037  1.257   -10.692 1.00 21.64 ? 103 PRO A C   1 
ATOM   794  O  O   . PRO A 1 100 ? -1.371  2.405   -10.418 1.00 22.52 ? 103 PRO A O   1 
ATOM   795  C  CB  . PRO A 1 100 ? -2.922  0.037   -9.492  1.00 21.41 ? 103 PRO A CB  1 
ATOM   796  C  CG  . PRO A 1 100 ? -3.059  -0.083  -7.990  1.00 22.16 ? 103 PRO A CG  1 
ATOM   797  C  CD  . PRO A 1 100 ? -1.942  0.762   -7.469  1.00 21.26 ? 103 PRO A CD  1 
ATOM   798  N  N   . LEU A 1 101 ? -0.273  0.937   -11.734 1.00 21.82 ? 104 LEU A N   1 
ATOM   799  C  CA  . LEU A 1 101 ? 0.409   1.941   -12.539 1.00 22.14 ? 104 LEU A CA  1 
ATOM   800  C  C   . LEU A 1 101 ? -0.339  2.104   -13.859 1.00 22.32 ? 104 LEU A C   1 
ATOM   801  O  O   . LEU A 1 101 ? -0.374  1.184   -14.669 1.00 21.83 ? 104 LEU A O   1 
ATOM   802  C  CB  . LEU A 1 101 ? 1.858   1.514   -12.777 1.00 21.92 ? 104 LEU A CB  1 
ATOM   803  C  CG  . LEU A 1 101 ? 2.813   2.573   -13.336 1.00 22.25 ? 104 LEU A CG  1 
ATOM   804  C  CD1 . LEU A 1 101 ? 2.983   3.770   -12.378 1.00 21.97 ? 104 LEU A CD1 1 
ATOM   805  C  CD2 . LEU A 1 101 ? 4.164   1.947   -13.646 1.00 22.10 ? 104 LEU A CD2 1 
ATOM   806  N  N   . ILE A 1 102 ? -0.949  3.271   -14.035 1.00 23.01 ? 105 ILE A N   1 
ATOM   807  C  CA  . ILE A 1 102 ? -1.892  3.521   -15.123 1.00 23.27 ? 105 ILE A CA  1 
ATOM   808  C  C   . ILE A 1 102 ? -1.438  4.760   -15.883 1.00 24.05 ? 105 ILE A C   1 
ATOM   809  O  O   . ILE A 1 102 ? -1.418  5.858   -15.327 1.00 23.31 ? 105 ILE A O   1 
ATOM   810  C  CB  . ILE A 1 102 ? -3.326  3.753   -14.579 1.00 23.49 ? 105 ILE A CB  1 
ATOM   811  C  CG1 . ILE A 1 102 ? -3.735  2.633   -13.604 1.00 23.98 ? 105 ILE A CG1 1 
ATOM   812  C  CG2 . ILE A 1 102 ? -4.328  3.856   -15.741 1.00 23.53 ? 105 ILE A CG2 1 
ATOM   813  C  CD1 . ILE A 1 102 ? -4.796  3.017   -12.585 1.00 23.87 ? 105 ILE A CD1 1 
ATOM   814  N  N   . GLU A 1 103 ? -1.045  4.569   -17.140 1.00 24.78 ? 106 GLU A N   1 
ATOM   815  C  CA  . GLU A 1 103 ? -0.671  5.675   -17.999 1.00 25.51 ? 106 GLU A CA  1 
ATOM   816  C  C   . GLU A 1 103 ? -1.922  6.516   -18.207 1.00 25.54 ? 106 GLU A C   1 
ATOM   817  O  O   . GLU A 1 103 ? -2.959  5.988   -18.636 1.00 26.23 ? 106 GLU A O   1 
ATOM   818  C  CB  . GLU A 1 103 ? -0.137  5.148   -19.328 1.00 25.97 ? 106 GLU A CB  1 
ATOM   819  C  CG  . GLU A 1 103 ? 0.263   6.211   -20.327 1.00 26.77 ? 106 GLU A CG  1 
ATOM   820  C  CD  . GLU A 1 103 ? 1.365   7.120   -19.829 1.00 30.50 ? 106 GLU A CD  1 
ATOM   821  O  OE1 . GLU A 1 103 ? 2.410   6.618   -19.363 1.00 32.59 ? 106 GLU A OE1 1 
ATOM   822  O  OE2 . GLU A 1 103 ? 1.195   8.347   -19.931 1.00 33.71 ? 106 GLU A OE2 1 
ATOM   823  N  N   . GLY A 1 104 ? -1.812  7.805   -17.893 1.00 25.29 ? 107 GLY A N   1 
ATOM   824  C  CA  . GLY A 1 104 ? -2.940  8.729   -17.912 1.00 24.87 ? 107 GLY A CA  1 
ATOM   825  C  C   . GLY A 1 104 ? -3.534  9.049   -16.552 1.00 24.86 ? 107 GLY A C   1 
ATOM   826  O  O   . GLY A 1 104 ? -4.329  9.979   -16.434 1.00 25.32 ? 107 GLY A O   1 
ATOM   827  N  N   . VAL A 1 105 ? -3.141  8.301   -15.518 1.00 23.42 ? 108 VAL A N   1 
ATOM   828  C  CA  . VAL A 1 105 ? -3.655  8.523   -14.165 1.00 22.80 ? 108 VAL A CA  1 
ATOM   829  C  C   . VAL A 1 105 ? -2.543  8.846   -13.149 1.00 21.92 ? 108 VAL A C   1 
ATOM   830  O  O   . VAL A 1 105 ? -2.650  9.825   -12.404 1.00 21.86 ? 108 VAL A O   1 
ATOM   831  C  CB  . VAL A 1 105 ? -4.436  7.287   -13.674 1.00 22.71 ? 108 VAL A CB  1 
ATOM   832  C  CG1 . VAL A 1 105 ? -4.949  7.488   -12.248 1.00 22.11 ? 108 VAL A CG1 1 
ATOM   833  C  CG2 . VAL A 1 105 ? -5.593  6.985   -14.637 1.00 24.19 ? 108 VAL A CG2 1 
ATOM   834  N  N   . ASN A 1 106 ? -1.500  8.024   -13.108 1.00 21.67 ? 109 ASN A N   1 
ATOM   835  C  CA  . ASN A 1 106 ? -0.500  8.117   -12.026 1.00 21.31 ? 109 ASN A CA  1 
ATOM   836  C  C   . ASN A 1 106 ? 0.926   7.684   -12.376 1.00 21.13 ? 109 ASN A C   1 
ATOM   837  O  O   . ASN A 1 106 ? 1.746   7.524   -11.480 1.00 20.44 ? 109 ASN A O   1 
ATOM   838  C  CB  . ASN A 1 106 ? -0.985  7.320   -10.806 1.00 20.89 ? 109 ASN A CB  1 
ATOM   839  C  CG  . ASN A 1 106 ? -1.069  5.816   -11.084 1.00 21.21 ? 109 ASN A CG  1 
ATOM   840  O  OD1 . ASN A 1 106 ? -0.710  5.357   -12.169 1.00 19.92 ? 109 ASN A OD1 1 
ATOM   841  N  ND2 . ASN A 1 106 ? -1.543  5.062   -10.109 1.00 19.38 ? 109 ASN A ND2 1 
ATOM   842  N  N   . ALA A 1 107 ? 1.219   7.498   -13.663 1.00 21.05 ? 110 ALA A N   1 
ATOM   843  C  CA  . ALA A 1 107 ? 2.555   7.081   -14.100 1.00 21.30 ? 110 ALA A CA  1 
ATOM   844  C  C   . ALA A 1 107 ? 3.427   8.264   -14.505 1.00 21.73 ? 110 ALA A C   1 
ATOM   845  O  O   . ALA A 1 107 ? 4.546   8.084   -15.017 1.00 22.24 ? 110 ALA A O   1 
ATOM   846  C  CB  . ALA A 1 107 ? 2.448   6.047   -15.260 1.00 21.04 ? 110 ALA A CB  1 
ATOM   847  N  N   . ASP A 1 108 ? 2.927   9.477   -14.280 1.00 21.36 ? 111 ASP A N   1 
ATOM   848  C  CA  . ASP A 1 108 ? 3.708   10.682  -14.531 1.00 21.44 ? 111 ASP A CA  1 
ATOM   849  C  C   . ASP A 1 108 ? 4.870   10.800  -13.548 1.00 20.90 ? 111 ASP A C   1 
ATOM   850  O  O   . ASP A 1 108 ? 4.759   10.403  -12.387 1.00 20.55 ? 111 ASP A O   1 
ATOM   851  C  CB  . ASP A 1 108 ? 2.828   11.945  -14.485 1.00 21.42 ? 111 ASP A CB  1 
ATOM   852  C  CG  . ASP A 1 108 ? 2.003   12.050  -13.211 1.00 21.59 ? 111 ASP A CG  1 
ATOM   853  O  OD1 . ASP A 1 108 ? 1.106   11.195  -12.997 1.00 23.45 ? 111 ASP A OD1 1 
ATOM   854  O  OD2 . ASP A 1 108 ? 2.247   12.995  -12.427 1.00 21.70 ? 111 ASP A OD2 1 
ATOM   855  N  N   . GLU A 1 109 ? 5.979   11.359  -14.031 1.00 21.19 ? 112 GLU A N   1 
ATOM   856  C  CA  . GLU A 1 109 ? 7.188   11.538  -13.243 1.00 21.19 ? 112 GLU A CA  1 
ATOM   857  C  C   . GLU A 1 109 ? 6.886   12.303  -11.946 1.00 20.50 ? 112 GLU A C   1 
ATOM   858  O  O   . GLU A 1 109 ? 7.395   11.959  -10.877 1.00 19.60 ? 112 GLU A O   1 
ATOM   859  C  CB  . GLU A 1 109 ? 8.227   12.303  -14.076 1.00 22.06 ? 112 GLU A CB  1 
ATOM   860  C  CG  . GLU A 1 109 ? 9.469   12.690  -13.333 1.00 23.37 ? 112 GLU A CG  1 
ATOM   861  C  CD  . GLU A 1 109 ? 10.437  13.457  -14.217 1.00 25.14 ? 112 GLU A CD  1 
ATOM   862  O  OE1 . GLU A 1 109 ? 10.784  12.936  -15.302 1.00 30.88 ? 112 GLU A OE1 1 
ATOM   863  O  OE2 . GLU A 1 109 ? 10.836  14.572  -13.824 1.00 32.06 ? 112 GLU A OE2 1 
ATOM   864  N  N   . LYS A 1 110 ? 6.041   13.323  -12.035 1.00 19.21 ? 113 LYS A N   1 
ATOM   865  C  CA  . LYS A 1 110 ? 5.697   14.092  -10.840 1.00 19.02 ? 113 LYS A CA  1 
ATOM   866  C  C   . LYS A 1 110 ? 5.102   13.201  -9.752  1.00 17.71 ? 113 LYS A C   1 
ATOM   867  O  O   . LYS A 1 110 ? 5.580   13.200  -8.619  1.00 16.93 ? 113 LYS A O   1 
ATOM   868  C  CB  . LYS A 1 110 ? 4.726   15.222  -11.159 1.00 19.00 ? 113 LYS A CB  1 
ATOM   869  C  CG  . LYS A 1 110 ? 4.327   16.030  -9.923  1.00 20.26 ? 113 LYS A CG  1 
ATOM   870  C  CD  . LYS A 1 110 ? 3.411   17.167  -10.294 1.00 21.66 ? 113 LYS A CD  1 
ATOM   871  C  CE  . LYS A 1 110 ? 2.815   17.832  -9.071  1.00 24.06 ? 113 LYS A CE  1 
ATOM   872  N  NZ  . LYS A 1 110 ? 1.767   18.851  -9.487  1.00 27.14 ? 113 LYS A NZ  1 
ATOM   873  N  N   . ASN A 1 111 ? 4.075   12.428  -10.090 1.00 17.43 ? 114 ASN A N   1 
ATOM   874  C  CA  . ASN A 1 111 ? 3.443   11.588  -9.072  1.00 17.46 ? 114 ASN A CA  1 
ATOM   875  C  C   . ASN A 1 111 ? 4.389   10.568  -8.467  1.00 17.14 ? 114 ASN A C   1 
ATOM   876  O  O   . ASN A 1 111 ? 4.380   10.336  -7.253  1.00 16.71 ? 114 ASN A O   1 
ATOM   877  C  CB  . ASN A 1 111 ? 2.239   10.838  -9.617  1.00 17.77 ? 114 ASN A CB  1 
ATOM   878  C  CG  . ASN A 1 111 ? 1.548   10.047  -8.542  1.00 16.99 ? 114 ASN A CG  1 
ATOM   879  O  OD1 . ASN A 1 111 ? 1.062   10.623  -7.567  1.00 17.03 ? 114 ASN A OD1 1 
ATOM   880  N  ND2 . ASN A 1 111 ? 1.527   8.705   -8.692  1.00 17.25 ? 114 ASN A ND2 1 
ATOM   881  N  N   . ILE A 1 112 ? 5.200   9.944   -9.310  1.00 17.40 ? 115 ILE A N   1 
ATOM   882  C  CA  . ILE A 1 112 ? 6.114   8.914   -8.836  1.00 16.82 ? 115 ILE A CA  1 
ATOM   883  C  C   . ILE A 1 112 ? 7.211   9.524   -7.978  1.00 16.29 ? 115 ILE A C   1 
ATOM   884  O  O   . ILE A 1 112 ? 7.577   8.956   -6.953  1.00 15.73 ? 115 ILE A O   1 
ATOM   885  C  CB  . ILE A 1 112 ? 6.683   8.077   -10.002 1.00 17.02 ? 115 ILE A CB  1 
ATOM   886  C  CG1 . ILE A 1 112 ? 5.532   7.397   -10.770 1.00 17.55 ? 115 ILE A CG1 1 
ATOM   887  C  CG2 . ILE A 1 112 ? 7.683   7.047   -9.503  1.00 17.96 ? 115 ILE A CG2 1 
ATOM   888  C  CD1 . ILE A 1 112 ? 4.645   6.468   -9.931  1.00 17.31 ? 115 ILE A CD1 1 
ATOM   889  N  N   . LYS A 1 113 ? 7.718   10.697  -8.363  1.00 15.95 ? 116 LYS A N   1 
ATOM   890  C  CA  . LYS A 1 113 ? 8.691   11.399  -7.521  1.00 15.82 ? 116 LYS A CA  1 
ATOM   891  C  C   . LYS A 1 113 ? 8.093   11.826  -6.178  1.00 15.33 ? 116 LYS A C   1 
ATOM   892  O  O   . LYS A 1 113 ? 8.726   11.643  -5.137  1.00 14.26 ? 116 LYS A O   1 
ATOM   893  C  CB  . LYS A 1 113 ? 9.325   12.598  -8.244  1.00 16.28 ? 116 LYS A CB  1 
ATOM   894  C  CG  . LYS A 1 113 ? 10.312  12.193  -9.357  1.00 17.25 ? 116 LYS A CG  1 
ATOM   895  C  CD  . LYS A 1 113 ? 10.928  13.403  -10.018 1.00 17.77 ? 116 LYS A CD  1 
ATOM   896  C  CE  . LYS A 1 113 ? 11.993  12.976  -10.996 1.00 19.77 ? 116 LYS A CE  1 
ATOM   897  N  NZ  . LYS A 1 113 ? 12.599  14.154  -11.698 1.00 21.49 ? 116 LYS A NZ  1 
ATOM   898  N  N   . LEU A 1 114 ? 6.876   12.363  -6.184  1.00 14.65 ? 117 LEU A N   1 
ATOM   899  C  CA  . LEU A 1 114 ? 6.229   12.771  -4.926  1.00 14.88 ? 117 LEU A CA  1 
ATOM   900  C  C   . LEU A 1 114 ? 6.022   11.550  -4.035  1.00 14.74 ? 117 LEU A C   1 
ATOM   901  O  O   . LEU A 1 114 ? 6.210   11.614  -2.821  1.00 14.79 ? 117 LEU A O   1 
ATOM   902  C  CB  . LEU A 1 114 ? 4.893   13.462  -5.208  1.00 14.87 ? 117 LEU A CB  1 
ATOM   903  C  CG  . LEU A 1 114 ? 5.008   14.853  -5.838  1.00 14.87 ? 117 LEU A CG  1 
ATOM   904  C  CD1 . LEU A 1 114 ? 3.593   15.341  -6.202  1.00 16.70 ? 117 LEU A CD1 1 
ATOM   905  C  CD2 . LEU A 1 114 ? 5.757   15.850  -4.920  1.00 13.60 ? 117 LEU A CD2 1 
ATOM   906  N  N   . SER A 1 115 ? 5.641   10.435  -4.657  1.00 14.91 ? 118 SER A N   1 
ATOM   907  C  CA  . SER A 1 115 ? 5.467   9.167   -3.949  1.00 14.83 ? 118 SER A CA  1 
ATOM   908  C  C   . SER A 1 115 ? 6.780   8.710   -3.310  1.00 14.57 ? 118 SER A C   1 
ATOM   909  O  O   . SER A 1 115 ? 6.818   8.328   -2.138  1.00 14.36 ? 118 SER A O   1 
ATOM   910  C  CB  . SER A 1 115 ? 4.948   8.082   -4.906  1.00 15.28 ? 118 SER A CB  1 
ATOM   911  O  OG  . SER A 1 115 ? 3.659   8.389   -5.430  1.00 15.60 ? 118 SER A OG  1 
ATOM   912  N  N   . ALA A 1 116 ? 7.857   8.766   -4.085  1.00 14.76 ? 119 ALA A N   1 
ATOM   913  C  CA  . ALA A 1 116 ? 9.176   8.365   -3.608  1.00 14.98 ? 119 ALA A CA  1 
ATOM   914  C  C   . ALA A 1 116 ? 9.643   9.252   -2.451  1.00 14.44 ? 119 ALA A C   1 
ATOM   915  O  O   . ALA A 1 116 ? 10.178  8.772   -1.460  1.00 14.09 ? 119 ALA A O   1 
ATOM   916  C  CB  . ALA A 1 116 ? 10.182  8.413   -4.759  1.00 15.48 ? 119 ALA A CB  1 
ATOM   917  N  N   . GLU A 1 117 ? 9.435   10.557  -2.584  1.00 14.41 ? 120 GLU A N   1 
ATOM   918  C  CA  . GLU A 1 117 ? 9.832   11.507  -1.558  1.00 14.37 ? 120 GLU A CA  1 
ATOM   919  C  C   . GLU A 1 117 ? 9.082   11.296  -0.260  1.00 14.16 ? 120 GLU A C   1 
ATOM   920  O  O   . GLU A 1 117 ? 9.671   11.372  0.817   1.00 14.67 ? 120 GLU A O   1 
ATOM   921  C  CB  . GLU A 1 117 ? 9.649   12.933  -2.071  1.00 14.06 ? 120 GLU A CB  1 
ATOM   922  C  CG  . GLU A 1 117 ? 10.649  13.285  -3.150  1.00 14.13 ? 120 GLU A CG  1 
ATOM   923  C  CD  . GLU A 1 117 ? 10.424  14.604  -3.859  1.00 14.60 ? 120 GLU A CD  1 
ATOM   924  O  OE1 . GLU A 1 117 ? 9.544   15.414  -3.468  1.00 13.76 ? 120 GLU A OE1 1 
ATOM   925  O  OE2 . GLU A 1 117 ? 11.189  14.856  -4.828  1.00 13.86 ? 120 GLU A OE2 1 
ATOM   926  N  N   . PHE A 1 118 ? 7.796   10.990  -0.359  1.00 14.43 ? 121 PHE A N   1 
ATOM   927  C  CA  . PHE A 1 118 ? 6.999   10.684  0.819   1.00 13.97 ? 121 PHE A CA  1 
ATOM   928  C  C   . PHE A 1 118 ? 7.541   9.424   1.507   1.00 14.17 ? 121 PHE A C   1 
ATOM   929  O  O   . PHE A 1 118 ? 7.887   9.438   2.687   1.00 14.36 ? 121 PHE A O   1 
ATOM   930  C  CB  . PHE A 1 118 ? 5.541   10.540  0.414   1.00 14.28 ? 121 PHE A CB  1 
ATOM   931  C  CG  . PHE A 1 118 ? 4.676   9.955   1.475   1.00 13.02 ? 121 PHE A CG  1 
ATOM   932  C  CD1 . PHE A 1 118 ? 4.375   10.660  2.621   1.00 14.30 ? 121 PHE A CD1 1 
ATOM   933  C  CD2 . PHE A 1 118 ? 4.148   8.686   1.319   1.00 14.17 ? 121 PHE A CD2 1 
ATOM   934  C  CE1 . PHE A 1 118 ? 3.569   10.111  3.596   1.00 14.83 ? 121 PHE A CE1 1 
ATOM   935  C  CE2 . PHE A 1 118 ? 3.349   8.128   2.279   1.00 13.88 ? 121 PHE A CE2 1 
ATOM   936  C  CZ  . PHE A 1 118 ? 3.071   8.830   3.441   1.00 14.68 ? 121 PHE A CZ  1 
ATOM   937  N  N   . LEU A 1 119 ? 7.664   8.352   0.740   1.00 14.33 ? 122 LEU A N   1 
ATOM   938  C  CA  . LEU A 1 119 ? 8.076   7.066   1.297   1.00 14.27 ? 122 LEU A CA  1 
ATOM   939  C  C   . LEU A 1 119 ? 9.498   7.103   1.847   1.00 14.47 ? 122 LEU A C   1 
ATOM   940  O  O   . LEU A 1 119 ? 9.778   6.550   2.928   1.00 14.71 ? 122 LEU A O   1 
ATOM   941  C  CB  . LEU A 1 119 ? 7.909   5.957   0.245   1.00 13.78 ? 122 LEU A CB  1 
ATOM   942  C  CG  . LEU A 1 119 ? 6.464   5.665   -0.198  1.00 13.75 ? 122 LEU A CG  1 
ATOM   943  C  CD1 . LEU A 1 119 ? 6.453   4.705   -1.375  1.00 13.78 ? 122 LEU A CD1 1 
ATOM   944  C  CD2 . LEU A 1 119 ? 5.623   5.113   0.965   1.00 14.22 ? 122 LEU A CD2 1 
ATOM   945  N  N   . ALA A 1 120 ? 10.406  7.740   1.108   1.00 14.43 ? 123 ALA A N   1 
ATOM   946  C  CA  . ALA A 1 120 ? 11.811  7.814   1.513   1.00 15.36 ? 123 ALA A CA  1 
ATOM   947  C  C   . ALA A 1 120 ? 11.987  8.557   2.841   1.00 15.66 ? 123 ALA A C   1 
ATOM   948  O  O   . ALA A 1 120 ? 12.904  8.279   3.613   1.00 15.64 ? 123 ALA A O   1 
ATOM   949  C  CB  . ALA A 1 120 ? 12.625  8.494   0.417   1.00 15.50 ? 123 ALA A CB  1 
ATOM   950  N  N   . SER A 1 121 ? 11.092  9.495   3.107   1.00 16.09 ? 124 SER A N   1 
ATOM   951  C  CA  . SER A 1 121 ? 11.151  10.319  4.313   1.00 17.09 ? 124 SER A CA  1 
ATOM   952  C  C   . SER A 1 121 ? 10.693  9.591   5.573   1.00 17.01 ? 124 SER A C   1 
ATOM   953  O  O   . SER A 1 121 ? 10.942  10.057  6.680   1.00 16.59 ? 124 SER A O   1 
ATOM   954  C  CB  . SER A 1 121 ? 10.318  11.597  4.108   1.00 17.42 ? 124 SER A CB  1 
ATOM   955  O  OG  . SER A 1 121 ? 8.929   11.340  4.161   1.00 20.23 ? 124 SER A OG  1 
ATOM   956  N  N   . LEU A 1 122 ? 10.024  8.450   5.414   1.00 17.33 ? 125 LEU A N   1 
ATOM   957  C  CA  . LEU A 1 122 ? 9.497   7.719   6.551   1.00 17.43 ? 125 LEU A CA  1 
ATOM   958  C  C   . LEU A 1 122 ? 10.601  6.987   7.308   1.00 17.91 ? 125 LEU A C   1 
ATOM   959  O  O   . LEU A 1 122 ? 11.612  6.588   6.713   1.00 17.51 ? 125 LEU A O   1 
ATOM   960  C  CB  . LEU A 1 122 ? 8.413   6.737   6.095   1.00 17.55 ? 125 LEU A CB  1 
ATOM   961  C  CG  . LEU A 1 122 ? 7.217   7.393   5.403   1.00 17.25 ? 125 LEU A CG  1 
ATOM   962  C  CD1 . LEU A 1 122 ? 6.267   6.335   4.804   1.00 16.97 ? 125 LEU A CD1 1 
ATOM   963  C  CD2 . LEU A 1 122 ? 6.476   8.338   6.372   1.00 17.89 ? 125 LEU A CD2 1 
ATOM   964  N  N   . PRO A 1 123 ? 10.425  6.833   8.636   1.00 18.38 ? 126 PRO A N   1 
ATOM   965  C  CA  . PRO A 1 123 ? 11.463  6.252   9.480   1.00 18.31 ? 126 PRO A CA  1 
ATOM   966  C  C   . PRO A 1 123 ? 11.725  4.773   9.204   1.00 18.85 ? 126 PRO A C   1 
ATOM   967  O  O   . PRO A 1 123 ? 12.795  4.267   9.562   1.00 19.53 ? 126 PRO A O   1 
ATOM   968  C  CB  . PRO A 1 123 ? 10.920  6.458   10.902  1.00 18.88 ? 126 PRO A CB  1 
ATOM   969  C  CG  . PRO A 1 123 ? 9.475   6.552   10.746  1.00 18.92 ? 126 PRO A CG  1 
ATOM   970  C  CD  . PRO A 1 123 ? 9.244   7.227   9.421   1.00 18.70 ? 126 PRO A CD  1 
ATOM   971  N  N   . ARG A 1 124 ? 10.736  4.079   8.632   1.00 17.96 ? 127 ARG A N   1 
ATOM   972  C  CA  . ARG A 1 124 ? 10.913  2.728   8.091   1.00 18.14 ? 127 ARG A CA  1 
ATOM   973  C  C   . ARG A 1 124 ? 10.368  2.728   6.677   1.00 18.16 ? 127 ARG A C   1 
ATOM   974  O  O   . ARG A 1 124 ? 9.237   3.158   6.457   1.00 18.10 ? 127 ARG A O   1 
ATOM   975  C  CB  . ARG A 1 124 ? 10.154  1.684   8.925   1.00 17.90 ? 127 ARG A CB  1 
ATOM   976  C  CG  . ARG A 1 124 ? 10.328  0.250   8.411   1.00 17.77 ? 127 ARG A CG  1 
ATOM   977  C  CD  . ARG A 1 124 ? 9.615   -0.811  9.250   1.00 18.44 ? 127 ARG A CD  1 
ATOM   978  N  NE  . ARG A 1 124 ? 9.805   -2.131  8.645   1.00 18.66 ? 127 ARG A NE  1 
ATOM   979  C  CZ  . ARG A 1 124 ? 10.355  -3.184  9.245   1.00 20.55 ? 127 ARG A CZ  1 
ATOM   980  N  NH1 . ARG A 1 124 ? 10.771  -3.123  10.507  1.00 21.67 ? 127 ARG A NH1 1 
ATOM   981  N  NH2 . ARG A 1 124 ? 10.496  -4.314  8.571   1.00 20.17 ? 127 ARG A NH2 1 
ATOM   982  N  N   . HIS A 1 125 ? 11.175  2.277   5.720   1.00 17.55 ? 128 HIS A N   1 
ATOM   983  C  CA  . HIS A 1 125 ? 10.723  2.188   4.326   1.00 17.38 ? 128 HIS A CA  1 
ATOM   984  C  C   . HIS A 1 125 ? 9.901   0.924   4.109   1.00 17.31 ? 128 HIS A C   1 
ATOM   985  O  O   . HIS A 1 125 ? 10.000  -0.033  4.905   1.00 17.50 ? 128 HIS A O   1 
ATOM   986  C  CB  . HIS A 1 125 ? 11.918  2.131   3.375   1.00 17.30 ? 128 HIS A CB  1 
ATOM   987  C  CG  . HIS A 1 125 ? 12.727  3.387   3.338   1.00 17.19 ? 128 HIS A CG  1 
ATOM   988  N  ND1 . HIS A 1 125 ? 13.972  3.444   2.750   1.00 18.14 ? 128 HIS A ND1 1 
ATOM   989  C  CD2 . HIS A 1 125 ? 12.469  4.632   3.803   1.00 17.97 ? 128 HIS A CD2 1 
ATOM   990  C  CE1 . HIS A 1 125 ? 14.446  4.675   2.852   1.00 18.72 ? 128 HIS A CE1 1 
ATOM   991  N  NE2 . HIS A 1 125 ? 13.562  5.411   3.500   1.00 18.26 ? 128 HIS A NE2 1 
ATOM   992  N  N   . PRO A 1 126 ? 9.140   0.883   3.002   1.00 17.23 ? 129 PRO A N   1 
ATOM   993  C  CA  . PRO A 1 126 ? 8.457   -0.373  2.665   1.00 16.94 ? 129 PRO A CA  1 
ATOM   994  C  C   . PRO A 1 126 ? 9.450   -1.485  2.375   1.00 16.59 ? 129 PRO A C   1 
ATOM   995  O  O   . PRO A 1 126 ? 10.573  -1.232  1.890   1.00 16.19 ? 129 PRO A O   1 
ATOM   996  C  CB  . PRO A 1 126 ? 7.641   -0.027  1.400   1.00 16.60 ? 129 PRO A CB  1 
ATOM   997  C  CG  . PRO A 1 126 ? 8.251   1.217   0.859   1.00 18.05 ? 129 PRO A CG  1 
ATOM   998  C  CD  . PRO A 1 126 ? 8.876   1.943   2.014   1.00 17.73 ? 129 PRO A CD  1 
ATOM   999  N  N   . GLU A 1 127 ? 9.044   -2.719  2.672   1.00 16.44 ? 130 GLU A N   1 
ATOM   1000 C  CA  . GLU A 1 127 ? 9.838   -3.889  2.303   1.00 17.17 ? 130 GLU A CA  1 
ATOM   1001 C  C   . GLU A 1 127 ? 10.084  -3.913  0.800   1.00 16.85 ? 130 GLU A C   1 
ATOM   1002 O  O   . GLU A 1 127 ? 11.173  -4.258  0.320   1.00 16.46 ? 130 GLU A O   1 
ATOM   1003 C  CB  . GLU A 1 127 ? 9.105   -5.171  2.682   1.00 17.47 ? 130 GLU A CB  1 
ATOM   1004 C  CG  . GLU A 1 127 ? 8.864   -5.342  4.167   1.00 19.31 ? 130 GLU A CG  1 
ATOM   1005 C  CD  . GLU A 1 127 ? 10.135  -5.349  4.972   1.00 22.30 ? 130 GLU A CD  1 
ATOM   1006 O  OE1 . GLU A 1 127 ? 10.844  -6.380  4.939   1.00 24.44 ? 130 GLU A OE1 1 
ATOM   1007 O  OE2 . GLU A 1 127 ? 10.431  -4.339  5.643   1.00 19.90 ? 130 GLU A OE2 1 
ATOM   1008 N  N   . ILE A 1 128 ? 9.041   -3.577  0.066   1.00 16.90 ? 131 ILE A N   1 
ATOM   1009 C  CA  . ILE A 1 128 ? 9.069   -3.504  -1.381  1.00 17.03 ? 131 ILE A CA  1 
ATOM   1010 C  C   . ILE A 1 128 ? 7.925   -2.604  -1.833  1.00 16.64 ? 131 ILE A C   1 
ATOM   1011 O  O   . ILE A 1 128 ? 6.907   -2.462  -1.137  1.00 15.84 ? 131 ILE A O   1 
ATOM   1012 C  CB  . ILE A 1 128 ? 8.916   -4.907  -2.042  1.00 17.47 ? 131 ILE A CB  1 
ATOM   1013 C  CG1 . ILE A 1 128 ? 9.248   -4.875  -3.538  1.00 20.03 ? 131 ILE A CG1 1 
ATOM   1014 C  CG2 . ILE A 1 128 ? 7.490   -5.463  -1.860  1.00 18.09 ? 131 ILE A CG2 1 
ATOM   1015 C  CD1 . ILE A 1 128 ? 10.646  -4.536  -3.846  1.00 23.27 ? 131 ILE A CD1 1 
ATOM   1016 N  N   . ILE A 1 129 ? 8.130   -1.964  -2.976  1.00 16.60 ? 132 ILE A N   1 
ATOM   1017 C  CA  . ILE A 1 129 ? 7.079   -1.243  -3.674  1.00 16.74 ? 132 ILE A CA  1 
ATOM   1018 C  C   . ILE A 1 129 ? 6.768   -2.022  -4.954  1.00 17.35 ? 132 ILE A C   1 
ATOM   1019 O  O   . ILE A 1 129 ? 7.636   -2.171  -5.816  1.00 17.64 ? 132 ILE A O   1 
ATOM   1020 C  CB  . ILE A 1 129 ? 7.495   0.194   -4.011  1.00 16.53 ? 132 ILE A CB  1 
ATOM   1021 C  CG1 . ILE A 1 129 ? 7.858   0.981   -2.745  1.00 16.61 ? 132 ILE A CG1 1 
ATOM   1022 C  CG2 . ILE A 1 129 ? 6.369   0.918   -4.758  1.00 16.92 ? 132 ILE A CG2 1 
ATOM   1023 C  CD1 . ILE A 1 129 ? 8.608   2.294   -3.029  1.00 16.19 ? 132 ILE A CD1 1 
ATOM   1024 N  N   . ASN A 1 130 ? 5.543   -2.525  -5.059  1.00 17.81 ? 133 ASN A N   1 
ATOM   1025 C  CA  . ASN A 1 130 ? 5.093   -3.274  -6.232  1.00 18.61 ? 133 ASN A CA  1 
ATOM   1026 C  C   . ASN A 1 130 ? 4.372   -2.366  -7.211  1.00 18.88 ? 133 ASN A C   1 
ATOM   1027 O  O   . ASN A 1 130 ? 3.290   -1.850  -6.901  1.00 18.49 ? 133 ASN A O   1 
ATOM   1028 C  CB  . ASN A 1 130 ? 4.143   -4.397  -5.823  1.00 18.97 ? 133 ASN A CB  1 
ATOM   1029 C  CG  . ASN A 1 130 ? 4.777   -5.360  -4.862  1.00 21.64 ? 133 ASN A CG  1 
ATOM   1030 O  OD1 . ASN A 1 130 ? 5.660   -6.131  -5.240  1.00 25.69 ? 133 ASN A OD1 1 
ATOM   1031 N  ND2 . ASN A 1 130 ? 4.352   -5.305  -3.599  1.00 21.70 ? 133 ASN A ND2 1 
ATOM   1032 N  N   . LEU A 1 131 ? 4.982   -2.149  -8.369  1.00 19.32 ? 134 LEU A N   1 
ATOM   1033 C  CA  . LEU A 1 131 ? 4.337   -1.426  -9.465  1.00 19.99 ? 134 LEU A CA  1 
ATOM   1034 C  C   . LEU A 1 131 ? 3.560   -2.452  -10.293 1.00 20.93 ? 134 LEU A C   1 
ATOM   1035 O  O   . LEU A 1 131 ? 4.136   -3.402  -10.816 1.00 20.57 ? 134 LEU A O   1 
ATOM   1036 C  CB  . LEU A 1 131 ? 5.364   -0.684  -10.332 1.00 20.05 ? 134 LEU A CB  1 
ATOM   1037 C  CG  . LEU A 1 131 ? 6.287   0.308   -9.615  1.00 20.31 ? 134 LEU A CG  1 
ATOM   1038 C  CD1 . LEU A 1 131 ? 7.176   1.042   -10.628 1.00 20.35 ? 134 LEU A CD1 1 
ATOM   1039 C  CD2 . LEU A 1 131 ? 5.474   1.288   -8.774  1.00 20.60 ? 134 LEU A CD2 1 
ATOM   1040 N  N   . LEU A 1 132 ? 2.248   -2.273  -10.373 1.00 21.90 ? 135 LEU A N   1 
ATOM   1041 C  CA  . LEU A 1 132 ? 1.366   -3.217  -11.051 1.00 23.04 ? 135 LEU A CA  1 
ATOM   1042 C  C   . LEU A 1 132 ? 0.794   -2.559  -12.309 1.00 23.97 ? 135 LEU A C   1 
ATOM   1043 O  O   . LEU A 1 132 ? -0.227  -1.865  -12.238 1.00 23.25 ? 135 LEU A O   1 
ATOM   1044 C  CB  . LEU A 1 132 ? 0.244   -3.643  -10.101 1.00 23.41 ? 135 LEU A CB  1 
ATOM   1045 C  CG  . LEU A 1 132 ? 0.729   -4.053  -8.708  1.00 25.07 ? 135 LEU A CG  1 
ATOM   1046 C  CD1 . LEU A 1 132 ? -0.430  -4.238  -7.744  1.00 26.83 ? 135 LEU A CD1 1 
ATOM   1047 C  CD2 . LEU A 1 132 ? 1.579   -5.323  -8.791  1.00 26.56 ? 135 LEU A CD2 1 
ATOM   1048 N  N   . PRO A 1 133 ? 1.458   -2.758  -13.459 1.00 25.23 ? 136 PRO A N   1 
ATOM   1049 C  CA  . PRO A 1 133 ? 0.978   -2.109  -14.673 1.00 26.56 ? 136 PRO A CA  1 
ATOM   1050 C  C   . PRO A 1 133 ? -0.448  -2.496  -15.031 1.00 28.95 ? 136 PRO A C   1 
ATOM   1051 O  O   . PRO A 1 133 ? -0.841  -3.674  -14.953 1.00 29.12 ? 136 PRO A O   1 
ATOM   1052 C  CB  . PRO A 1 133 ? 1.965   -2.579  -15.748 1.00 26.94 ? 136 PRO A CB  1 
ATOM   1053 C  CG  . PRO A 1 133 ? 3.185   -2.941  -14.999 1.00 25.92 ? 136 PRO A CG  1 
ATOM   1054 C  CD  . PRO A 1 133 ? 2.682   -3.529  -13.714 1.00 25.41 ? 136 PRO A CD  1 
ATOM   1055 N  N   . TYR A 1 134 ? -1.211  -1.486  -15.417 1.00 31.34 ? 137 TYR A N   1 
ATOM   1056 C  CA  . TYR A 1 134 ? -2.589  -1.664  -15.797 1.00 32.78 ? 137 TYR A CA  1 
ATOM   1057 C  C   . TYR A 1 134 ? -2.644  -2.458  -17.086 1.00 33.82 ? 137 TYR A C   1 
ATOM   1058 O  O   . TYR A 1 134 ? -1.921  -2.168  -18.040 1.00 33.93 ? 137 TYR A O   1 
ATOM   1059 C  CB  . TYR A 1 134 ? -3.236  -0.295  -16.002 1.00 33.59 ? 137 TYR A CB  1 
ATOM   1060 C  CG  . TYR A 1 134 ? -4.635  -0.324  -16.565 1.00 34.27 ? 137 TYR A CG  1 
ATOM   1061 C  CD1 . TYR A 1 134 ? -5.731  -0.545  -15.738 1.00 35.26 ? 137 TYR A CD1 1 
ATOM   1062 C  CD2 . TYR A 1 134 ? -4.866  -0.114  -17.925 1.00 35.25 ? 137 TYR A CD2 1 
ATOM   1063 C  CE1 . TYR A 1 134 ? -7.024  -0.561  -16.251 1.00 34.96 ? 137 TYR A CE1 1 
ATOM   1064 C  CE2 . TYR A 1 134 ? -6.149  -0.134  -18.446 1.00 34.87 ? 137 TYR A CE2 1 
ATOM   1065 C  CZ  . TYR A 1 134 ? -7.225  -0.357  -17.605 1.00 34.94 ? 137 TYR A CZ  1 
ATOM   1066 O  OH  . TYR A 1 134 ? -8.503  -0.379  -18.117 1.00 35.04 ? 137 TYR A OH  1 
ATOM   1067 N  N   . HIS A 1 135 ? -3.501  -3.461  -17.104 1.00 34.65 ? 138 HIS A N   1 
ATOM   1068 C  CA  . HIS A 1 135 ? -3.775  -4.195  -18.322 1.00 35.77 ? 138 HIS A CA  1 
ATOM   1069 C  C   . HIS A 1 135 ? -5.282  -4.280  -18.484 1.00 36.27 ? 138 HIS A C   1 
ATOM   1070 O  O   . HIS A 1 135 ? -5.972  -4.779  -17.595 1.00 36.64 ? 138 HIS A O   1 
ATOM   1071 C  CB  . HIS A 1 135 ? -3.111  -5.569  -18.281 1.00 35.59 ? 138 HIS A CB  1 
ATOM   1072 C  CG  . HIS A 1 135 ? -1.621  -5.517  -18.453 1.00 36.04 ? 138 HIS A CG  1 
ATOM   1073 N  ND1 . HIS A 1 135 ? -1.016  -5.488  -19.691 1.00 36.40 ? 138 HIS A ND1 1 
ATOM   1074 C  CD2 . HIS A 1 135 ? -0.617  -5.478  -17.545 1.00 35.72 ? 138 HIS A CD2 1 
ATOM   1075 C  CE1 . HIS A 1 135 ? 0.295   -5.433  -19.538 1.00 35.82 ? 138 HIS A CE1 1 
ATOM   1076 N  NE2 . HIS A 1 135 ? 0.565   -5.431  -18.245 1.00 35.28 ? 138 HIS A NE2 1 
ATOM   1077 N  N   . ASP A 1 136 ? -5.763  -3.724  -19.599 1.00 36.82 ? 139 ASP A N   1 
ATOM   1078 C  CA  . ASP A 1 136 ? -7.170  -3.742  -20.031 1.00 37.04 ? 139 ASP A CA  1 
ATOM   1079 C  C   . ASP A 1 136 ? -7.420  -2.708  -21.128 1.00 37.18 ? 139 ASP A C   1 
ATOM   1080 O  O   . ASP A 1 136 ? -8.279  -2.907  -21.987 1.00 37.66 ? 139 ASP A O   1 
ATOM   1081 C  CB  . ASP A 1 136 ? -8.168  -3.515  -18.881 1.00 37.28 ? 139 ASP A CB  1 
ATOM   1082 C  CG  . ASP A 1 136 ? -8.945  -4.777  -18.521 1.00 37.58 ? 139 ASP A CG  1 
ATOM   1083 O  OD1 . ASP A 1 136 ? -9.421  -4.881  -17.370 1.00 38.86 ? 139 ASP A OD1 1 
ATOM   1084 O  OD2 . ASP A 1 136 ? -9.083  -5.665  -19.389 1.00 37.39 ? 139 ASP A OD2 1 
ATOM   1085 N  N   . LYS A 1 155 ? -7.576  9.134   -19.649 1.00 46.34 ? 158 LYS A N   1 
ATOM   1086 C  CA  . LYS A 1 155 ? -7.231  7.887   -20.323 1.00 46.44 ? 158 LYS A CA  1 
ATOM   1087 C  C   . LYS A 1 155 ? -6.679  6.869   -19.333 1.00 46.32 ? 158 LYS A C   1 
ATOM   1088 O  O   . LYS A 1 155 ? -6.110  7.239   -18.305 1.00 46.24 ? 158 LYS A O   1 
ATOM   1089 C  CB  . LYS A 1 155 ? -6.196  8.138   -21.426 1.00 46.59 ? 158 LYS A CB  1 
ATOM   1090 C  CG  . LYS A 1 155 ? -4.771  8.371   -20.922 1.00 46.63 ? 158 LYS A CG  1 
ATOM   1091 C  CD  . LYS A 1 155 ? -3.819  8.736   -22.047 1.00 46.84 ? 158 LYS A CD  1 
ATOM   1092 C  CE  . LYS A 1 155 ? -2.458  9.166   -21.511 1.00 47.01 ? 158 LYS A CE  1 
ATOM   1093 N  NZ  . LYS A 1 155 ? -1.546  9.609   -22.604 1.00 46.85 ? 158 LYS A NZ  1 
HETATM 1094 N  N   . MSE A 1 156 ? -6.845  5.589   -19.655 1.00 46.16 ? 159 MSE A N   1 
HETATM 1095 C  CA  . MSE A 1 156 ? -6.289  4.506   -18.852 1.00 46.21 ? 159 MSE A CA  1 
HETATM 1096 C  C   . MSE A 1 156 ? -5.670  3.465   -19.761 1.00 45.35 ? 159 MSE A C   1 
HETATM 1097 O  O   . MSE A 1 156 ? -6.377  2.671   -20.389 1.00 45.43 ? 159 MSE A O   1 
HETATM 1098 C  CB  . MSE A 1 156 ? -7.368  3.855   -18.004 1.00 46.20 ? 159 MSE A CB  1 
HETATM 1099 C  CG  . MSE A 1 156 ? -7.891  4.751   -16.921 1.00 46.94 ? 159 MSE A CG  1 
HETATM 1100 SE SE  . MSE A 1 156 ? -8.958  3.726   -15.690 0.65 48.20 ? 159 MSE A SE  1 
HETATM 1101 C  CE  . MSE A 1 156 ? -7.547  2.701   -14.823 1.00 48.02 ? 159 MSE A CE  1 
ATOM   1102 N  N   . GLN A 1 157 ? -4.347  3.496   -19.836 1.00 44.22 ? 160 GLN A N   1 
ATOM   1103 C  CA  . GLN A 1 157 ? -3.595  2.618   -20.709 1.00 43.31 ? 160 GLN A CA  1 
ATOM   1104 C  C   . GLN A 1 157 ? -2.494  1.946   -19.920 1.00 42.02 ? 160 GLN A C   1 
ATOM   1105 O  O   . GLN A 1 157 ? -2.106  2.409   -18.845 1.00 41.23 ? 160 GLN A O   1 
ATOM   1106 C  CB  . GLN A 1 157 ? -2.970  3.424   -21.847 1.00 43.44 ? 160 GLN A CB  1 
ATOM   1107 C  CG  . GLN A 1 157 ? -3.949  4.323   -22.575 1.00 44.06 ? 160 GLN A CG  1 
ATOM   1108 C  CD  . GLN A 1 157 ? -3.283  5.159   -23.643 1.00 44.37 ? 160 GLN A CD  1 
ATOM   1109 O  OE1 . GLN A 1 157 ? -2.076  5.408   -23.592 1.00 46.33 ? 160 GLN A OE1 1 
ATOM   1110 N  NE2 . GLN A 1 157 ? -4.066  5.601   -24.621 1.00 46.10 ? 160 GLN A NE2 1 
ATOM   1111 N  N   . THR A 1 158 ? -1.999  0.850   -20.473 1.00 40.49 ? 161 THR A N   1 
ATOM   1112 C  CA  . THR A 1 158 ? -0.840  0.163   -19.940 1.00 39.56 ? 161 THR A CA  1 
ATOM   1113 C  C   . THR A 1 158 ? 0.372   1.069   -20.141 1.00 39.32 ? 161 THR A C   1 
ATOM   1114 O  O   . THR A 1 158 ? 0.584   1.570   -21.247 1.00 38.97 ? 161 THR A O   1 
ATOM   1115 C  CB  . THR A 1 158 ? -0.636  -1.174  -20.679 1.00 39.66 ? 161 THR A CB  1 
ATOM   1116 O  OG1 . THR A 1 158 ? -1.849  -1.934  -20.604 1.00 38.03 ? 161 THR A OG1 1 
ATOM   1117 C  CG2 . THR A 1 158 ? 0.512   -1.978  -20.072 1.00 39.75 ? 161 THR A CG2 1 
ATOM   1118 N  N   . PRO A 1 159 ? 1.150   1.317   -19.073 1.00 38.83 ? 162 PRO A N   1 
ATOM   1119 C  CA  . PRO A 1 159 ? 2.366   2.098   -19.289 1.00 38.60 ? 162 PRO A CA  1 
ATOM   1120 C  C   . PRO A 1 159 ? 3.388   1.317   -20.127 1.00 38.40 ? 162 PRO A C   1 
ATOM   1121 O  O   . PRO A 1 159 ? 3.508   0.090   -19.989 1.00 38.00 ? 162 PRO A O   1 
ATOM   1122 C  CB  . PRO A 1 159 ? 2.879   2.362   -17.869 1.00 38.57 ? 162 PRO A CB  1 
ATOM   1123 C  CG  . PRO A 1 159 ? 2.308   1.258   -17.044 1.00 38.87 ? 162 PRO A CG  1 
ATOM   1124 C  CD  . PRO A 1 159 ? 0.986   0.920   -17.661 1.00 38.96 ? 162 PRO A CD  1 
ATOM   1125 N  N   . SER A 1 160 ? 4.088   2.026   -21.008 1.00 37.88 ? 163 SER A N   1 
ATOM   1126 C  CA  . SER A 1 160 ? 5.126   1.423   -21.840 1.00 37.35 ? 163 SER A CA  1 
ATOM   1127 C  C   . SER A 1 160 ? 6.209   0.801   -20.968 1.00 36.72 ? 163 SER A C   1 
ATOM   1128 O  O   . SER A 1 160 ? 6.357   1.160   -19.802 1.00 36.85 ? 163 SER A O   1 
ATOM   1129 C  CB  . SER A 1 160 ? 5.759   2.481   -22.739 1.00 37.55 ? 163 SER A CB  1 
ATOM   1130 O  OG  . SER A 1 160 ? 6.400   3.482   -21.967 1.00 36.08 ? 163 SER A OG  1 
ATOM   1131 N  N   . GLU A 1 161 ? 6.960   -0.135  -21.538 1.00 35.69 ? 164 GLU A N   1 
ATOM   1132 C  CA  . GLU A 1 161 ? 8.103   -0.716  -20.844 1.00 34.88 ? 164 GLU A CA  1 
ATOM   1133 C  C   . GLU A 1 161 ? 9.074   0.384   -20.399 1.00 34.18 ? 164 GLU A C   1 
ATOM   1134 O  O   . GLU A 1 161 ? 9.645   0.308   -19.308 1.00 34.34 ? 164 GLU A O   1 
ATOM   1135 C  CB  . GLU A 1 161 ? 8.818   -1.744  -21.729 1.00 35.07 ? 164 GLU A CB  1 
ATOM   1136 C  CG  . GLU A 1 161 ? 9.915   -2.527  -21.011 1.00 35.55 ? 164 GLU A CG  1 
ATOM   1137 C  CD  . GLU A 1 161 ? 10.456  -3.703  -21.819 1.00 35.87 ? 164 GLU A CD  1 
ATOM   1138 O  OE1 . GLU A 1 161 ? 10.095  -3.863  -23.006 1.00 37.38 ? 164 GLU A OE1 1 
ATOM   1139 O  OE2 . GLU A 1 161 ? 11.254  -4.481  -21.257 1.00 37.41 ? 164 GLU A OE2 1 
ATOM   1140 N  N   . GLU A 1 162 ? 9.237   1.407   -21.236 1.00 33.27 ? 165 GLU A N   1 
ATOM   1141 C  CA  . GLU A 1 162 ? 10.137  2.518   -20.936 1.00 32.87 ? 165 GLU A CA  1 
ATOM   1142 C  C   . GLU A 1 162 ? 9.670   3.277   -19.700 1.00 31.88 ? 165 GLU A C   1 
ATOM   1143 O  O   . GLU A 1 162 ? 10.466  3.568   -18.812 1.00 31.58 ? 165 GLU A O   1 
ATOM   1144 C  CB  . GLU A 1 162 ? 10.235  3.477   -22.127 1.00 32.71 ? 165 GLU A CB  1 
ATOM   1145 C  CG  . GLU A 1 162 ? 11.312  4.545   -21.971 1.00 33.68 ? 165 GLU A CG  1 
ATOM   1146 C  CD  . GLU A 1 162 ? 11.358  5.525   -23.131 1.00 34.14 ? 165 GLU A CD  1 
ATOM   1147 O  OE1 . GLU A 1 162 ? 11.082  5.121   -24.284 1.00 35.87 ? 165 GLU A OE1 1 
ATOM   1148 O  OE2 . GLU A 1 162 ? 11.687  6.708   -22.886 1.00 36.66 ? 165 GLU A OE2 1 
ATOM   1149 N  N   . VAL A 1 163 ? 8.382   3.598   -19.652 1.00 31.21 ? 166 VAL A N   1 
ATOM   1150 C  CA  . VAL A 1 163 ? 7.810   4.294   -18.495 1.00 30.72 ? 166 VAL A CA  1 
ATOM   1151 C  C   . VAL A 1 163 ? 7.914   3.443   -17.224 1.00 30.34 ? 166 VAL A C   1 
ATOM   1152 O  O   . VAL A 1 163 ? 8.319   3.942   -16.178 1.00 29.92 ? 166 VAL A O   1 
ATOM   1153 C  CB  . VAL A 1 163 ? 6.343   4.732   -18.754 1.00 30.58 ? 166 VAL A CB  1 
ATOM   1154 C  CG1 . VAL A 1 163 ? 5.669   5.188   -17.464 1.00 30.69 ? 166 VAL A CG1 1 
ATOM   1155 C  CG2 . VAL A 1 163 ? 6.294   5.843   -19.806 1.00 30.38 ? 166 VAL A CG2 1 
ATOM   1156 N  N   . GLN A 1 164 ? 7.574   2.162   -17.320 1.00 30.04 ? 167 GLN A N   1 
ATOM   1157 C  CA  . GLN A 1 164 ? 7.686   1.252   -16.183 1.00 29.79 ? 167 GLN A CA  1 
ATOM   1158 C  C   . GLN A 1 164 ? 9.093   1.273   -15.589 1.00 29.67 ? 167 GLN A C   1 
ATOM   1159 O  O   . GLN A 1 164 ? 9.262   1.412   -14.376 1.00 29.15 ? 167 GLN A O   1 
ATOM   1160 C  CB  . GLN A 1 164 ? 7.318   -0.171  -16.589 1.00 29.99 ? 167 GLN A CB  1 
ATOM   1161 C  CG  . GLN A 1 164 ? 5.844   -0.369  -16.886 1.00 29.46 ? 167 GLN A CG  1 
ATOM   1162 C  CD  . GLN A 1 164 ? 5.565   -1.764  -17.384 1.00 29.33 ? 167 GLN A CD  1 
ATOM   1163 O  OE1 . GLN A 1 164 ? 6.119   -2.735  -16.864 1.00 28.07 ? 167 GLN A OE1 1 
ATOM   1164 N  NE2 . GLN A 1 164 ? 4.704   -1.879  -18.392 1.00 28.67 ? 167 GLN A NE2 1 
ATOM   1165 N  N   . GLN A 1 165 ? 10.103  1.169   -16.445 1.00 29.26 ? 168 GLN A N   1 
ATOM   1166 C  CA  . GLN A 1 165 ? 11.483  1.168   -15.972 1.00 29.04 ? 168 GLN A CA  1 
ATOM   1167 C  C   . GLN A 1 165 ? 11.911  2.531   -15.433 1.00 28.37 ? 168 GLN A C   1 
ATOM   1168 O  O   . GLN A 1 165 ? 12.704  2.600   -14.501 1.00 27.66 ? 168 GLN A O   1 
ATOM   1169 C  CB  . GLN A 1 165 ? 12.438  0.701   -17.075 1.00 29.35 ? 168 GLN A CB  1 
ATOM   1170 C  CG  . GLN A 1 165 ? 12.226  -0.747  -17.492 1.00 31.07 ? 168 GLN A CG  1 
ATOM   1171 C  CD  . GLN A 1 165 ? 12.394  -1.746  -16.343 1.00 33.06 ? 168 GLN A CD  1 
ATOM   1172 O  OE1 . GLN A 1 165 ? 13.189  -1.536  -15.422 1.00 35.33 ? 168 GLN A OE1 1 
ATOM   1173 N  NE2 . GLN A 1 165 ? 11.646  -2.843  -16.404 1.00 35.25 ? 168 GLN A NE2 1 
ATOM   1174 N  N   . GLN A 1 166 ? 11.412  3.604   -16.043 1.00 28.00 ? 169 GLN A N   1 
ATOM   1175 C  CA  . GLN A 1 166 ? 11.660  4.947   -15.536 1.00 28.17 ? 169 GLN A CA  1 
ATOM   1176 C  C   . GLN A 1 166 ? 11.100  5.089   -14.123 1.00 27.08 ? 169 GLN A C   1 
ATOM   1177 O  O   . GLN A 1 166 ? 11.741  5.685   -13.268 1.00 27.02 ? 169 GLN A O   1 
ATOM   1178 C  CB  . GLN A 1 166 ? 11.086  6.007   -16.487 1.00 28.50 ? 169 GLN A CB  1 
ATOM   1179 C  CG  . GLN A 1 166 ? 11.926  6.173   -17.768 1.00 30.12 ? 169 GLN A CG  1 
ATOM   1180 C  CD  . GLN A 1 166 ? 11.218  6.951   -18.884 1.00 30.86 ? 169 GLN A CD  1 
ATOM   1181 O  OE1 . GLN A 1 166 ? 10.001  7.152   -18.847 1.00 36.47 ? 169 GLN A OE1 1 
ATOM   1182 N  NE2 . GLN A 1 166 ? 11.985  7.384   -19.885 1.00 33.57 ? 169 GLN A NE2 1 
ATOM   1183 N  N   . CYS A 1 167 ? 9.927   4.511   -13.870 1.00 26.21 ? 170 CYS A N   1 
ATOM   1184 C  CA  . CYS A 1 167 ? 9.331   4.562   -12.527 1.00 26.11 ? 170 CYS A CA  1 
ATOM   1185 C  C   . CYS A 1 167 ? 10.167  3.775   -11.515 1.00 24.67 ? 170 CYS A C   1 
ATOM   1186 O  O   . CYS A 1 167 ? 10.389  4.211   -10.387 1.00 23.72 ? 170 CYS A O   1 
ATOM   1187 C  CB  . CYS A 1 167 ? 7.899   4.037   -12.556 1.00 26.24 ? 170 CYS A CB  1 
ATOM   1188 S  SG  . CYS A 1 167 ? 6.761   5.095   -13.480 1.00 26.94 ? 170 CYS A SG  1 
ATOM   1189 N  N   . ILE A 1 168 ? 10.629  2.602   -11.926 1.00 23.88 ? 171 ILE A N   1 
ATOM   1190 C  CA  . ILE A 1 168 ? 11.511  1.817   -11.085 1.00 23.08 ? 171 ILE A CA  1 
ATOM   1191 C  C   . ILE A 1 168 ? 12.793  2.584   -10.771 1.00 22.74 ? 171 ILE A C   1 
ATOM   1192 O  O   . ILE A 1 168 ? 13.261  2.570   -9.629  1.00 22.66 ? 171 ILE A O   1 
ATOM   1193 C  CB  . ILE A 1 168 ? 11.855  0.463   -11.744 1.00 23.26 ? 171 ILE A CB  1 
ATOM   1194 C  CG1 . ILE A 1 168 ? 10.598  -0.416  -11.839 1.00 23.14 ? 171 ILE A CG1 1 
ATOM   1195 C  CG2 . ILE A 1 168 ? 12.966  -0.242  -10.974 1.00 24.09 ? 171 ILE A CG2 1 
ATOM   1196 C  CD1 . ILE A 1 168 ? 10.029  -0.890  -10.495 1.00 25.05 ? 171 ILE A CD1 1 
ATOM   1197 N  N   . GLN A 1 169 ? 13.364  3.244   -11.777 1.00 22.66 ? 172 GLN A N   1 
ATOM   1198 C  CA  . GLN A 1 169 ? 14.591  4.005   -11.580 1.00 22.21 ? 172 GLN A CA  1 
ATOM   1199 C  C   . GLN A 1 169 ? 14.406  5.140   -10.578 1.00 21.45 ? 172 GLN A C   1 
ATOM   1200 O  O   . GLN A 1 169 ? 15.261  5.359   -9.726  1.00 21.15 ? 172 GLN A O   1 
ATOM   1201 C  CB  . GLN A 1 169 ? 15.116  4.577   -12.900 1.00 22.89 ? 172 GLN A CB  1 
ATOM   1202 C  CG  . GLN A 1 169 ? 16.509  5.183   -12.794 1.00 24.12 ? 172 GLN A CG  1 
ATOM   1203 C  CD  . GLN A 1 169 ? 17.547  4.148   -12.377 1.00 28.09 ? 172 GLN A CD  1 
ATOM   1204 O  OE1 . GLN A 1 169 ? 17.728  3.135   -13.049 1.00 29.95 ? 172 GLN A OE1 1 
ATOM   1205 N  NE2 . GLN A 1 169 ? 18.214  4.391   -11.258 1.00 29.97 ? 172 GLN A NE2 1 
ATOM   1206 N  N   . ILE A 1 170 ? 13.303  5.873   -10.704 1.00 20.96 ? 173 ILE A N   1 
ATOM   1207 C  CA  A ILE A 1 170 ? 12.997  6.974   -9.786  0.50 20.84 ? 173 ILE A CA  1 
ATOM   1208 C  CA  B ILE A 1 170 ? 13.015  6.977   -9.786  0.50 20.88 ? 173 ILE A CA  1 
ATOM   1209 C  C   . ILE A 1 170 ? 12.979  6.468   -8.344  1.00 20.93 ? 173 ILE A C   1 
ATOM   1210 O  O   . ILE A 1 170 ? 13.641  7.010   -7.461  1.00 19.96 ? 173 ILE A O   1 
ATOM   1211 C  CB  A ILE A 1 170 ? 11.634  7.628   -10.123 0.50 20.82 ? 173 ILE A CB  1 
ATOM   1212 C  CB  B ILE A 1 170 ? 11.686  7.690   -10.143 0.50 20.87 ? 173 ILE A CB  1 
ATOM   1213 C  CG1 A ILE A 1 170 ? 11.723  8.405   -11.445 0.50 20.99 ? 173 ILE A CG1 1 
ATOM   1214 C  CG1 B ILE A 1 170 ? 11.850  8.493   -11.441 0.50 21.07 ? 173 ILE A CG1 1 
ATOM   1215 C  CG2 A ILE A 1 170 ? 11.188  8.571   -9.000  0.50 20.89 ? 173 ILE A CG2 1 
ATOM   1216 C  CG2 B ILE A 1 170 ? 11.254  8.634   -9.017  0.50 20.96 ? 173 ILE A CG2 1 
ATOM   1217 C  CD1 A ILE A 1 170 ? 10.375  8.676   -12.093 0.50 20.69 ? 173 ILE A CD1 1 
ATOM   1218 C  CD1 B ILE A 1 170 ? 10.559  9.105   -11.968 0.50 20.89 ? 173 ILE A CD1 1 
ATOM   1219 N  N   . LEU A 1 171 ? 12.210  5.415   -8.101  1.00 20.71 ? 174 LEU A N   1 
ATOM   1220 C  CA  . LEU A 1 171 ? 12.095  4.885   -6.754  1.00 21.15 ? 174 LEU A CA  1 
ATOM   1221 C  C   . LEU A 1 171 ? 13.462  4.411   -6.222  1.00 21.29 ? 174 LEU A C   1 
ATOM   1222 O  O   . LEU A 1 171 ? 13.814  4.686   -5.070  1.00 20.63 ? 174 LEU A O   1 
ATOM   1223 C  CB  . LEU A 1 171 ? 11.046  3.765   -6.726  1.00 21.15 ? 174 LEU A CB  1 
ATOM   1224 C  CG  . LEU A 1 171 ? 9.612   4.232   -6.975  1.00 20.95 ? 174 LEU A CG  1 
ATOM   1225 C  CD1 . LEU A 1 171 ? 8.694   3.048   -7.340  1.00 22.21 ? 174 LEU A CD1 1 
ATOM   1226 C  CD2 . LEU A 1 171 ? 9.077   5.020   -5.761  1.00 20.75 ? 174 LEU A CD2 1 
ATOM   1227 N  N   . THR A 1 172 ? 14.224  3.734   -7.078  1.00 21.94 ? 175 THR A N   1 
ATOM   1228 C  CA  . THR A 1 172 ? 15.563  3.271   -6.749  1.00 22.45 ? 175 THR A CA  1 
ATOM   1229 C  C   . THR A 1 172 ? 16.483  4.449   -6.425  1.00 22.98 ? 175 THR A C   1 
ATOM   1230 O  O   . THR A 1 172 ? 17.253  4.388   -5.466  1.00 22.98 ? 175 THR A O   1 
ATOM   1231 C  CB  . THR A 1 172 ? 16.157  2.425   -7.904  1.00 22.86 ? 175 THR A CB  1 
ATOM   1232 O  OG1 . THR A 1 172 ? 15.268  1.334   -8.214  1.00 23.52 ? 175 THR A OG1 1 
ATOM   1233 C  CG2 . THR A 1 172 ? 17.518  1.869   -7.525  1.00 22.80 ? 175 THR A CG2 1 
ATOM   1234 N  N   . ASP A 1 173 ? 16.390  5.519   -7.218  1.00 23.14 ? 176 ASP A N   1 
ATOM   1235 C  CA  . ASP A 1 173 ? 17.193  6.725   -6.995  1.00 23.06 ? 176 ASP A CA  1 
ATOM   1236 C  C   . ASP A 1 173 ? 16.959  7.365   -5.624  1.00 22.81 ? 176 ASP A C   1 
ATOM   1237 O  O   . ASP A 1 173 ? 17.863  7.996   -5.080  1.00 22.50 ? 176 ASP A O   1 
ATOM   1238 C  CB  . ASP A 1 173 ? 16.930  7.769   -8.095  1.00 24.22 ? 176 ASP A CB  1 
ATOM   1239 C  CG  . ASP A 1 173 ? 17.549  7.396   -9.444  1.00 26.07 ? 176 ASP A CG  1 
ATOM   1240 O  OD1 . ASP A 1 173 ? 18.412  6.493   -9.515  1.00 28.33 ? 176 ASP A OD1 1 
ATOM   1241 O  OD2 . ASP A 1 173 ? 17.159  8.025   -10.455 1.00 29.92 ? 176 ASP A OD2 1 
ATOM   1242 N  N   . TYR A 1 174 ? 15.751  7.204   -5.073  1.00 21.75 ? 177 TYR A N   1 
ATOM   1243 C  CA  . TYR A 1 174 ? 15.410  7.724   -3.745  1.00 21.26 ? 177 TYR A CA  1 
ATOM   1244 C  C   . TYR A 1 174 ? 15.701  6.721   -2.628  1.00 21.44 ? 177 TYR A C   1 
ATOM   1245 O  O   . TYR A 1 174 ? 15.339  6.944   -1.466  1.00 21.37 ? 177 TYR A O   1 
ATOM   1246 C  CB  . TYR A 1 174 ? 13.933  8.148   -3.703  1.00 20.81 ? 177 TYR A CB  1 
ATOM   1247 C  CG  . TYR A 1 174 ? 13.666  9.496   -4.321  1.00 19.64 ? 177 TYR A CG  1 
ATOM   1248 C  CD1 . TYR A 1 174 ? 13.276  9.612   -5.646  1.00 20.62 ? 177 TYR A CD1 1 
ATOM   1249 C  CD2 . TYR A 1 174 ? 13.768  10.665  -3.563  1.00 20.84 ? 177 TYR A CD2 1 
ATOM   1250 C  CE1 . TYR A 1 174 ? 13.023  10.858  -6.222  1.00 20.26 ? 177 TYR A CE1 1 
ATOM   1251 C  CE2 . TYR A 1 174 ? 13.522  11.909  -4.127  1.00 20.57 ? 177 TYR A CE2 1 
ATOM   1252 C  CZ  . TYR A 1 174 ? 13.134  12.001  -5.455  1.00 20.39 ? 177 TYR A CZ  1 
ATOM   1253 O  OH  . TYR A 1 174 ? 12.866  13.240  -6.020  1.00 18.33 ? 177 TYR A OH  1 
ATOM   1254 N  N   . GLY A 1 175 ? 16.359  5.617   -2.974  1.00 20.76 ? 178 GLY A N   1 
ATOM   1255 C  CA  . GLY A 1 175 ? 16.791  4.633   -1.989  1.00 20.71 ? 178 GLY A CA  1 
ATOM   1256 C  C   . GLY A 1 175 ? 15.737  3.631   -1.570  1.00 19.89 ? 178 GLY A C   1 
ATOM   1257 O  O   . GLY A 1 175 ? 15.884  2.976   -0.538  1.00 19.85 ? 178 GLY A O   1 
ATOM   1258 N  N   . LEU A 1 176 ? 14.716  3.468   -2.405  1.00 19.42 ? 179 LEU A N   1 
ATOM   1259 C  CA  . LEU A 1 176 ? 13.619  2.556   -2.138  1.00 19.72 ? 179 LEU A CA  1 
ATOM   1260 C  C   . LEU A 1 176 ? 13.750  1.285   -2.983  1.00 19.99 ? 179 LEU A C   1 
ATOM   1261 O  O   . LEU A 1 176 ? 14.400  1.281   -4.037  1.00 20.49 ? 179 LEU A O   1 
ATOM   1262 C  CB  . LEU A 1 176 ? 12.289  3.251   -2.423  1.00 19.29 ? 179 LEU A CB  1 
ATOM   1263 C  CG  . LEU A 1 176 ? 12.002  4.493   -1.577  1.00 19.48 ? 179 LEU A CG  1 
ATOM   1264 C  CD1 . LEU A 1 176 ? 10.954  5.373   -2.269  1.00 19.62 ? 179 LEU A CD1 1 
ATOM   1265 C  CD2 . LEU A 1 176 ? 11.557  4.109   -0.165  1.00 19.43 ? 179 LEU A CD2 1 
ATOM   1266 N  N   . LYS A 1 177 ? 13.153  0.210   -2.488  1.00 19.71 ? 180 LYS A N   1 
ATOM   1267 C  CA  . LYS A 1 177 ? 13.149  -1.085  -3.165  1.00 20.48 ? 180 LYS A CA  1 
ATOM   1268 C  C   . LYS A 1 177 ? 11.850  -1.223  -3.941  1.00 20.26 ? 180 LYS A C   1 
ATOM   1269 O  O   . LYS A 1 177 ? 10.763  -1.172  -3.362  1.00 19.71 ? 180 LYS A O   1 
ATOM   1270 C  CB  . LYS A 1 177 ? 13.243  -2.221  -2.148  1.00 20.87 ? 180 LYS A CB  1 
ATOM   1271 C  CG  . LYS A 1 177 ? 14.470  -2.188  -1.258  1.00 22.61 ? 180 LYS A CG  1 
ATOM   1272 C  CD  . LYS A 1 177 ? 14.417  -3.303  -0.227  1.00 23.17 ? 180 LYS A CD  1 
ATOM   1273 C  CE  . LYS A 1 177 ? 15.642  -3.282  0.671   1.00 24.85 ? 180 LYS A CE  1 
ATOM   1274 N  NZ  . LYS A 1 177 ? 15.484  -4.161  1.868   1.00 26.62 ? 180 LYS A NZ  1 
ATOM   1275 N  N   . ALA A 1 178 ? 11.969  -1.407  -5.249  1.00 20.72 ? 181 ALA A N   1 
ATOM   1276 C  CA  . ALA A 1 178 ? 10.815  -1.454  -6.136  1.00 20.71 ? 181 ALA A CA  1 
ATOM   1277 C  C   . ALA A 1 178 ? 10.943  -2.550  -7.175  1.00 21.22 ? 181 ALA A C   1 
ATOM   1278 O  O   . ALA A 1 178 ? 12.063  -2.926  -7.581  1.00 21.10 ? 181 ALA A O   1 
ATOM   1279 C  CB  . ALA A 1 178 ? 10.636  -0.121  -6.820  1.00 21.39 ? 181 ALA A CB  1 
ATOM   1280 N  N   . THR A 1 179 ? 9.792   -3.044  -7.610  1.00 21.47 ? 182 THR A N   1 
ATOM   1281 C  CA  . THR A 1 179 ? 9.728   -4.095  -8.615  1.00 21.98 ? 182 THR A CA  1 
ATOM   1282 C  C   . THR A 1 179 ? 8.448   -3.952  -9.413  1.00 23.04 ? 182 THR A C   1 
ATOM   1283 O  O   . THR A 1 179 ? 7.506   -3.297  -8.972  1.00 22.73 ? 182 THR A O   1 
ATOM   1284 C  CB  . THR A 1 179 ? 9.784   -5.500  -7.966  1.00 22.28 ? 182 THR A CB  1 
ATOM   1285 O  OG1 . THR A 1 179 ? 10.046  -6.487  -8.972  1.00 21.51 ? 182 THR A OG1 1 
ATOM   1286 C  CG2 . THR A 1 179 ? 8.467   -5.841  -7.227  1.00 21.96 ? 182 THR A CG2 1 
ATOM   1287 N  N   . ILE A 1 180 ? 8.428   -4.567  -10.595 1.00 24.91 ? 183 ILE A N   1 
ATOM   1288 C  CA  . ILE A 1 180 ? 7.222   -4.670  -11.405 1.00 25.93 ? 183 ILE A CA  1 
ATOM   1289 C  C   . ILE A 1 180 ? 6.530   -5.984  -11.070 1.00 27.13 ? 183 ILE A C   1 
ATOM   1290 O  O   . ILE A 1 180 ? 7.163   -7.043  -11.042 1.00 26.91 ? 183 ILE A O   1 
ATOM   1291 C  CB  . ILE A 1 180 ? 7.548   -4.642  -12.925 1.00 26.27 ? 183 ILE A CB  1 
ATOM   1292 C  CG1 . ILE A 1 180 ? 8.253   -3.345  -13.313 1.00 27.09 ? 183 ILE A CG1 1 
ATOM   1293 C  CG2 . ILE A 1 180 ? 6.284   -4.809  -13.750 1.00 26.24 ? 183 ILE A CG2 1 
ATOM   1294 C  CD1 . ILE A 1 180 ? 7.416   -2.118  -13.129 1.00 29.69 ? 183 ILE A CD1 1 
ATOM   1295 N  N   . GLY A 1 181 ? 5.230   -5.921  -10.811 1.00 28.28 ? 184 GLY A N   1 
ATOM   1296 C  CA  . GLY A 1 181 ? 4.464   -7.108  -10.477 1.00 29.42 ? 184 GLY A CA  1 
ATOM   1297 C  C   . GLY A 1 181 ? 4.437   -7.351  -8.988  1.00 30.38 ? 184 GLY A C   1 
ATOM   1298 O  O   . GLY A 1 181 ? 5.139   -6.685  -8.225  1.00 30.16 ? 184 GLY A O   1 
ATOM   1299 N  N   . GLY A 1 182 ? 3.616   -8.320  -8.586  1.00 31.73 ? 185 GLY A N   1 
ATOM   1300 C  CA  . GLY A 1 182 ? 3.384   -8.613  -7.180  1.00 32.62 ? 185 GLY A CA  1 
ATOM   1301 C  C   . GLY A 1 182 ? 4.527   -9.403  -6.582  1.00 33.54 ? 185 GLY A C   1 
ATOM   1302 O  O   . GLY A 1 182 ? 4.437   -9.841  -5.428  1.00 35.14 ? 185 GLY A O   1 
HETATM 1303 O  O   . HOH B 2 .   ? 1.146   7.123   -6.238  1.00 21.78 ? 186 HOH A O   1 
HETATM 1304 O  O   . HOH B 2 .   ? 8.705   -2.266  5.930   1.00 23.13 ? 187 HOH A O   1 
HETATM 1305 O  O   . HOH B 2 .   ? -8.485  -5.665  3.855   1.00 21.08 ? 188 HOH A O   1 
HETATM 1306 O  O   . HOH B 2 .   ? -8.100  5.064   17.498  1.00 40.85 ? 189 HOH A O   1 
HETATM 1307 O  O   . HOH B 2 .   ? -1.882  14.916  -11.088 1.00 50.92 ? 190 HOH A O   1 
HETATM 1308 O  O   . HOH B 2 .   ? 12.319  12.425  0.979   1.00 24.82 ? 191 HOH A O   1 
HETATM 1309 O  O   . HOH B 2 .   ? -11.948 -9.899  17.788  1.00 33.36 ? 192 HOH A O   1 
HETATM 1310 O  O   . HOH B 2 .   ? 3.756   -20.949 6.654   1.00 49.24 ? 193 HOH A O   1 
HETATM 1311 O  O   . HOH B 2 .   ? 4.079   -16.998 9.937   1.00 57.08 ? 194 HOH A O   1 
HETATM 1312 O  O   . HOH B 2 .   ? -2.948  -2.484  -12.330 1.00 49.59 ? 195 HOH A O   1 
HETATM 1313 O  O   . HOH B 2 .   ? -8.497  9.591   2.863   1.00 49.12 ? 196 HOH A O   1 
HETATM 1314 O  O   . HOH B 2 .   ? 11.286  -4.849  -11.825 1.00 47.65 ? 197 HOH A O   1 
HETATM 1315 O  O   . HOH B 2 .   ? 6.213   -11.260 5.765   1.00 41.80 ? 198 HOH A O   1 
HETATM 1316 O  O   . HOH B 2 .   ? -2.327  -13.024 16.817  1.00 23.00 ? 199 HOH A O   1 
HETATM 1317 O  O   . HOH B 2 .   ? 8.865   1.243   -24.168 1.00 51.86 ? 200 HOH A O   1 
HETATM 1318 O  O   . HOH B 2 .   ? 8.983   12.006  7.321   1.00 43.96 ? 201 HOH A O   1 
HETATM 1319 O  O   . HOH B 2 .   ? 16.899  11.517  -7.134  1.00 57.07 ? 202 HOH A O   1 
HETATM 1320 O  O   . HOH B 2 .   ? 3.131   4.880   -21.195 1.00 40.93 ? 203 HOH A O   1 
HETATM 1321 O  O   . HOH B 2 .   ? 17.240  1.163   -3.502  1.00 53.55 ? 204 HOH A O   1 
HETATM 1322 O  O   . HOH B 2 .   ? -4.566  11.004  15.263  1.00 70.03 ? 205 HOH A O   1 
HETATM 1323 O  O   . HOH B 2 .   ? 2.102   -6.415  -2.921  1.00 49.99 ? 206 HOH A O   1 
HETATM 1324 O  O   . HOH B 2 .   ? 2.652   4.261   14.879  1.00 31.83 ? 207 HOH A O   1 
HETATM 1325 O  O   . HOH B 2 .   ? -7.000  -21.236 15.693  1.00 28.48 ? 208 HOH A O   1 
HETATM 1326 O  O   . HOH B 2 .   ? 10.149  3.392   12.546  1.00 36.07 ? 209 HOH A O   1 
HETATM 1327 O  O   . HOH B 2 .   ? 0.681   13.505  -7.830  1.00 26.37 ? 210 HOH A O   1 
HETATM 1328 O  O   . HOH B 2 .   ? -4.174  -7.940  20.467  1.00 49.98 ? 211 HOH A O   1 
HETATM 1329 O  O   . HOH B 2 .   ? 2.995   12.296  -17.991 1.00 61.96 ? 212 HOH A O   1 
HETATM 1330 O  O   . HOH B 2 .   ? -17.569 1.705   12.746  1.00 54.70 ? 213 HOH A O   1 
HETATM 1331 O  O   . HOH B 2 .   ? 1.115   2.559   16.425  1.00 33.76 ? 214 HOH A O   1 
HETATM 1332 O  O   . HOH B 2 .   ? 1.344   8.381   13.036  1.00 60.71 ? 215 HOH A O   1 
HETATM 1333 O  O   . HOH B 2 .   ? 0.469   -2.385  17.351  1.00 34.62 ? 216 HOH A O   1 
HETATM 1334 O  O   . HOH B 2 .   ? 5.292   14.715  -14.509 1.00 32.51 ? 217 HOH A O   1 
HETATM 1335 O  O   . HOH B 2 .   ? -15.370 -15.735 13.949  1.00 39.31 ? 218 HOH A O   1 
HETATM 1336 O  O   . HOH B 2 .   ? 14.224  6.958   6.472   1.00 41.39 ? 219 HOH A O   1 
HETATM 1337 O  O   . HOH B 2 .   ? -15.104 -15.669 17.991  1.00 37.34 ? 220 HOH A O   1 
HETATM 1338 O  O   . HOH B 2 .   ? -9.569  14.932  -2.307  1.00 40.61 ? 221 HOH A O   1 
HETATM 1339 O  O   . HOH B 2 .   ? -3.187  -15.578 17.707  1.00 24.61 ? 222 HOH A O   1 
HETATM 1340 O  O   . HOH B 2 .   ? 14.536  -0.362  -6.227  1.00 36.45 ? 223 HOH A O   1 
HETATM 1341 O  O   . HOH B 2 .   ? 10.727  -6.467  10.986  1.00 55.00 ? 224 HOH A O   1 
HETATM 1342 O  O   . HOH B 2 .   ? 5.230   -0.965  17.053  1.00 60.28 ? 225 HOH A O   1 
HETATM 1343 O  O   . HOH B 2 .   ? 17.659  3.477   1.524   1.00 46.67 ? 226 HOH A O   1 
HETATM 1344 O  O   . HOH B 2 .   ? -4.344  -16.050 20.137  1.00 46.97 ? 227 HOH A O   1 
HETATM 1345 O  O   . HOH B 2 .   ? -5.445  -0.685  19.812  1.00 42.55 ? 228 HOH A O   1 
HETATM 1346 O  O   . HOH B 2 .   ? -0.758  -18.909 19.693  1.00 36.91 ? 229 HOH A O   1 
HETATM 1347 O  O   . HOH B 2 .   ? -3.523  1.658   20.079  1.00 54.84 ? 230 HOH A O   1 
HETATM 1348 O  O   . HOH B 2 .   ? -2.309  8.225   12.857  1.00 54.13 ? 231 HOH A O   1 
HETATM 1349 O  O   . HOH B 2 .   ? -7.262  11.804  -13.660 1.00 67.00 ? 232 HOH A O   1 
HETATM 1350 O  O   . HOH B 2 .   ? 13.775  7.450   -14.507 1.00 46.60 ? 233 HOH A O   1 
HETATM 1351 O  O   . HOH B 2 .   ? 13.380  11.647  -13.826 1.00 62.73 ? 234 HOH A O   1 
HETATM 1352 O  O   . HOH B 2 .   ? 6.973   -9.423  -9.411  1.00 60.14 ? 235 HOH A O   1 
HETATM 1353 O  O   . HOH B 2 .   ? 6.147   5.725   -23.391 1.00 58.40 ? 236 HOH A O   1 
HETATM 1354 O  O   . HOH B 2 .   ? 18.895  9.278   -2.597  1.00 60.92 ? 237 HOH A O   1 
HETATM 1355 O  O   . HOH B 2 .   ? 10.466  14.237  6.568   1.00 47.76 ? 238 HOH A O   1 
HETATM 1356 O  O   . HOH B 2 .   ? 0.485   -12.559 16.549  1.00 49.24 ? 239 HOH A O   1 
HETATM 1357 O  O   . HOH B 2 .   ? -3.304  -3.628  -22.235 1.00 66.80 ? 240 HOH A O   1 
HETATM 1358 O  O   . HOH B 2 .   ? 13.569  -0.811  10.901  1.00 48.82 ? 241 HOH A O   1 
HETATM 1359 O  O   . HOH B 2 .   ? 14.852  0.482   -14.229 1.00 56.83 ? 242 HOH A O   1 
HETATM 1360 O  O   . HOH B 2 .   ? -3.965  14.998  0.411   1.00 44.26 ? 243 HOH A O   1 
HETATM 1361 O  O   . HOH B 2 .   ? -15.657 10.484  -6.823  1.00 61.65 ? 244 HOH A O   1 
HETATM 1362 O  O   . HOH B 2 .   ? -5.129  -7.549  -16.280 1.00 58.29 ? 245 HOH A O   1 
HETATM 1363 O  O   . HOH B 2 .   ? 15.281  5.455   9.973   1.00 57.58 ? 246 HOH A O   1 
HETATM 1364 O  O   . HOH B 2 .   ? -0.693  15.469  -1.511  1.00 46.20 ? 247 HOH A O   1 
HETATM 1365 O  O   . HOH B 2 .   ? 4.634   4.237   16.925  1.00 63.85 ? 248 HOH A O   1 
HETATM 1366 O  O   . HOH B 2 .   ? 3.463   -2.614  15.806  1.00 48.26 ? 249 HOH A O   1 
HETATM 1367 O  O   . HOH B 2 .   ? 4.612   -18.290 4.341   1.00 41.53 ? 250 HOH A O   1 
HETATM 1368 O  O   . HOH B 2 .   ? -11.869 4.860   4.983   1.00 53.73 ? 251 HOH A O   1 
HETATM 1369 O  O   . HOH B 2 .   ? 6.394   -1.087  -24.072 0.50 33.35 ? 252 HOH A O   1 
HETATM 1370 O  O   . HOH B 2 .   ? 5.486   -17.995 0.838   1.00 60.43 ? 253 HOH A O   1 
HETATM 1371 O  O   . HOH B 2 .   ? 12.582  2.130   11.926  1.00 53.11 ? 254 HOH A O   1 
HETATM 1372 O  O   . HOH B 2 .   ? -20.151 -4.357  5.630   1.00 38.53 ? 255 HOH A O   1 
HETATM 1373 O  O   . HOH B 2 .   ? 8.814   -4.979  13.199  1.00 52.81 ? 256 HOH A O   1 
HETATM 1374 O  O   . HOH B 2 .   ? 16.798  -1.952  -5.263  1.00 51.72 ? 257 HOH A O   1 
HETATM 1375 O  O   . HOH B 2 .   ? -6.359  18.364  -2.922  1.00 47.35 ? 258 HOH A O   1 
HETATM 1376 O  O   . HOH B 2 .   ? 14.306  -3.463  -8.958  1.00 57.03 ? 259 HOH A O   1 
HETATM 1377 O  O   . HOH B 2 .   ? -15.321 -1.632  0.022   1.00 62.85 ? 260 HOH A O   1 
HETATM 1378 O  O   . HOH B 2 .   ? 13.851  -5.398  -6.136  1.00 59.43 ? 261 HOH A O   1 
HETATM 1379 O  O   . HOH B 2 .   ? 12.960  -6.632  6.885   1.00 57.70 ? 262 HOH A O   1 
HETATM 1380 O  O   . HOH B 2 .   ? 0.198   15.895  -6.035  1.00 29.55 ? 263 HOH A O   1 
HETATM 1381 O  O   . HOH B 2 .   ? -2.984  -18.421 21.247  1.00 37.06 ? 264 HOH A O   1 
HETATM 1382 O  O   . HOH B 2 .   ? 10.244  -8.582  -0.297  1.00 68.66 ? 265 HOH A O   1 
HETATM 1383 O  O   . HOH B 2 .   ? 7.065   -3.435  15.472  1.00 61.37 ? 266 HOH A O   1 
HETATM 1384 O  O   . HOH B 2 .   ? 1.811   0.204   17.433  1.00 56.09 ? 267 HOH A O   1 
HETATM 1385 O  O   . HOH B 2 .   ? -4.450  -11.953 -2.121  0.50 43.12 ? 268 HOH A O   1 
HETATM 1386 O  O   . HOH B 2 .   ? 13.241  -2.094  2.742   1.00 51.02 ? 269 HOH A O   1 
HETATM 1387 O  O   . HOH B 2 .   ? 13.871  1.593   6.434   1.00 34.50 ? 270 HOH A O   1 
HETATM 1388 O  O   . HOH B 2 .   ? 1.580   11.249  6.303   1.00 34.54 ? 271 HOH A O   1 
HETATM 1389 O  O   . HOH B 2 .   ? 14.844  8.918   5.018   1.00 39.51 ? 272 HOH A O   1 
HETATM 1390 O  O   . HOH B 2 .   ? -9.014  -21.365 20.404  1.00 62.80 ? 273 HOH A O   1 
HETATM 1391 O  O   . HOH B 2 .   ? -13.046 -4.072  17.468  1.00 40.29 ? 274 HOH A O   1 
HETATM 1392 O  O   . HOH B 2 .   ? 2.540   -8.904  15.134  1.00 41.47 ? 275 HOH A O   1 
HETATM 1393 O  O   . HOH B 2 .   ? 12.109  0.402   0.183   1.00 27.00 ? 276 HOH A O   1 
HETATM 1394 O  O   . HOH B 2 .   ? -13.336 -0.116  4.078   1.00 31.39 ? 277 HOH A O   1 
HETATM 1395 O  O   . HOH B 2 .   ? -3.192  -3.434  -5.196  1.00 52.17 ? 278 HOH A O   1 
HETATM 1396 O  O   . HOH B 2 .   ? 14.602  1.072   1.262   1.00 30.14 ? 279 HOH A O   1 
HETATM 1397 O  O   . HOH B 2 .   ? 0.392   8.781   -16.352 1.00 33.44 ? 280 HOH A O   1 
HETATM 1398 O  O   . HOH B 2 .   ? -8.328  -1.203  2.205   1.00 24.71 ? 281 HOH A O   1 
HETATM 1399 O  O   . HOH B 2 .   ? 1.797   -17.855 14.352  1.00 33.12 ? 282 HOH A O   1 
HETATM 1400 O  O   . HOH B 2 .   ? -0.666  11.002  -15.000 1.00 38.94 ? 283 HOH A O   1 
HETATM 1401 O  O   . HOH B 2 .   ? -15.375 -18.951 19.508  1.00 36.77 ? 284 HOH A O   1 
HETATM 1402 O  O   . HOH B 2 .   ? -12.007 -2.468  -1.966  1.00 40.51 ? 285 HOH A O   1 
HETATM 1403 O  O   . HOH B 2 .   ? -10.989 -12.118 19.036  1.00 40.66 ? 286 HOH A O   1 
HETATM 1404 O  O   . HOH B 2 .   ? -3.716  16.545  -3.384  0.50 17.09 ? 287 HOH A O   1 
HETATM 1405 O  O   . HOH B 2 .   ? -12.852 1.476   6.194   1.00 36.78 ? 288 HOH A O   1 
HETATM 1406 O  O   . HOH B 2 .   ? -7.466  -11.197 -0.631  1.00 37.51 ? 289 HOH A O   1 
HETATM 1407 O  O   . HOH B 2 .   ? -12.344 -8.384  21.503  1.00 47.85 ? 290 HOH A O   1 
HETATM 1408 O  O   . HOH B 2 .   ? 2.243   6.901   14.966  1.00 47.23 ? 291 HOH A O   1 
HETATM 1409 O  O   . HOH B 2 .   ? 12.630  -6.595  -9.894  1.00 46.19 ? 292 HOH A O   1 
HETATM 1410 O  O   . HOH B 2 .   ? -14.965 0.860   2.133   1.00 51.06 ? 293 HOH A O   1 
HETATM 1411 O  O   . HOH B 2 .   ? 12.382  10.896  -18.975 1.00 69.15 ? 294 HOH A O   1 
HETATM 1412 O  O   . HOH B 2 .   ? 4.408   -9.605  13.493  1.00 50.15 ? 295 HOH A O   1 
HETATM 1413 O  O   . HOH B 2 .   ? -3.363  12.369  -13.532 1.00 47.58 ? 296 HOH A O   1 
HETATM 1414 O  O   . HOH B 2 .   ? 8.632   8.381   -16.624 1.00 56.61 ? 297 HOH A O   1 
HETATM 1415 O  O   . HOH B 2 .   ? 5.930   -9.063  11.351  1.00 39.15 ? 298 HOH A O   1 
HETATM 1416 O  O   . HOH B 2 .   ? -3.710  5.995   11.422  1.00 45.83 ? 299 HOH A O   1 
HETATM 1417 O  O   . HOH B 2 .   ? 16.139  7.001   0.998   1.00 54.34 ? 300 HOH A O   1 
HETATM 1418 O  O   . HOH B 2 .   ? 7.437   8.019   -14.190 1.00 41.61 ? 301 HOH A O   1 
HETATM 1419 O  O   . HOH B 2 .   ? 6.837   -9.629  7.468   1.00 41.75 ? 302 HOH A O   1 
HETATM 1420 O  O   . HOH B 2 .   ? 13.857  10.512  6.693   1.00 51.65 ? 303 HOH A O   1 
HETATM 1421 O  O   . HOH B 2 .   ? 4.284   11.953  12.941  1.00 51.36 ? 304 HOH A O   1 
HETATM 1422 O  O   . HOH B 2 .   ? -2.097  1.315   8.206   1.00 40.10 ? 305 HOH A O   1 
HETATM 1423 O  O   . HOH B 2 .   ? 11.196  -0.872  16.874  1.00 62.76 ? 306 HOH A O   1 
HETATM 1424 O  O   . HOH B 2 .   ? 1.827   15.283  -13.552 1.00 43.75 ? 307 HOH A O   1 
HETATM 1425 O  O   . HOH B 2 .   ? 7.102   9.953   10.815  1.00 47.01 ? 308 HOH A O   1 
HETATM 1426 O  O   . HOH B 2 .   ? 3.714   8.580   -17.876 1.00 48.75 ? 309 HOH A O   1 
HETATM 1427 O  O   . HOH B 2 .   ? -11.703 1.657   -6.624  1.00 76.89 ? 310 HOH A O   1 
HETATM 1428 O  O   . HOH B 2 .   ? -3.336  0.177   -22.950 1.00 49.84 ? 311 HOH A O   1 
HETATM 1429 O  O   . HOH B 2 .   ? -9.224  -7.866  -17.869 1.00 75.97 ? 312 HOH A O   1 
HETATM 1430 O  O   . HOH B 2 .   ? 8.966   -3.153  -17.526 1.00 58.54 ? 313 HOH A O   1 
HETATM 1431 O  O   . HOH B 2 .   ? 0.989   0.427   -24.051 1.00 68.66 ? 314 HOH A O   1 
HETATM 1432 O  O   . HOH B 2 .   ? -13.569 -0.308  10.296  1.00 51.19 ? 315 HOH A O   1 
HETATM 1433 O  O   . HOH B 2 .   ? 1.008   -9.087  -10.495 0.50 45.05 ? 316 HOH A O   1 
HETATM 1434 O  O   . HOH B 2 .   ? -0.358  -5.792  -13.340 1.00 45.98 ? 317 HOH A O   1 
HETATM 1435 O  O   . HOH B 2 .   ? -17.114 2.299   3.366   1.00 65.20 ? 318 HOH A O   1 
HETATM 1436 O  O   . HOH B 2 .   ? -20.676 -0.400  2.793   1.00 61.70 ? 319 HOH A O   1 
HETATM 1437 O  O   . HOH B 2 .   ? 16.005  7.426   3.471   1.00 41.46 ? 320 HOH A O   1 
HETATM 1438 O  O   . HOH B 2 .   ? 5.758   -5.165  -17.281 1.00 50.28 ? 321 HOH A O   1 
HETATM 1439 O  O   . HOH B 2 .   ? -6.897  -1.863  -1.681  1.00 44.34 ? 322 HOH A O   1 
HETATM 1440 O  O   . HOH B 2 .   ? 2.926   -5.844  -16.796 1.00 62.43 ? 323 HOH A O   1 
HETATM 1441 O  O   . HOH B 2 .   ? -0.829  2.045   -25.080 1.00 72.29 ? 324 HOH A O   1 
HETATM 1442 O  O   . HOH B 2 .   ? -1.519  10.806  -10.020 1.00 27.58 ? 325 HOH A O   1 
HETATM 1443 O  O   . HOH B 2 .   ? -0.139  13.096  -10.801 1.00 32.07 ? 326 HOH A O   1 
HETATM 1444 O  O   . HOH B 2 .   ? 14.914  10.436  -9.786  1.00 54.96 ? 327 HOH A O   1 
HETATM 1445 O  O   . HOH B 2 .   ? -4.913  18.173  -7.694  0.50 23.00 ? 328 HOH A O   1 
HETATM 1446 O  O   . HOH B 2 .   ? 1.092   16.007  -3.327  1.00 35.99 ? 329 HOH A O   1 
HETATM 1447 O  O   . HOH B 2 .   ? -2.093  17.458  -5.411  1.00 29.60 ? 330 HOH A O   1 
HETATM 1448 O  O   . HOH B 2 .   ? 3.072   15.349  -1.839  1.00 30.16 ? 331 HOH A O   1 
HETATM 1449 O  O   . HOH B 2 .   ? 12.501  -1.482  5.491   1.00 46.02 ? 332 HOH A O   1 
HETATM 1450 O  O   . HOH B 2 .   ? 6.810   -8.621  -4.170  1.00 46.29 ? 333 HOH A O   1 
HETATM 1451 O  O   . HOH B 2 .   ? 0.036   -14.043 3.775   1.00 27.46 ? 334 HOH A O   1 
HETATM 1452 O  O   . HOH B 2 .   ? 0.146   -15.197 1.711   1.00 54.06 ? 335 HOH A O   1 
HETATM 1453 O  O   . HOH B 2 .   ? 1.306   -16.481 12.000  1.00 24.81 ? 336 HOH A O   1 
HETATM 1454 O  O   . HOH B 2 .   ? -3.823  -4.691  -14.687 1.00 57.51 ? 337 HOH A O   1 
HETATM 1455 O  O   . HOH B 2 .   ? 5.936   12.178  -16.840 1.00 42.51 ? 338 HOH A O   1 
HETATM 1456 O  O   . HOH B 2 .   ? -18.241 -1.182  9.711   1.00 35.61 ? 339 HOH A O   1 
HETATM 1457 O  O   . HOH B 2 .   ? -10.323 -19.178 19.095  1.00 43.91 ? 340 HOH A O   1 
HETATM 1458 O  O   . HOH B 2 .   ? -10.890 -16.620 18.934  1.00 50.35 ? 341 HOH A O   1 
HETATM 1459 O  O   . HOH B 2 .   ? -0.732  -16.813 17.838  1.00 38.99 ? 342 HOH A O   1 
HETATM 1460 O  O   . HOH B 2 .   ? -8.523  2.978   -2.279  1.00 65.66 ? 343 HOH A O   1 
HETATM 1461 O  O   . HOH B 2 .   ? -4.302  4.357   -2.631  1.00 24.94 ? 344 HOH A O   1 
HETATM 1462 O  O   . HOH B 2 .   ? -8.689  17.138  -3.564  1.00 42.56 ? 345 HOH A O   1 
HETATM 1463 O  O   . HOH B 2 .   ? -20.303 -3.039  2.266   1.00 56.34 ? 346 HOH A O   1 
HETATM 1464 O  O   . HOH B 2 .   ? 1.456   -19.645 6.255   1.00 21.77 ? 347 HOH A O   1 
HETATM 1465 O  O   . HOH B 2 .   ? 2.248   -10.649 -0.023  1.00 61.06 ? 348 HOH A O   1 
HETATM 1466 O  O   . HOH B 2 .   ? -0.164  -11.236 0.178   1.00 49.20 ? 349 HOH A O   1 
HETATM 1467 O  O   . HOH B 2 .   ? -8.048  7.337   14.564  1.00 49.24 ? 350 HOH A O   1 
HETATM 1468 O  O   . HOH B 2 .   ? 4.295   -12.236 13.814  1.00 56.11 ? 351 HOH A O   1 
HETATM 1469 O  O   . HOH B 2 .   ? 0.135   9.032   10.987  1.00 41.03 ? 352 HOH A O   1 
HETATM 1470 O  O   . HOH B 2 .   ? -8.519  -0.849  -0.361  1.00 41.87 ? 353 HOH A O   1 
HETATM 1471 O  O   . HOH B 2 .   ? 15.272  4.401   6.586   1.00 54.57 ? 354 HOH A O   1 
HETATM 1472 O  O   . HOH B 2 .   ? 14.060  14.110  -8.134  1.00 36.88 ? 355 HOH A O   1 
HETATM 1473 O  O   . HOH B 2 .   ? -11.358 15.802  -11.029 1.00 46.11 ? 356 HOH A O   1 
HETATM 1474 O  O   . HOH B 2 .   ? -12.174 14.046  -7.671  1.00 52.47 ? 357 HOH A O   1 
HETATM 1475 O  O   . HOH B 2 .   ? 2.065   -6.966  -14.745 1.00 56.77 ? 358 HOH A O   1 
HETATM 1476 O  O   . HOH B 2 .   ? -16.219 0.327   10.351  1.00 54.89 ? 359 HOH A O   1 
# 
